data_9AYF
#
_entry.id   9AYF
#
_cell.length_a   1.00
_cell.length_b   1.00
_cell.length_c   1.00
_cell.angle_alpha   90.00
_cell.angle_beta   90.00
_cell.angle_gamma   90.00
#
_symmetry.space_group_name_H-M   'P 1'
#
loop_
_entity.id
_entity.type
_entity.pdbx_description
1 polymer 'Isoform 1 of Extracellular calcium-sensing receptor'
2 polymer 'Single-chain antibody fragment scFv16'
3 polymer 'Guanine nucleotide-binding protein G(i) subunit alpha-1'
4 polymer 'Guanine nucleotide-binding protein G(I)/G(S)/G(T) subunit beta-1'
5 polymer 'Guanine nucleotide-binding protein G(I)/G(S)/G(O) subunit gamma-2'
6 branched 2-acetamido-2-deoxy-beta-D-glucopyranose-(1-4)-2-acetamido-2-deoxy-beta-D-glucopyranose
7 non-polymer 2-acetamido-2-deoxy-beta-D-glucopyranose
8 non-polymer CYCLOMETHYLTRYPTOPHAN
9 non-polymer 'PHOSPHATE ION'
10 non-polymer 'CALCIUM ION'
11 non-polymer 3-(2-chlorophenyl)-N-[(1R)-1-(3-methoxyphenyl)ethyl]propan-1-amine
12 non-polymer 'Lauryl Maltose Neopentyl Glycol'
#
loop_
_entity_poly.entity_id
_entity_poly.type
_entity_poly.pdbx_seq_one_letter_code
_entity_poly.pdbx_strand_id
1 'polypeptide(L)'
;MAFYSCCWVLLALTWHTSADYKDDDDKYGPDQRAQKKGDIILGGLFPIHFGVAAKDQDLKSRPESVECIRYNFRGFRWLQ
AMIFAIEEINSSPALLPNLTLGYRIFDTCNTVSKALEATLSFVAQNKIDSLNLDEFCNCSEHIPSTIAVVGATGSGVSTA
VANLLGLFYIPQVSYASSSRLLSNKNQFKSFLRTIPNDEHQATAMADIIEYFRWNWVGTIAADDDYGRPGIEKFREEAEE
RDICIDFSELISQYSDEEEIQHVVEVIQNSTAKVIVVFSSGPDLEPLIKEIVRRNITGKIWLASEAWASSSLIAMPQYFH
VVGGTIGFALKAGQIPGFREFLKKVHPRKSVHNGFAKEFWEETFNCHLQEGAKGPLPVDTFLRGHEESGDRFSNSSTAFR
PLCTGDENISSVETPYIDYTHLRISYNVYLAVYSIAHALQDIYTCLPGRGLFTNGSCADIKKVEAWQVLKHLRHLNFTNN
MGEQVTFDECGDLVGNYSIINWHLSPEDGSIVFKEVGYYNVYAKKGERLFINEEKILWSGFSREVPFSNCSRDCLAGTRK
GIIEGEPTCCFECVECPDGEYSDETDASACNKCPDDFWSNENHTSCIAKEIEFLSWTEPFGIALTLFAVLGIFLTAFVLG
VFIKFRNTPIVKATNRELSYLLLFSLLCCFSSSLFFIGEPQDWTCRLRQPAFGISFVLCISCILVKTNRVLLVFEAKIPT
SFHRKWWGLNLQFLLVFLCTFMQIVICVIWLYTAPPSSYRNQELEDEIIFITCHEGSLMALGFLIGYTCLLAAICFFFAF
KSRKLPENFNEAKFITFSMLIFFIVWISFIPAYASTYGKFVSAVEVIAILAASFGLLACIFFNKIYIILFKPSRNTIEEV
RCSTAAHAFKVAARATLRRSNVSRKRSSSLG
;
Q,R
2 'polypeptide(L)'
;MLLVNQSHQGFNKEHTSKMVSAIVLYVLLAAAAHSAFADVQLVESGGGLVQPGGSRKLSCSASGFAFSSFGMHWVRQAPE
KGLEWVAYISSGSGTIYYADTVKGRFTISRDDPKNTLFLQMTSLRSEDTAMYYCVRSIYYYGSSPFDFWGQGTTLTVSSG
GGGSGGGGSGGGGSDIVMTQATSSVPVTPGESVSISCRSSKSLLHSNGNTYLYWFLQRPGQSPQLLIYRMSNLASGVPDR
FSGSGSGTAFTLTISRLEAEDVGVYYCMQHLEYPLTFGAGTKLELKAAAHHHHHHHH
;
H
3 'polypeptide(L)'
;MGCTLSAEDKAAVERSKMIDRNLREDGEKAAREVKLLLLGADNSGKSTIVKQMKIIHGGGGGGGGTTGIVETHFTFKDLH
FKMFDVGGQRSERKKWIHCFEDVAAIIFCVDLSDYNRMHESMKLFDSICNNKWFTDTSIILFLNKKDLFEEKIKKSPLTI
CYQEYAGSNTYEEAAAYIQCQFEDLNKRKDTKEIYTHFTCATDTKNAQFIFDAVTDVIIKNNLKDCGLF
;
A
4 'polypeptide(L)'
;MDYKDDDDKSELDQLRQEAEQLKNQIRDARKACADATLSQITNNIDPVGRIQMRTRRTLRGHLAKIYAMHWGTDSRLLVS
ASQDGKLIIWDSYTTNKVHAIPLRSSWVMTCAYAPSGNYVACGGLDNICSIYNLKTREGNVRVSRELAGHTGYLSCCRFL
DDNQIVTSSGDTTCALWDIETGQQTTTFTGHTGDVMSLSLAPDTRLFVSGACDASAKLWDVREGMCRQTFTGHESDINAI
CFFPNGNAFATGSDDATCRLFDLRADQELMTYSHDNIICGITSVSFSKSGRLLLAGYDDFNCNVWDALKADRAGVLAGHD
NRVSCLGVTDDGMAVATGSWDSFLKIWN
;
B
5 'polypeptide(L)' MASNNTASIAQARKLVEQLKMEANIDRIKVSKAAADLMAYCEAHAKEDPLLTPVPASENPFREKKFFCAIL G
#
# COMPACT_ATOMS: atom_id res chain seq x y z
N PRO A 30 -78.36 38.11 45.97
CA PRO A 30 -77.83 38.02 47.34
C PRO A 30 -78.88 37.53 48.34
N ASP A 31 -78.93 36.22 48.55
CA ASP A 31 -79.90 35.64 49.47
C ASP A 31 -79.21 35.03 50.68
N GLN A 32 -78.27 34.11 50.44
CA GLN A 32 -77.49 33.56 51.53
C GLN A 32 -76.37 34.52 51.92
N ARG A 33 -76.35 34.90 53.20
CA ARG A 33 -75.49 35.99 53.64
C ARG A 33 -75.19 35.81 55.12
N ALA A 34 -74.15 36.50 55.57
CA ALA A 34 -73.84 36.61 56.99
C ALA A 34 -73.94 38.08 57.38
N GLN A 35 -74.84 38.39 58.29
CA GLN A 35 -75.20 39.78 58.59
C GLN A 35 -75.20 40.03 60.09
N LYS A 36 -74.60 41.16 60.48
CA LYS A 36 -74.64 41.62 61.86
C LYS A 36 -74.64 43.14 61.87
N LYS A 37 -75.40 43.72 62.78
CA LYS A 37 -75.62 45.16 62.83
C LYS A 37 -74.52 45.86 63.62
N GLY A 38 -74.32 47.13 63.30
CA GLY A 38 -73.33 47.94 63.99
C GLY A 38 -73.37 49.37 63.48
N ASP A 39 -72.62 50.23 64.16
CA ASP A 39 -72.52 51.62 63.75
C ASP A 39 -71.83 51.73 62.39
N ILE A 40 -70.78 50.96 62.18
CA ILE A 40 -70.00 50.97 60.95
C ILE A 40 -70.04 49.55 60.37
N ILE A 41 -70.34 49.45 59.07
CA ILE A 41 -70.60 48.17 58.43
C ILE A 41 -69.47 47.87 57.44
N LEU A 42 -69.01 46.63 57.46
CA LEU A 42 -67.94 46.16 56.58
C LEU A 42 -68.49 45.10 55.64
N GLY A 43 -68.18 45.24 54.34
CA GLY A 43 -68.57 44.25 53.38
C GLY A 43 -67.63 43.06 53.33
N GLY A 44 -68.03 42.05 52.58
CA GLY A 44 -67.24 40.85 52.46
C GLY A 44 -67.61 39.98 51.28
N LEU A 45 -66.61 39.35 50.66
CA LEU A 45 -66.82 38.51 49.49
C LEU A 45 -65.89 37.31 49.59
N PHE A 46 -66.46 36.12 49.65
CA PHE A 46 -65.70 34.89 49.82
C PHE A 46 -66.23 33.82 48.89
N PRO A 47 -65.36 32.95 48.38
CA PRO A 47 -65.81 31.87 47.49
C PRO A 47 -66.23 30.62 48.23
N ILE A 48 -67.44 30.60 48.80
CA ILE A 48 -67.93 29.41 49.47
C ILE A 48 -68.20 28.27 48.48
N HIS A 49 -68.21 28.55 47.17
CA HIS A 49 -68.36 27.53 46.16
C HIS A 49 -67.28 27.71 45.09
N PHE A 50 -66.86 26.58 44.50
CA PHE A 50 -65.80 26.61 43.50
C PHE A 50 -66.27 27.14 42.15
N GLY A 51 -67.54 27.00 41.82
CA GLY A 51 -68.02 27.45 40.52
C GLY A 51 -69.52 27.39 40.45
N VAL A 52 -70.03 27.51 39.22
CA VAL A 52 -71.46 27.52 38.95
C VAL A 52 -71.77 26.40 37.97
N ALA A 53 -73.07 26.19 37.76
CA ALA A 53 -73.52 25.14 36.85
C ALA A 53 -73.23 25.51 35.40
N ALA A 54 -73.26 24.49 34.54
CA ALA A 54 -72.94 24.64 33.13
C ALA A 54 -74.17 24.70 32.24
N LYS A 55 -75.36 24.90 32.82
CA LYS A 55 -76.59 24.97 32.04
C LYS A 55 -76.55 26.12 31.05
N ASP A 56 -76.52 25.80 29.76
CA ASP A 56 -76.49 26.82 28.72
C ASP A 56 -77.86 27.45 28.56
N GLN A 57 -77.86 28.76 28.26
CA GLN A 57 -79.09 29.51 28.08
C GLN A 57 -79.48 29.52 26.61
N ASP A 58 -80.62 28.90 26.31
CA ASP A 58 -81.16 28.89 24.95
C ASP A 58 -81.97 30.13 24.63
N LEU A 59 -82.35 30.91 25.63
CA LEU A 59 -83.14 32.14 25.45
C LEU A 59 -84.46 31.87 24.74
N LYS A 60 -85.01 30.67 24.91
CA LYS A 60 -86.38 30.39 24.50
C LYS A 60 -87.37 30.63 25.62
N SER A 61 -86.87 30.94 26.82
CA SER A 61 -87.70 31.34 27.96
C SER A 61 -86.96 32.44 28.70
N ARG A 62 -87.65 33.08 29.63
CA ARG A 62 -87.05 34.16 30.41
C ARG A 62 -85.87 33.60 31.21
N PRO A 63 -84.67 34.14 31.03
CA PRO A 63 -83.50 33.59 31.72
C PRO A 63 -83.64 33.67 33.23
N GLU A 64 -83.13 32.64 33.91
CA GLU A 64 -83.21 32.52 35.36
C GLU A 64 -81.83 32.63 35.97
N SER A 65 -81.79 32.61 37.30
CA SER A 65 -80.51 32.70 38.01
C SER A 65 -79.74 31.40 37.88
N VAL A 66 -78.41 31.50 38.00
CA VAL A 66 -77.54 30.34 37.91
C VAL A 66 -77.26 29.81 39.31
N GLU A 67 -76.86 28.55 39.38
CA GLU A 67 -76.65 27.87 40.65
C GLU A 67 -75.20 27.38 40.76
N CYS A 68 -74.65 27.49 41.96
CA CYS A 68 -73.30 27.02 42.23
C CYS A 68 -73.31 25.51 42.47
N ILE A 69 -72.12 24.89 42.39
CA ILE A 69 -72.05 23.44 42.29
C ILE A 69 -71.34 22.80 43.47
N ARG A 70 -70.06 23.12 43.64
CA ARG A 70 -69.27 22.45 44.67
C ARG A 70 -69.10 23.36 45.88
N TYR A 71 -68.82 22.75 47.04
CA TYR A 71 -68.71 23.48 48.29
C TYR A 71 -67.24 23.58 48.68
N ASN A 72 -66.80 24.79 49.02
CA ASN A 72 -65.42 25.03 49.42
C ASN A 72 -65.34 25.35 50.90
N PHE A 73 -64.58 24.54 51.64
CA PHE A 73 -64.43 24.73 53.08
C PHE A 73 -63.35 25.75 53.42
N ARG A 74 -62.36 25.93 52.55
CA ARG A 74 -61.31 26.93 52.78
C ARG A 74 -61.90 28.33 52.77
N GLY A 75 -62.81 28.61 51.84
CA GLY A 75 -63.48 29.89 51.84
C GLY A 75 -64.34 30.12 53.08
N PHE A 76 -64.99 29.06 53.56
CA PHE A 76 -65.74 29.18 54.80
C PHE A 76 -64.81 29.47 55.97
N ARG A 77 -63.63 28.86 55.99
CA ARG A 77 -62.65 29.19 57.03
C ARG A 77 -62.20 30.63 56.95
N TRP A 78 -61.98 31.15 55.74
CA TRP A 78 -61.64 32.57 55.58
C TRP A 78 -62.75 33.49 56.07
N LEU A 79 -64.01 33.15 55.75
CA LEU A 79 -65.14 33.91 56.27
C LEU A 79 -65.19 33.88 57.80
N GLN A 80 -64.97 32.71 58.39
CA GLN A 80 -64.92 32.61 59.84
C GLN A 80 -63.77 33.42 60.41
N ALA A 81 -62.65 33.50 59.68
CA ALA A 81 -61.54 34.33 60.11
C ALA A 81 -61.94 35.80 60.18
N MET A 82 -62.65 36.27 59.16
CA MET A 82 -63.14 37.65 59.17
C MET A 82 -64.09 37.88 60.34
N ILE A 83 -65.00 36.95 60.57
CA ILE A 83 -65.96 37.08 61.67
C ILE A 83 -65.24 37.09 63.01
N PHE A 84 -64.23 36.22 63.16
CA PHE A 84 -63.42 36.19 64.37
C PHE A 84 -62.71 37.51 64.60
N ALA A 85 -62.13 38.08 63.55
CA ALA A 85 -61.44 39.35 63.69
C ALA A 85 -62.41 40.45 64.14
N ILE A 86 -63.59 40.50 63.53
CA ILE A 86 -64.57 41.52 63.88
C ILE A 86 -65.02 41.37 65.33
N GLU A 87 -65.30 40.13 65.75
CA GLU A 87 -65.72 39.89 67.12
C GLU A 87 -64.63 40.25 68.12
N GLU A 88 -63.38 39.90 67.80
CA GLU A 88 -62.27 40.24 68.69
C GLU A 88 -62.11 41.74 68.82
N ILE A 89 -62.26 42.47 67.70
CA ILE A 89 -62.16 43.93 67.75
C ILE A 89 -63.28 44.50 68.61
N ASN A 90 -64.50 43.98 68.45
CA ASN A 90 -65.63 44.45 69.25
C ASN A 90 -65.41 44.19 70.73
N SER A 91 -64.87 43.01 71.08
CA SER A 91 -64.65 42.68 72.49
C SER A 91 -63.51 43.48 73.10
N SER A 92 -62.54 43.91 72.29
CA SER A 92 -61.41 44.67 72.81
C SER A 92 -61.86 46.10 73.12
N PRO A 93 -61.62 46.60 74.34
CA PRO A 93 -62.09 47.95 74.66
C PRO A 93 -61.14 49.06 74.22
N ALA A 94 -59.83 48.78 74.15
CA ALA A 94 -58.88 49.81 73.74
C ALA A 94 -59.10 50.24 72.30
N LEU A 95 -59.35 49.29 71.41
CA LEU A 95 -59.52 49.59 70.00
C LEU A 95 -60.95 50.01 69.71
N LEU A 96 -61.11 51.24 69.21
CA LEU A 96 -62.40 51.81 68.83
C LEU A 96 -63.42 51.69 69.95
N PRO A 97 -63.27 52.43 71.05
CA PRO A 97 -64.23 52.33 72.15
C PRO A 97 -65.57 52.97 71.79
N ASN A 98 -66.61 52.46 72.45
CA ASN A 98 -67.99 52.93 72.35
C ASN A 98 -68.57 52.78 70.95
N LEU A 99 -67.99 51.93 70.10
CA LEU A 99 -68.51 51.70 68.75
C LEU A 99 -68.52 50.21 68.48
N THR A 100 -69.41 49.80 67.57
CA THR A 100 -69.59 48.41 67.20
C THR A 100 -69.41 48.25 65.70
N LEU A 101 -68.71 47.19 65.30
CA LEU A 101 -68.46 46.90 63.89
C LEU A 101 -69.43 45.83 63.42
N GLY A 102 -70.26 46.18 62.42
CA GLY A 102 -71.14 45.23 61.79
C GLY A 102 -70.55 44.68 60.50
N TYR A 103 -71.29 43.78 59.86
CA TYR A 103 -70.81 43.19 58.62
C TYR A 103 -71.96 42.65 57.80
N ARG A 104 -71.67 42.47 56.50
CA ARG A 104 -72.60 41.93 55.51
C ARG A 104 -71.74 41.18 54.50
N ILE A 105 -71.83 39.85 54.50
CA ILE A 105 -70.94 38.99 53.72
C ILE A 105 -71.77 38.11 52.80
N PHE A 106 -71.33 38.01 51.54
CA PHE A 106 -72.04 37.28 50.51
C PHE A 106 -71.13 36.22 49.88
N ASP A 107 -71.68 35.53 48.88
CA ASP A 107 -70.98 34.48 48.16
C ASP A 107 -70.74 34.92 46.72
N THR A 108 -69.55 34.64 46.20
CA THR A 108 -69.20 34.98 44.83
C THR A 108 -69.18 33.78 43.89
N CYS A 109 -68.87 32.59 44.40
CA CYS A 109 -68.78 31.36 43.59
C CYS A 109 -67.77 31.49 42.45
N ASN A 110 -66.72 32.29 42.66
CA ASN A 110 -65.65 32.48 41.68
C ASN A 110 -66.19 32.97 40.34
N THR A 111 -67.26 33.75 40.39
CA THR A 111 -67.95 34.24 39.20
C THR A 111 -68.12 35.74 39.29
N VAL A 112 -67.95 36.43 38.17
CA VAL A 112 -68.05 37.89 38.14
C VAL A 112 -69.48 38.33 38.42
N SER A 113 -70.46 37.56 37.94
CA SER A 113 -71.86 37.99 38.03
C SER A 113 -72.35 38.07 39.47
N LYS A 114 -72.06 37.03 40.27
CA LYS A 114 -72.50 37.03 41.66
C LYS A 114 -71.86 38.16 42.46
N ALA A 115 -70.55 38.35 42.29
CA ALA A 115 -69.86 39.43 42.98
C ALA A 115 -70.35 40.80 42.52
N LEU A 116 -70.72 40.94 41.24
CA LEU A 116 -71.24 42.21 40.77
C LEU A 116 -72.63 42.48 41.32
N GLU A 117 -73.45 41.43 41.48
CA GLU A 117 -74.74 41.60 42.15
C GLU A 117 -74.53 42.04 43.60
N ALA A 118 -73.61 41.39 44.30
CA ALA A 118 -73.32 41.78 45.69
C ALA A 118 -72.80 43.21 45.77
N THR A 119 -71.95 43.61 44.82
CA THR A 119 -71.42 44.96 44.82
C THR A 119 -72.49 46.00 44.49
N LEU A 120 -73.42 45.65 43.59
CA LEU A 120 -74.57 46.52 43.36
C LEU A 120 -75.39 46.69 44.62
N SER A 121 -75.52 45.62 45.41
CA SER A 121 -76.13 45.74 46.72
C SER A 121 -75.31 46.62 47.65
N PHE A 122 -73.98 46.62 47.48
CA PHE A 122 -73.10 47.35 48.37
C PHE A 122 -73.20 48.87 48.19
N VAL A 123 -73.49 49.33 46.99
CA VAL A 123 -73.38 50.76 46.68
C VAL A 123 -74.74 51.36 46.35
N ALA A 124 -75.80 50.83 46.96
CA ALA A 124 -77.15 51.25 46.62
C ALA A 124 -77.36 52.73 46.90
N GLN A 125 -77.00 53.19 48.11
CA GLN A 125 -77.28 54.56 48.51
C GLN A 125 -76.46 55.55 47.69
N ASN A 126 -75.15 55.27 47.54
CA ASN A 126 -74.31 56.15 46.72
C ASN A 126 -74.79 56.19 45.28
N LYS A 127 -75.21 55.03 44.76
CA LYS A 127 -75.69 54.96 43.39
C LYS A 127 -76.96 55.80 43.19
N ILE A 128 -77.92 55.67 44.10
CA ILE A 128 -79.17 56.41 43.93
C ILE A 128 -78.92 57.90 44.11
N ASP A 129 -78.00 58.27 45.00
CA ASP A 129 -77.65 59.67 45.16
C ASP A 129 -76.99 60.22 43.90
N SER A 130 -76.07 59.47 43.29
CA SER A 130 -75.31 59.97 42.15
C SER A 130 -76.17 60.02 40.89
N LEU A 131 -76.97 58.98 40.66
CA LEU A 131 -77.76 58.93 39.43
C LEU A 131 -78.89 59.93 39.42
N ASN A 132 -79.37 60.32 40.61
CA ASN A 132 -80.44 61.31 40.70
C ASN A 132 -79.87 62.72 40.74
N ILE A 143 -81.22 51.52 53.62
CA ILE A 143 -80.17 50.51 53.63
C ILE A 143 -78.85 51.11 54.10
N PRO A 144 -78.27 50.52 55.15
CA PRO A 144 -77.01 51.06 55.71
C PRO A 144 -75.88 50.99 54.70
N SER A 145 -74.99 51.98 54.77
CA SER A 145 -73.86 52.05 53.85
C SER A 145 -72.70 51.20 54.34
N THR A 146 -71.89 50.72 53.40
CA THR A 146 -70.73 49.90 53.69
C THR A 146 -69.48 50.76 53.58
N ILE A 147 -68.70 50.82 54.67
CA ILE A 147 -67.55 51.72 54.69
C ILE A 147 -66.35 51.10 54.00
N ALA A 148 -66.25 49.76 54.01
CA ALA A 148 -65.10 49.08 53.41
C ALA A 148 -65.49 47.66 53.06
N VAL A 149 -64.79 47.11 52.07
CA VAL A 149 -65.07 45.77 51.55
C VAL A 149 -63.80 44.93 51.61
N VAL A 150 -63.96 43.66 51.94
CA VAL A 150 -62.87 42.70 52.02
C VAL A 150 -63.07 41.66 50.92
N GLY A 151 -62.10 41.54 50.02
CA GLY A 151 -62.21 40.64 48.90
C GLY A 151 -61.76 41.31 47.61
N ALA A 152 -61.78 40.59 46.50
CA ALA A 152 -62.15 39.18 46.35
C ALA A 152 -60.92 38.30 46.18
N THR A 153 -61.15 37.02 45.87
CA THR A 153 -60.05 36.08 45.67
C THR A 153 -59.48 36.17 44.26
N GLY A 154 -60.32 36.01 43.26
CA GLY A 154 -59.85 36.07 41.89
C GLY A 154 -59.46 37.47 41.47
N SER A 155 -58.75 37.56 40.35
CA SER A 155 -58.25 38.84 39.87
C SER A 155 -59.23 39.55 38.94
N GLY A 156 -59.93 38.83 38.08
CA GLY A 156 -60.97 39.47 37.26
C GLY A 156 -62.15 39.91 38.10
N VAL A 157 -62.55 39.09 39.08
CA VAL A 157 -63.59 39.48 40.02
C VAL A 157 -63.17 40.75 40.75
N SER A 158 -61.93 40.78 41.23
CA SER A 158 -61.42 41.97 41.90
C SER A 158 -61.40 43.17 40.98
N THR A 159 -61.08 42.95 39.69
CA THR A 159 -61.06 44.05 38.74
C THR A 159 -62.44 44.66 38.56
N ALA A 160 -63.44 43.83 38.34
CA ALA A 160 -64.81 44.33 38.15
C ALA A 160 -65.31 45.03 39.42
N VAL A 161 -65.12 44.40 40.57
CA VAL A 161 -65.58 44.99 41.82
C VAL A 161 -64.83 46.28 42.10
N ALA A 162 -63.55 46.34 41.72
CA ALA A 162 -62.76 47.55 41.94
C ALA A 162 -63.26 48.69 41.06
N ASN A 163 -63.60 48.39 39.80
CA ASN A 163 -64.20 49.40 38.95
C ASN A 163 -65.47 49.97 39.59
N LEU A 164 -66.38 49.07 39.98
CA LEU A 164 -67.67 49.53 40.51
C LEU A 164 -67.49 50.29 41.82
N LEU A 165 -66.56 49.84 42.67
CA LEU A 165 -66.37 50.47 43.97
C LEU A 165 -65.62 51.79 43.85
N GLY A 166 -64.61 51.86 42.98
CA GLY A 166 -63.88 53.10 42.80
C GLY A 166 -64.68 54.13 42.03
N LEU A 167 -65.80 53.72 41.44
CA LEU A 167 -66.78 54.71 41.00
C LEU A 167 -67.25 55.55 42.18
N PHE A 168 -67.22 54.98 43.40
CA PHE A 168 -67.74 55.68 44.56
C PHE A 168 -66.71 55.88 45.67
N TYR A 169 -65.42 55.62 45.42
CA TYR A 169 -64.36 55.84 46.40
C TYR A 169 -64.60 55.06 47.71
N ILE A 170 -64.91 53.79 47.56
CA ILE A 170 -65.06 52.87 48.70
C ILE A 170 -63.80 52.01 48.77
N PRO A 171 -63.05 52.05 49.87
CA PRO A 171 -61.83 51.24 49.94
C PRO A 171 -62.13 49.75 49.86
N GLN A 172 -61.28 49.03 49.13
CA GLN A 172 -61.41 47.60 48.93
C GLN A 172 -60.07 46.95 49.22
N VAL A 173 -60.01 46.11 50.25
CA VAL A 173 -58.79 45.43 50.65
C VAL A 173 -58.93 43.96 50.25
N SER A 174 -58.01 43.49 49.42
CA SER A 174 -58.02 42.12 48.95
C SER A 174 -57.05 41.26 49.75
N TYR A 175 -57.35 39.96 49.82
CA TYR A 175 -56.53 39.02 50.55
C TYR A 175 -55.87 37.97 49.69
N ALA A 176 -56.31 37.78 48.44
CA ALA A 176 -55.72 36.75 47.59
C ALA A 176 -55.40 37.20 46.17
N SER A 177 -55.93 38.32 45.69
CA SER A 177 -55.61 38.79 44.34
C SER A 177 -54.17 39.28 44.30
N SER A 178 -53.40 38.83 43.30
CA SER A 178 -51.99 39.14 43.25
C SER A 178 -51.51 39.58 41.87
N SER A 179 -52.42 39.89 40.96
CA SER A 179 -52.03 40.35 39.63
C SER A 179 -51.41 41.73 39.70
N ARG A 180 -50.36 41.94 38.90
CA ARG A 180 -49.73 43.26 38.82
C ARG A 180 -50.65 44.30 38.18
N LEU A 181 -51.62 43.87 37.37
CA LEU A 181 -52.52 44.80 36.70
C LEU A 181 -53.34 45.61 37.68
N LEU A 182 -53.46 45.16 38.92
CA LEU A 182 -54.21 45.88 39.95
C LEU A 182 -53.37 46.95 40.63
N SER A 183 -52.12 47.12 40.23
CA SER A 183 -51.26 48.16 40.80
C SER A 183 -51.32 49.46 40.00
N ASN A 184 -52.12 49.52 38.95
CA ASN A 184 -52.30 50.74 38.17
C ASN A 184 -53.30 51.62 38.89
N LYS A 185 -52.83 52.66 39.56
CA LYS A 185 -53.66 53.51 40.40
C LYS A 185 -54.42 54.57 39.62
N ASN A 186 -54.18 54.67 38.31
CA ASN A 186 -54.99 55.54 37.46
C ASN A 186 -56.36 54.95 37.17
N GLN A 187 -56.45 53.62 37.10
CA GLN A 187 -57.72 52.94 36.88
C GLN A 187 -58.36 52.43 38.17
N PHE A 188 -57.56 52.04 39.15
CA PHE A 188 -58.04 51.57 40.43
C PHE A 188 -57.60 52.57 41.50
N LYS A 189 -58.57 53.29 42.07
CA LYS A 189 -58.28 54.37 43.01
C LYS A 189 -58.43 53.98 44.47
N SER A 190 -59.20 52.94 44.78
CA SER A 190 -59.49 52.57 46.16
C SER A 190 -59.20 51.09 46.41
N PHE A 191 -58.14 50.57 45.84
CA PHE A 191 -57.78 49.16 45.96
C PHE A 191 -56.48 49.02 46.75
N LEU A 192 -56.47 48.09 47.71
CA LEU A 192 -55.30 47.80 48.52
C LEU A 192 -55.19 46.29 48.69
N ARG A 193 -53.98 45.83 49.01
CA ARG A 193 -53.72 44.40 49.11
C ARG A 193 -52.99 44.10 50.40
N THR A 194 -53.31 42.94 50.98
CA THR A 194 -52.55 42.36 52.08
C THR A 194 -51.67 41.21 51.61
N ILE A 195 -51.52 41.05 50.30
CA ILE A 195 -50.73 39.98 49.71
C ILE A 195 -49.80 40.61 48.68
N PRO A 196 -48.61 40.06 48.46
CA PRO A 196 -47.69 40.67 47.49
C PRO A 196 -48.13 40.42 46.05
N ASN A 197 -47.35 41.00 45.13
CA ASN A 197 -47.58 40.83 43.69
C ASN A 197 -46.98 39.52 43.20
N ASP A 198 -46.94 39.34 41.88
CA ASP A 198 -46.46 38.11 41.27
C ASP A 198 -45.16 38.28 40.51
N GLU A 199 -44.57 39.48 40.52
CA GLU A 199 -43.32 39.70 39.81
C GLU A 199 -42.18 38.91 40.46
N HIS A 200 -42.06 39.02 41.79
CA HIS A 200 -41.01 38.28 42.50
C HIS A 200 -41.18 36.79 42.34
N GLN A 201 -42.43 36.31 42.20
CA GLN A 201 -42.66 34.88 42.03
C GLN A 201 -42.12 34.39 40.69
N ALA A 202 -42.39 35.13 39.60
CA ALA A 202 -41.86 34.76 38.30
C ALA A 202 -40.35 34.85 38.27
N THR A 203 -39.78 35.90 38.88
CA THR A 203 -38.33 35.99 38.96
C THR A 203 -37.74 34.83 39.75
N ALA A 204 -38.41 34.44 40.84
CA ALA A 204 -37.94 33.31 41.64
C ALA A 204 -37.99 32.01 40.85
N MET A 205 -39.03 31.82 40.05
CA MET A 205 -39.08 30.63 39.19
C MET A 205 -37.93 30.64 38.18
N ALA A 206 -37.63 31.81 37.62
CA ALA A 206 -36.51 31.92 36.68
C ALA A 206 -35.20 31.54 37.36
N ASP A 207 -34.98 32.05 38.58
CA ASP A 207 -33.77 31.70 39.33
C ASP A 207 -33.74 30.22 39.71
N ILE A 208 -34.91 29.63 39.99
CA ILE A 208 -34.96 28.20 40.29
C ILE A 208 -34.53 27.39 39.07
N ILE A 209 -35.02 27.78 37.90
CA ILE A 209 -34.62 27.09 36.67
C ILE A 209 -33.13 27.25 36.43
N GLU A 210 -32.61 28.46 36.66
CA GLU A 210 -31.20 28.72 36.44
C GLU A 210 -30.33 27.92 37.42
N TYR A 211 -30.79 27.79 38.66
CA TYR A 211 -30.00 27.14 39.70
C TYR A 211 -29.73 25.68 39.37
N PHE A 212 -30.76 24.96 38.91
CA PHE A 212 -30.60 23.55 38.58
C PHE A 212 -30.04 23.34 37.18
N ARG A 213 -29.69 24.42 36.48
CA ARG A 213 -29.03 24.36 35.18
C ARG A 213 -29.87 23.61 34.13
N TRP A 214 -31.06 24.16 33.89
CA TRP A 214 -31.93 23.71 32.82
C TRP A 214 -32.10 24.82 31.79
N ASN A 215 -32.28 24.44 30.54
CA ASN A 215 -32.54 25.42 29.48
C ASN A 215 -33.65 25.04 28.52
N TRP A 216 -34.21 23.83 28.58
CA TRP A 216 -35.30 23.40 27.72
C TRP A 216 -36.54 23.25 28.59
N VAL A 217 -37.44 24.24 28.56
CA VAL A 217 -38.59 24.28 29.44
C VAL A 217 -39.85 24.56 28.64
N GLY A 218 -41.00 24.29 29.27
CA GLY A 218 -42.28 24.62 28.68
C GLY A 218 -43.15 25.33 29.69
N THR A 219 -44.13 26.07 29.16
CA THR A 219 -44.97 26.93 29.99
C THR A 219 -46.44 26.66 29.72
N ILE A 220 -47.25 26.67 30.78
CA ILE A 220 -48.70 26.60 30.69
C ILE A 220 -49.27 27.64 31.64
N ALA A 221 -50.29 28.37 31.19
CA ALA A 221 -50.86 29.46 31.97
C ALA A 221 -52.38 29.40 31.88
N ALA A 222 -53.02 30.26 32.68
CA ALA A 222 -54.47 30.36 32.70
C ALA A 222 -54.91 31.59 31.90
N ASP A 223 -56.03 31.44 31.18
CA ASP A 223 -56.55 32.51 30.34
C ASP A 223 -57.39 33.45 31.18
N ASP A 224 -56.71 34.30 31.95
CA ASP A 224 -57.36 35.26 32.83
C ASP A 224 -56.37 36.36 33.17
N ASP A 225 -56.78 37.24 34.08
CA ASP A 225 -55.93 38.33 34.54
C ASP A 225 -54.80 37.86 35.44
N TYR A 226 -54.80 36.60 35.85
CA TYR A 226 -53.80 36.07 36.77
C TYR A 226 -52.63 35.41 36.05
N GLY A 227 -52.92 34.50 35.12
CA GLY A 227 -51.85 33.68 34.56
C GLY A 227 -51.06 34.39 33.48
N ARG A 228 -51.74 35.17 32.63
CA ARG A 228 -51.08 35.80 31.49
C ARG A 228 -49.98 36.78 31.88
N PRO A 229 -50.20 37.76 32.77
CA PRO A 229 -49.09 38.65 33.15
C PRO A 229 -47.92 37.91 33.81
N GLY A 230 -48.22 36.91 34.63
CA GLY A 230 -47.15 36.16 35.28
C GLY A 230 -46.32 35.38 34.27
N ILE A 231 -46.98 34.74 33.31
CA ILE A 231 -46.25 33.98 32.30
C ILE A 231 -45.46 34.93 31.40
N GLU A 232 -45.98 36.14 31.18
CA GLU A 232 -45.24 37.11 30.37
C GLU A 232 -43.98 37.58 31.09
N LYS A 233 -44.10 37.85 32.40
CA LYS A 233 -42.93 38.24 33.18
C LYS A 233 -41.91 37.11 33.22
N PHE A 234 -42.38 35.86 33.37
CA PHE A 234 -41.46 34.73 33.37
C PHE A 234 -40.78 34.58 32.02
N ARG A 235 -41.50 34.82 30.93
CA ARG A 235 -40.90 34.75 29.61
C ARG A 235 -39.80 35.80 29.46
N GLU A 236 -40.07 37.02 29.94
CA GLU A 236 -39.05 38.07 29.90
C GLU A 236 -37.81 37.67 30.69
N GLU A 237 -38.00 37.17 31.91
CA GLU A 237 -36.87 36.79 32.73
C GLU A 237 -36.09 35.62 32.13
N ALA A 238 -36.79 34.64 31.57
CA ALA A 238 -36.14 33.50 30.94
C ALA A 238 -35.34 33.94 29.72
N GLU A 239 -35.89 34.87 28.93
CA GLU A 239 -35.13 35.42 27.81
C GLU A 239 -33.88 36.13 28.30
N GLU A 240 -34.00 36.83 29.44
CA GLU A 240 -32.83 37.49 30.02
C GLU A 240 -31.77 36.49 30.44
N ARG A 241 -32.19 35.37 31.04
CA ARG A 241 -31.24 34.40 31.60
C ARG A 241 -30.87 33.27 30.64
N ASP A 242 -31.00 33.49 29.33
CA ASP A 242 -30.61 32.49 28.33
C ASP A 242 -31.29 31.15 28.54
N ILE A 243 -32.61 31.16 28.70
CA ILE A 243 -33.41 29.95 28.82
C ILE A 243 -34.37 29.88 27.65
N CYS A 244 -34.46 28.71 27.04
CA CYS A 244 -35.27 28.50 25.84
C CYS A 244 -36.58 27.82 26.21
N ILE A 245 -37.67 28.36 25.69
CA ILE A 245 -39.02 27.85 25.94
C ILE A 245 -39.49 27.13 24.69
N ASP A 246 -39.95 25.89 24.85
CA ASP A 246 -40.38 25.11 23.70
C ASP A 246 -41.81 25.46 23.29
N PHE A 247 -42.76 25.29 24.20
CA PHE A 247 -44.17 25.52 23.90
C PHE A 247 -44.80 26.43 24.95
N SER A 248 -45.88 27.09 24.54
CA SER A 248 -46.65 27.97 25.43
C SER A 248 -48.13 27.79 25.11
N GLU A 249 -48.92 27.47 26.12
CA GLU A 249 -50.34 27.17 25.93
C GLU A 249 -51.17 27.84 27.02
N LEU A 250 -52.47 27.83 26.81
CA LEU A 250 -53.43 28.43 27.73
C LEU A 250 -54.59 27.46 27.96
N ILE A 251 -55.14 27.48 29.18
CA ILE A 251 -56.22 26.58 29.55
C ILE A 251 -57.24 27.32 30.39
N SER A 252 -58.38 26.67 30.64
CA SER A 252 -59.44 27.20 31.47
C SER A 252 -60.29 26.04 31.96
N GLN A 253 -61.12 26.32 32.97
CA GLN A 253 -62.04 25.31 33.46
C GLN A 253 -63.16 25.02 32.47
N TYR A 254 -63.46 25.96 31.58
CA TYR A 254 -64.45 25.79 30.53
C TYR A 254 -63.82 25.43 29.20
N SER A 255 -62.63 24.83 29.22
CA SER A 255 -61.94 24.48 27.99
C SER A 255 -62.58 23.26 27.35
N ASP A 256 -62.71 23.29 26.03
CA ASP A 256 -63.35 22.20 25.30
C ASP A 256 -62.46 20.96 25.30
N GLU A 257 -63.06 19.82 24.95
CA GLU A 257 -62.33 18.57 24.89
C GLU A 257 -61.19 18.64 23.87
N GLU A 258 -61.47 19.25 22.72
CA GLU A 258 -60.45 19.36 21.67
C GLU A 258 -59.26 20.18 22.14
N GLU A 259 -59.51 21.24 22.90
CA GLU A 259 -58.41 22.06 23.41
C GLU A 259 -57.51 21.27 24.35
N ILE A 260 -58.11 20.48 25.23
CA ILE A 260 -57.32 19.68 26.16
C ILE A 260 -56.54 18.61 25.40
N GLN A 261 -57.17 18.00 24.39
CA GLN A 261 -56.46 17.02 23.56
C GLN A 261 -55.27 17.66 22.87
N HIS A 262 -55.45 18.87 22.34
CA HIS A 262 -54.37 19.57 21.66
C HIS A 262 -53.23 19.89 22.62
N VAL A 263 -53.57 20.34 23.83
CA VAL A 263 -52.54 20.66 24.81
C VAL A 263 -51.76 19.41 25.22
N VAL A 264 -52.47 18.30 25.41
CA VAL A 264 -51.81 17.05 25.78
C VAL A 264 -50.90 16.58 24.65
N GLU A 265 -51.35 16.71 23.40
CA GLU A 265 -50.50 16.34 22.28
C GLU A 265 -49.28 17.25 22.16
N VAL A 266 -49.44 18.53 22.49
CA VAL A 266 -48.30 19.44 22.53
C VAL A 266 -47.29 18.97 23.58
N ILE A 267 -47.78 18.60 24.76
CA ILE A 267 -46.88 18.12 25.81
C ILE A 267 -46.19 16.83 25.38
N GLN A 268 -46.92 15.95 24.71
CA GLN A 268 -46.36 14.65 24.33
C GLN A 268 -45.29 14.80 23.25
N ASN A 269 -45.45 15.77 22.35
CA ASN A 269 -44.52 15.95 21.25
C ASN A 269 -43.29 16.77 21.66
N SER A 270 -43.01 16.87 22.96
CA SER A 270 -41.94 17.70 23.46
C SER A 270 -40.93 16.86 24.22
N THR A 271 -39.66 17.27 24.15
CA THR A 271 -38.57 16.62 24.87
C THR A 271 -38.27 17.31 26.21
N ALA A 272 -38.97 18.39 26.52
CA ALA A 272 -38.73 19.14 27.74
C ALA A 272 -39.46 18.51 28.91
N LYS A 273 -38.78 18.42 30.05
CA LYS A 273 -39.35 17.82 31.25
C LYS A 273 -39.76 18.83 32.31
N VAL A 274 -39.21 20.04 32.28
CA VAL A 274 -39.53 21.06 33.27
C VAL A 274 -40.63 21.94 32.71
N ILE A 275 -41.77 21.98 33.39
CA ILE A 275 -42.95 22.73 32.95
C ILE A 275 -43.33 23.72 34.04
N VAL A 276 -43.49 24.98 33.66
CA VAL A 276 -43.91 26.03 34.56
C VAL A 276 -45.40 26.28 34.35
N VAL A 277 -46.18 26.17 35.42
CA VAL A 277 -47.63 26.33 35.35
C VAL A 277 -48.02 27.50 36.25
N PHE A 278 -48.68 28.50 35.66
CA PHE A 278 -49.16 29.67 36.37
C PHE A 278 -50.69 29.65 36.26
N SER A 279 -51.34 29.00 37.22
CA SER A 279 -52.79 28.82 37.17
C SER A 279 -53.29 28.51 38.58
N SER A 280 -54.59 28.25 38.67
CA SER A 280 -55.24 27.84 39.90
C SER A 280 -55.82 26.45 39.73
N GLY A 281 -56.33 25.91 40.84
CA GLY A 281 -56.86 24.56 40.87
C GLY A 281 -57.99 24.28 39.90
N PRO A 282 -59.06 25.07 39.97
CA PRO A 282 -60.19 24.83 39.06
C PRO A 282 -59.84 24.90 37.59
N ASP A 283 -58.95 25.82 37.20
CA ASP A 283 -58.57 25.95 35.79
C ASP A 283 -57.63 24.84 35.35
N LEU A 284 -56.81 24.32 36.27
CA LEU A 284 -55.84 23.28 35.94
C LEU A 284 -56.41 21.88 36.03
N GLU A 285 -57.53 21.69 36.71
CA GLU A 285 -58.07 20.37 36.99
C GLU A 285 -58.34 19.52 35.74
N PRO A 286 -59.02 20.04 34.71
CA PRO A 286 -59.28 19.20 33.52
C PRO A 286 -58.02 18.68 32.84
N LEU A 287 -57.01 19.55 32.69
CA LEU A 287 -55.77 19.13 32.05
C LEU A 287 -55.07 18.05 32.86
N ILE A 288 -55.04 18.21 34.18
CA ILE A 288 -54.43 17.19 35.04
C ILE A 288 -55.18 15.88 34.92
N LYS A 289 -56.52 15.94 34.92
CA LYS A 289 -57.30 14.71 34.78
C LYS A 289 -57.01 14.00 33.47
N GLU A 290 -56.94 14.75 32.37
CA GLU A 290 -56.67 14.13 31.08
C GLU A 290 -55.26 13.57 31.01
N ILE A 291 -54.29 14.27 31.60
CA ILE A 291 -52.91 13.78 31.59
C ILE A 291 -52.80 12.49 32.40
N VAL A 292 -53.49 12.44 33.54
CA VAL A 292 -53.50 11.20 34.34
C VAL A 292 -54.18 10.07 33.56
N ARG A 293 -55.25 10.40 32.84
CA ARG A 293 -55.94 9.38 32.05
C ARG A 293 -55.03 8.81 30.97
N ARG A 294 -54.30 9.67 30.27
CA ARG A 294 -53.38 9.19 29.26
C ARG A 294 -52.04 8.74 29.84
N ASN A 295 -51.84 8.93 31.15
CA ASN A 295 -50.69 8.41 31.86
C ASN A 295 -49.36 8.91 31.32
N ILE A 296 -49.13 10.21 31.40
CA ILE A 296 -47.84 10.81 31.05
C ILE A 296 -47.08 11.05 32.35
N THR A 297 -45.88 10.50 32.44
CA THR A 297 -45.05 10.57 33.64
C THR A 297 -43.66 11.09 33.29
N GLY A 298 -42.94 11.54 34.31
CA GLY A 298 -41.61 12.07 34.12
C GLY A 298 -41.54 13.56 33.89
N LYS A 299 -42.57 14.31 34.29
CA LYS A 299 -42.62 15.76 34.10
C LYS A 299 -42.40 16.43 35.45
N ILE A 300 -41.48 17.40 35.48
CA ILE A 300 -41.19 18.14 36.70
C ILE A 300 -42.01 19.41 36.70
N TRP A 301 -42.81 19.60 37.75
CA TRP A 301 -43.78 20.69 37.82
C TRP A 301 -43.27 21.80 38.74
N LEU A 302 -43.34 23.03 38.25
CA LEU A 302 -43.06 24.24 39.03
C LEU A 302 -44.39 24.94 39.26
N ALA A 303 -44.74 25.13 40.53
CA ALA A 303 -46.09 25.53 40.93
C ALA A 303 -46.08 26.90 41.60
N SER A 304 -46.95 27.76 41.10
CA SER A 304 -47.22 29.04 41.72
C SER A 304 -48.10 28.85 42.95
N GLU A 305 -48.28 29.93 43.72
CA GLU A 305 -48.97 29.85 45.00
C GLU A 305 -50.43 29.41 44.86
N ALA A 306 -51.06 29.66 43.71
CA ALA A 306 -52.49 29.42 43.58
C ALA A 306 -52.86 27.94 43.60
N TRP A 307 -51.98 27.05 43.12
CA TRP A 307 -52.29 25.63 43.13
C TRP A 307 -51.20 24.78 43.79
N ALA A 308 -50.20 25.39 44.41
CA ALA A 308 -49.17 24.64 45.12
C ALA A 308 -49.70 23.98 46.39
N SER A 309 -50.91 24.34 46.82
CA SER A 309 -51.54 23.69 47.97
C SER A 309 -52.98 23.31 47.68
N SER A 310 -53.42 23.38 46.43
CA SER A 310 -54.81 23.10 46.08
C SER A 310 -55.14 21.64 46.30
N SER A 311 -56.30 21.38 46.90
CA SER A 311 -56.79 20.02 47.06
C SER A 311 -57.35 19.45 45.77
N LEU A 312 -57.79 20.32 44.85
CA LEU A 312 -58.30 19.84 43.57
C LEU A 312 -57.22 19.20 42.73
N ILE A 313 -55.95 19.49 43.03
CA ILE A 313 -54.83 18.90 42.33
C ILE A 313 -54.13 17.84 43.18
N ALA A 314 -53.88 18.14 44.45
CA ALA A 314 -53.18 17.20 45.31
C ALA A 314 -54.10 16.11 45.84
N MET A 315 -54.29 15.05 45.05
CA MET A 315 -54.99 13.85 45.48
C MET A 315 -54.09 12.65 45.25
N PRO A 316 -54.25 11.59 46.04
CA PRO A 316 -53.31 10.44 45.93
C PRO A 316 -53.25 9.81 44.55
N GLN A 317 -54.40 9.59 43.91
CA GLN A 317 -54.43 8.91 42.63
C GLN A 317 -53.67 9.67 41.54
N TYR A 318 -53.50 10.98 41.69
CA TYR A 318 -52.77 11.77 40.72
C TYR A 318 -51.26 11.77 40.97
N PHE A 319 -50.79 11.15 42.05
CA PHE A 319 -49.39 11.28 42.43
C PHE A 319 -48.46 10.84 41.31
N HIS A 320 -48.71 9.67 40.72
CA HIS A 320 -47.86 9.14 39.67
C HIS A 320 -47.70 10.09 38.49
N VAL A 321 -48.48 11.16 38.43
CA VAL A 321 -48.35 12.19 37.41
C VAL A 321 -47.76 13.48 38.00
N VAL A 322 -48.19 13.86 39.20
CA VAL A 322 -47.84 15.16 39.77
C VAL A 322 -46.95 15.01 40.99
N GLY A 323 -46.42 13.83 41.26
CA GLY A 323 -45.52 13.66 42.38
C GLY A 323 -44.22 14.40 42.17
N GLY A 324 -43.62 14.82 43.29
CA GLY A 324 -42.37 15.56 43.25
C GLY A 324 -42.50 16.91 42.58
N THR A 325 -43.53 17.66 42.95
CA THR A 325 -43.78 19.00 42.42
C THR A 325 -43.09 20.00 43.33
N ILE A 326 -42.42 20.99 42.73
CA ILE A 326 -41.79 22.05 43.50
C ILE A 326 -42.64 23.31 43.36
N GLY A 327 -43.06 23.88 44.49
CA GLY A 327 -44.02 24.96 44.45
C GLY A 327 -43.71 26.05 45.45
N PHE A 328 -44.47 27.13 45.36
CA PHE A 328 -44.30 28.29 46.21
C PHE A 328 -45.40 28.39 47.27
N ALA A 329 -45.07 29.00 48.40
CA ALA A 329 -46.02 29.23 49.47
C ALA A 329 -45.68 30.54 50.16
N LEU A 330 -46.69 31.15 50.78
CA LEU A 330 -46.52 32.41 51.49
C LEU A 330 -45.99 32.13 52.89
N LYS A 331 -45.96 33.17 53.73
CA LYS A 331 -45.52 33.03 55.11
C LYS A 331 -46.72 32.87 56.03
N ALA A 332 -46.64 31.89 56.93
CA ALA A 332 -47.75 31.56 57.80
C ALA A 332 -47.90 32.59 58.92
N GLY A 333 -49.03 32.53 59.61
CA GLY A 333 -49.30 33.44 60.70
C GLY A 333 -49.94 32.70 61.85
N GLN A 334 -49.99 33.38 62.99
CA GLN A 334 -50.52 32.82 64.25
C GLN A 334 -51.69 33.66 64.71
N ILE A 335 -52.87 33.06 64.78
CA ILE A 335 -54.07 33.71 65.29
C ILE A 335 -54.55 32.95 66.52
N PRO A 336 -54.23 33.41 67.73
CA PRO A 336 -54.64 32.66 68.93
C PRO A 336 -56.16 32.60 69.07
N GLY A 337 -56.64 31.46 69.56
CA GLY A 337 -58.06 31.26 69.78
C GLY A 337 -58.86 30.99 68.52
N PHE A 338 -58.21 30.82 67.36
CA PHE A 338 -58.94 30.63 66.12
C PHE A 338 -59.57 29.25 66.04
N ARG A 339 -58.84 28.22 66.45
CA ARG A 339 -59.36 26.86 66.35
C ARG A 339 -60.58 26.66 67.25
N GLU A 340 -60.53 27.20 68.46
CA GLU A 340 -61.65 27.08 69.38
C GLU A 340 -62.90 27.77 68.82
N PHE A 341 -62.70 28.93 68.17
CA PHE A 341 -63.81 29.59 67.49
C PHE A 341 -64.35 28.72 66.35
N LEU A 342 -63.45 28.07 65.62
CA LEU A 342 -63.87 27.21 64.50
C LEU A 342 -64.70 26.03 64.99
N LYS A 343 -64.32 25.47 66.15
CA LYS A 343 -64.97 24.25 66.62
C LYS A 343 -66.36 24.51 67.20
N LYS A 344 -66.73 25.77 67.41
CA LYS A 344 -68.00 26.10 68.02
C LYS A 344 -69.09 26.44 67.00
N VAL A 345 -68.94 26.03 65.75
CA VAL A 345 -69.94 26.33 64.73
C VAL A 345 -71.14 25.39 64.91
N HIS A 346 -72.34 25.96 64.82
CA HIS A 346 -73.58 25.20 64.95
C HIS A 346 -74.63 25.78 64.01
N PRO A 347 -75.39 24.94 63.31
CA PRO A 347 -76.47 25.44 62.46
C PRO A 347 -77.70 25.89 63.24
N ARG A 348 -77.77 25.58 64.54
CA ARG A 348 -78.90 25.98 65.37
C ARG A 348 -78.49 26.99 66.44
N LYS A 349 -77.26 27.51 66.37
CA LYS A 349 -76.81 28.54 67.31
C LYS A 349 -76.28 29.76 66.56
N SER A 350 -75.66 29.53 65.40
CA SER A 350 -75.14 30.62 64.58
C SER A 350 -76.24 31.05 63.61
N VAL A 351 -76.99 32.09 63.99
CA VAL A 351 -78.13 32.54 63.20
C VAL A 351 -77.71 33.67 62.29
N HIS A 352 -76.74 34.48 62.74
CA HIS A 352 -76.23 35.55 61.90
C HIS A 352 -75.53 35.00 60.66
N ASN A 353 -74.80 33.89 60.83
CA ASN A 353 -74.10 33.24 59.72
C ASN A 353 -75.07 32.27 59.05
N GLY A 354 -75.60 32.67 57.89
CA GLY A 354 -76.50 31.82 57.15
C GLY A 354 -75.85 30.73 56.33
N PHE A 355 -74.52 30.70 56.30
CA PHE A 355 -73.79 29.66 55.58
C PHE A 355 -73.53 28.43 56.43
N ALA A 356 -73.93 28.45 57.71
CA ALA A 356 -73.64 27.32 58.58
C ALA A 356 -74.50 26.11 58.26
N LYS A 357 -75.70 26.34 57.73
CA LYS A 357 -76.61 25.23 57.44
C LYS A 357 -76.03 24.33 56.35
N GLU A 358 -75.59 24.91 55.24
CA GLU A 358 -75.03 24.11 54.16
C GLU A 358 -73.70 23.49 54.57
N PHE A 359 -72.90 24.20 55.38
CA PHE A 359 -71.66 23.65 55.88
C PHE A 359 -71.92 22.39 56.72
N TRP A 360 -72.93 22.45 57.59
CA TRP A 360 -73.26 21.28 58.41
C TRP A 360 -73.84 20.16 57.57
N GLU A 361 -74.69 20.49 56.59
CA GLU A 361 -75.29 19.47 55.75
C GLU A 361 -74.27 18.76 54.87
N GLU A 362 -73.27 19.47 54.35
CA GLU A 362 -72.22 18.85 53.57
C GLU A 362 -71.18 18.14 54.44
N THR A 363 -70.97 18.64 55.66
CA THR A 363 -69.96 18.07 56.54
C THR A 363 -70.33 16.66 56.97
N PHE A 364 -71.61 16.43 57.30
CA PHE A 364 -72.05 15.17 57.87
C PHE A 364 -72.95 14.37 56.95
N ASN A 365 -73.18 14.82 55.72
CA ASN A 365 -74.01 14.12 54.74
C ASN A 365 -75.39 13.86 55.31
N CYS A 366 -76.05 14.93 55.75
CA CYS A 366 -77.39 14.86 56.33
C CYS A 366 -78.22 16.03 55.83
N HIS A 367 -79.46 16.09 56.29
CA HIS A 367 -80.40 17.14 55.93
C HIS A 367 -81.07 17.67 57.18
N LEU A 368 -81.16 18.98 57.30
CA LEU A 368 -81.80 19.61 58.46
C LEU A 368 -82.71 20.75 58.02
N ARG A 400 -79.54 12.16 52.92
CA ARG A 400 -80.70 11.34 53.26
C ARG A 400 -81.01 11.31 54.77
N PRO A 401 -80.02 11.09 55.63
CA PRO A 401 -80.29 11.16 57.07
C PRO A 401 -80.59 12.58 57.51
N LEU A 402 -81.17 12.69 58.70
CA LEU A 402 -81.56 13.97 59.27
C LEU A 402 -80.55 14.38 60.33
N CYS A 403 -80.00 15.58 60.20
CA CYS A 403 -79.08 16.11 61.20
C CYS A 403 -79.80 16.31 62.53
N THR A 404 -79.11 15.98 63.62
CA THR A 404 -79.68 16.07 64.95
C THR A 404 -79.04 17.16 65.81
N GLY A 405 -77.96 17.78 65.36
CA GLY A 405 -77.32 18.84 66.11
C GLY A 405 -76.32 18.39 67.15
N ASP A 406 -76.18 17.08 67.38
CA ASP A 406 -75.20 16.54 68.32
C ASP A 406 -73.96 15.98 67.63
N GLU A 407 -73.84 16.15 66.32
CA GLU A 407 -72.67 15.65 65.61
C GLU A 407 -71.43 16.45 65.98
N ASN A 408 -70.28 15.83 65.78
CA ASN A 408 -68.98 16.44 66.09
C ASN A 408 -68.20 16.62 64.79
N ILE A 409 -67.78 17.86 64.53
CA ILE A 409 -67.07 18.15 63.28
C ILE A 409 -65.70 17.50 63.23
N SER A 410 -65.14 17.12 64.38
CA SER A 410 -63.81 16.51 64.38
C SER A 410 -63.83 15.10 63.80
N SER A 411 -65.01 14.47 63.74
CA SER A 411 -65.13 13.11 63.22
C SER A 411 -64.73 13.02 61.75
N VAL A 412 -65.21 13.96 60.95
CA VAL A 412 -64.91 13.95 59.52
C VAL A 412 -63.56 14.62 59.27
N GLU A 413 -63.01 14.37 58.08
CA GLU A 413 -61.75 14.97 57.65
C GLU A 413 -62.03 15.90 56.48
N THR A 414 -62.01 17.21 56.73
CA THR A 414 -62.23 18.23 55.71
C THR A 414 -61.22 19.34 55.88
N PRO A 415 -60.95 20.13 54.83
CA PRO A 415 -59.98 21.24 54.97
C PRO A 415 -60.43 22.33 55.93
N TYR A 416 -61.61 22.22 56.53
CA TYR A 416 -62.08 23.24 57.46
C TYR A 416 -61.20 23.30 58.71
N ILE A 417 -60.95 22.15 59.34
CA ILE A 417 -60.12 22.08 60.52
C ILE A 417 -58.84 21.29 60.33
N ASP A 418 -58.74 20.52 59.25
CA ASP A 418 -57.53 19.75 58.95
C ASP A 418 -56.56 20.62 58.14
N TYR A 419 -55.95 21.57 58.83
CA TYR A 419 -54.97 22.47 58.24
C TYR A 419 -53.71 22.47 59.07
N THR A 420 -52.59 22.78 58.40
CA THR A 420 -51.28 22.85 59.06
C THR A 420 -50.83 24.28 59.30
N HIS A 421 -51.03 25.18 58.34
CA HIS A 421 -50.62 26.57 58.47
C HIS A 421 -51.72 27.48 57.95
N LEU A 422 -51.75 28.70 58.49
CA LEU A 422 -52.68 29.73 58.06
C LEU A 422 -51.92 30.78 57.26
N ARG A 423 -52.21 30.86 55.97
CA ARG A 423 -51.53 31.81 55.09
C ARG A 423 -52.48 32.84 54.47
N ILE A 424 -53.65 32.41 53.99
CA ILE A 424 -54.63 33.33 53.44
C ILE A 424 -55.62 33.82 54.50
N SER A 425 -55.87 33.03 55.54
CA SER A 425 -56.67 33.47 56.67
C SER A 425 -56.02 34.62 57.43
N TYR A 426 -54.69 34.58 57.59
CA TYR A 426 -53.98 35.70 58.20
C TYR A 426 -54.14 36.96 57.37
N ASN A 427 -54.26 36.82 56.05
CA ASN A 427 -54.47 37.98 55.19
C ASN A 427 -55.82 38.64 55.47
N VAL A 428 -56.87 37.83 55.61
CA VAL A 428 -58.19 38.37 55.96
C VAL A 428 -58.14 39.05 57.33
N TYR A 429 -57.49 38.38 58.29
CA TYR A 429 -57.34 38.95 59.62
C TYR A 429 -56.63 40.30 59.58
N LEU A 430 -55.55 40.38 58.80
CA LEU A 430 -54.78 41.62 58.69
C LEU A 430 -55.57 42.71 57.98
N ALA A 431 -56.36 42.35 56.98
CA ALA A 431 -57.21 43.34 56.30
C ALA A 431 -58.21 43.94 57.27
N VAL A 432 -58.89 43.08 58.04
CA VAL A 432 -59.87 43.57 59.01
C VAL A 432 -59.20 44.48 60.03
N TYR A 433 -58.03 44.06 60.52
CA TYR A 433 -57.35 44.87 61.53
C TYR A 433 -56.79 46.17 60.96
N SER A 434 -56.41 46.18 59.67
CA SER A 434 -55.98 47.42 59.05
C SER A 434 -57.12 48.41 58.92
N ILE A 435 -58.31 47.92 58.56
CA ILE A 435 -59.49 48.78 58.52
C ILE A 435 -59.78 49.32 59.92
N ALA A 436 -59.69 48.45 60.93
CA ALA A 436 -59.95 48.87 62.30
C ALA A 436 -58.95 49.91 62.76
N HIS A 437 -57.67 49.76 62.38
CA HIS A 437 -56.66 50.72 62.80
C HIS A 437 -56.82 52.06 62.09
N ALA A 438 -57.26 52.04 60.83
CA ALA A 438 -57.61 53.30 60.17
C ALA A 438 -58.75 53.99 60.89
N LEU A 439 -59.78 53.24 61.28
CA LEU A 439 -60.88 53.82 62.03
C LEU A 439 -60.40 54.39 63.37
N GLN A 440 -59.51 53.67 64.04
CA GLN A 440 -58.98 54.15 65.32
C GLN A 440 -58.18 55.43 65.14
N ASP A 441 -57.34 55.50 64.11
CA ASP A 441 -56.59 56.73 63.85
C ASP A 441 -57.53 57.88 63.52
N ILE A 442 -58.68 57.57 62.93
CA ILE A 442 -59.72 58.60 62.76
C ILE A 442 -60.23 59.04 64.14
N TYR A 443 -60.46 58.07 65.03
CA TYR A 443 -61.04 58.39 66.34
C TYR A 443 -60.08 59.24 67.18
N THR A 444 -58.82 58.84 67.26
CA THR A 444 -57.85 59.49 68.14
C THR A 444 -57.16 60.68 67.49
N CYS A 445 -57.77 61.28 66.47
CA CYS A 445 -57.18 62.45 65.84
C CYS A 445 -57.20 63.64 66.80
N LEU A 446 -56.13 64.44 66.73
CA LEU A 446 -56.01 65.63 67.58
C LEU A 446 -56.46 66.87 66.81
N PRO A 447 -57.30 67.70 67.42
CA PRO A 447 -57.84 68.87 66.71
C PRO A 447 -56.73 69.78 66.19
N GLY A 448 -56.86 70.18 64.93
CA GLY A 448 -55.86 71.01 64.29
C GLY A 448 -54.63 70.27 63.79
N ARG A 449 -54.59 68.94 63.93
CA ARG A 449 -53.43 68.15 63.53
C ARG A 449 -53.81 67.02 62.58
N GLY A 450 -54.97 67.10 61.95
CA GLY A 450 -55.41 66.06 61.04
C GLY A 450 -54.75 66.13 59.69
N LEU A 451 -55.06 65.15 58.85
CA LEU A 451 -54.50 65.05 57.51
C LEU A 451 -55.37 65.72 56.46
N PHE A 452 -56.54 66.24 56.85
CA PHE A 452 -57.46 66.85 55.90
C PHE A 452 -57.19 68.35 55.79
N THR A 453 -58.10 69.08 55.18
CA THR A 453 -57.92 70.50 54.91
C THR A 453 -57.69 71.29 56.20
N ASN A 454 -56.66 72.14 56.18
CA ASN A 454 -56.31 72.99 57.31
C ASN A 454 -56.03 72.17 58.56
N GLY A 455 -55.50 70.96 58.35
CA GLY A 455 -55.16 70.07 59.44
C GLY A 455 -56.35 69.61 60.26
N SER A 456 -57.55 69.70 59.68
CA SER A 456 -58.75 69.30 60.39
C SER A 456 -58.91 67.79 60.39
N CYS A 457 -59.56 67.28 61.44
CA CYS A 457 -59.81 65.86 61.57
C CYS A 457 -61.18 65.54 60.97
N ALA A 458 -61.67 64.31 61.19
CA ALA A 458 -62.98 63.90 60.72
C ALA A 458 -63.75 63.31 61.89
N ASP A 459 -65.08 63.30 61.76
CA ASP A 459 -65.96 62.80 62.81
C ASP A 459 -66.14 61.30 62.65
N ILE A 460 -65.87 60.55 63.73
CA ILE A 460 -66.12 59.11 63.71
C ILE A 460 -67.61 58.84 63.63
N LYS A 461 -68.45 59.78 64.07
CA LYS A 461 -69.88 59.60 64.00
C LYS A 461 -70.40 59.83 62.58
N LYS A 462 -69.81 60.78 61.85
CA LYS A 462 -70.21 61.10 60.48
C LYS A 462 -69.11 60.77 59.48
N VAL A 463 -68.43 59.64 59.67
CA VAL A 463 -67.32 59.28 58.81
C VAL A 463 -67.82 58.88 57.42
N GLU A 464 -67.00 59.12 56.41
CA GLU A 464 -67.28 58.75 55.04
C GLU A 464 -66.31 57.68 54.58
N ALA A 465 -66.54 57.18 53.35
CA ALA A 465 -65.67 56.13 52.82
C ALA A 465 -64.33 56.69 52.35
N TRP A 466 -64.36 57.88 51.73
CA TRP A 466 -63.11 58.46 51.23
C TRP A 466 -62.18 58.85 52.36
N GLN A 467 -62.71 59.24 53.52
CA GLN A 467 -61.86 59.52 54.67
C GLN A 467 -61.16 58.26 55.15
N VAL A 468 -61.88 57.13 55.18
CA VAL A 468 -61.25 55.87 55.55
C VAL A 468 -60.20 55.47 54.52
N LEU A 469 -60.46 55.73 53.24
CA LEU A 469 -59.44 55.47 52.21
C LEU A 469 -58.19 56.33 52.43
N LYS A 470 -58.39 57.61 52.76
CA LYS A 470 -57.27 58.50 53.00
C LYS A 470 -56.45 58.04 54.20
N HIS A 471 -57.11 57.62 55.27
CA HIS A 471 -56.38 57.10 56.43
C HIS A 471 -55.72 55.76 56.12
N LEU A 472 -56.29 54.98 55.19
CA LEU A 472 -55.65 53.74 54.78
C LEU A 472 -54.37 54.01 53.99
N ARG A 473 -54.36 55.08 53.19
CA ARG A 473 -53.17 55.36 52.39
C ARG A 473 -51.95 55.64 53.27
N HIS A 474 -52.11 56.41 54.33
CA HIS A 474 -51.07 56.60 55.33
C HIS A 474 -51.46 55.81 56.58
N LEU A 475 -51.07 54.54 56.61
CA LEU A 475 -51.31 53.66 57.75
C LEU A 475 -50.05 52.87 58.04
N ASN A 476 -49.58 52.94 59.29
CA ASN A 476 -48.39 52.24 59.73
C ASN A 476 -48.64 51.74 61.15
N PHE A 477 -48.96 50.46 61.30
CA PHE A 477 -49.34 49.96 62.62
C PHE A 477 -48.62 48.65 62.90
N THR A 478 -48.43 48.38 64.19
CA THR A 478 -47.73 47.16 64.60
C THR A 478 -48.65 45.95 64.43
N ASN A 479 -48.08 44.83 64.00
CA ASN A 479 -48.82 43.60 63.85
C ASN A 479 -49.04 42.95 65.21
N ASN A 480 -49.87 41.90 65.25
CA ASN A 480 -49.96 41.18 66.51
C ASN A 480 -48.76 40.27 66.75
N MET A 481 -47.72 40.39 65.92
CA MET A 481 -46.43 39.75 66.15
C MET A 481 -45.33 40.73 66.50
N GLY A 482 -45.59 42.04 66.35
CA GLY A 482 -44.58 43.05 66.52
C GLY A 482 -44.04 43.63 65.23
N GLU A 483 -44.40 43.08 64.08
CA GLU A 483 -43.97 43.61 62.80
C GLU A 483 -44.76 44.87 62.46
N GLN A 484 -44.24 45.63 61.50
CA GLN A 484 -44.79 46.92 61.11
C GLN A 484 -45.52 46.77 59.78
N VAL A 485 -46.85 46.70 59.84
CA VAL A 485 -47.66 46.61 58.63
C VAL A 485 -47.91 48.02 58.10
N THR A 486 -47.56 48.24 56.84
CA THR A 486 -47.81 49.48 56.12
C THR A 486 -47.87 49.17 54.63
N PHE A 487 -48.50 50.05 53.88
CA PHE A 487 -48.64 49.89 52.44
C PHE A 487 -47.65 50.79 51.71
N ASP A 488 -47.76 50.79 50.38
CA ASP A 488 -46.92 51.57 49.49
C ASP A 488 -47.80 52.47 48.62
N GLU A 489 -47.20 53.16 47.65
CA GLU A 489 -47.93 54.08 46.80
C GLU A 489 -49.04 53.41 45.99
N CYS A 490 -48.92 52.10 45.75
CA CYS A 490 -49.95 51.35 45.04
C CYS A 490 -50.72 50.40 45.94
N GLY A 491 -50.56 50.53 47.25
CA GLY A 491 -51.23 49.63 48.18
C GLY A 491 -50.71 48.21 48.15
N ASP A 492 -49.39 48.03 48.11
CA ASP A 492 -48.78 46.71 48.02
C ASP A 492 -48.05 46.40 49.31
N LEU A 493 -48.18 45.15 49.77
CA LEU A 493 -47.49 44.66 50.95
C LEU A 493 -46.45 43.63 50.49
N VAL A 494 -45.18 43.98 50.63
CA VAL A 494 -44.12 43.05 50.26
C VAL A 494 -44.06 41.90 51.26
N GLY A 495 -43.48 40.78 50.83
CA GLY A 495 -43.39 39.62 51.69
C GLY A 495 -42.45 38.58 51.11
N ASN A 496 -42.02 37.67 51.99
CA ASN A 496 -41.10 36.60 51.65
C ASN A 496 -41.83 35.47 50.93
N TYR A 497 -41.08 34.44 50.53
CA TYR A 497 -41.66 33.23 49.96
C TYR A 497 -40.94 32.01 50.53
N SER A 498 -41.65 30.88 50.54
CA SER A 498 -41.07 29.61 50.92
C SER A 498 -41.30 28.61 49.81
N ILE A 499 -40.41 27.62 49.70
CA ILE A 499 -40.46 26.62 48.65
C ILE A 499 -40.82 25.29 49.26
N ILE A 500 -41.75 24.57 48.63
CA ILE A 500 -42.24 23.30 49.13
C ILE A 500 -42.09 22.23 48.06
N ASN A 501 -41.97 20.99 48.52
CA ASN A 501 -41.87 19.84 47.64
C ASN A 501 -42.96 18.84 48.00
N TRP A 502 -43.64 18.32 46.99
CA TRP A 502 -44.72 17.37 47.22
C TRP A 502 -44.15 15.98 47.44
N HIS A 503 -44.60 15.33 48.52
CA HIS A 503 -44.18 13.97 48.87
C HIS A 503 -45.42 13.10 49.04
N LEU A 504 -45.18 11.87 49.49
CA LEU A 504 -46.23 10.92 49.80
C LEU A 504 -45.95 10.35 51.20
N SER A 505 -46.87 10.58 52.13
CA SER A 505 -46.68 10.09 53.48
C SER A 505 -46.75 8.56 53.49
N PRO A 506 -45.78 7.89 54.12
CA PRO A 506 -45.82 6.41 54.14
C PRO A 506 -47.06 5.85 54.84
N GLU A 507 -47.59 6.55 55.84
CA GLU A 507 -48.75 6.05 56.57
C GLU A 507 -50.06 6.65 56.06
N ASP A 508 -50.13 7.98 55.95
CA ASP A 508 -51.37 8.62 55.53
C ASP A 508 -51.72 8.28 54.09
N GLY A 509 -50.73 8.26 53.20
CA GLY A 509 -50.98 8.06 51.80
C GLY A 509 -51.40 9.30 51.05
N SER A 510 -51.43 10.45 51.71
CA SER A 510 -51.80 11.72 51.10
C SER A 510 -50.56 12.58 50.91
N ILE A 511 -50.72 13.63 50.10
CA ILE A 511 -49.59 14.49 49.77
C ILE A 511 -49.17 15.29 50.98
N VAL A 512 -47.86 15.32 51.24
CA VAL A 512 -47.28 16.08 52.34
C VAL A 512 -46.38 17.15 51.74
N PHE A 513 -46.61 18.40 52.14
CA PHE A 513 -45.83 19.53 51.63
C PHE A 513 -44.64 19.77 52.55
N LYS A 514 -43.44 19.55 52.03
CA LYS A 514 -42.21 19.64 52.80
C LYS A 514 -41.41 20.86 52.36
N GLU A 515 -41.05 21.71 53.30
CA GLU A 515 -40.24 22.88 52.99
C GLU A 515 -38.83 22.47 52.60
N VAL A 516 -38.30 23.11 51.55
CA VAL A 516 -36.98 22.77 51.04
C VAL A 516 -36.12 24.01 50.90
N GLY A 517 -36.73 25.18 50.96
CA GLY A 517 -35.97 26.40 50.82
C GLY A 517 -36.84 27.63 50.95
N TYR A 518 -36.26 28.78 50.63
CA TYR A 518 -36.98 30.04 50.76
C TYR A 518 -36.49 31.03 49.71
N TYR A 519 -37.22 32.14 49.59
CA TYR A 519 -36.90 33.25 48.69
C TYR A 519 -37.08 34.53 49.47
N ASN A 520 -36.00 35.29 49.61
CA ASN A 520 -35.96 36.53 50.39
C ASN A 520 -36.03 37.71 49.44
N VAL A 521 -37.07 38.54 49.58
CA VAL A 521 -37.25 39.66 48.66
C VAL A 521 -36.46 40.89 49.05
N TYR A 522 -36.02 40.99 50.30
CA TYR A 522 -35.27 42.15 50.75
C TYR A 522 -33.80 42.12 50.39
N ALA A 523 -33.28 40.94 50.01
CA ALA A 523 -31.86 40.81 49.70
C ALA A 523 -31.57 41.38 48.32
N LYS A 524 -30.28 41.48 48.01
CA LYS A 524 -29.84 41.92 46.70
C LYS A 524 -30.14 40.84 45.66
N LYS A 525 -30.20 41.26 44.39
CA LYS A 525 -30.48 40.32 43.31
C LYS A 525 -29.37 39.28 43.22
N GLY A 526 -29.77 38.01 43.14
CA GLY A 526 -28.86 36.90 43.12
C GLY A 526 -28.60 36.27 44.48
N GLU A 527 -28.95 36.96 45.56
CA GLU A 527 -28.78 36.45 46.91
C GLU A 527 -30.14 36.16 47.55
N ARG A 528 -31.15 35.90 46.72
CA ARG A 528 -32.52 35.75 47.18
C ARG A 528 -32.99 34.31 47.26
N LEU A 529 -32.50 33.42 46.40
CA LEU A 529 -32.90 32.02 46.41
C LEU A 529 -32.10 31.23 47.43
N PHE A 530 -32.75 30.24 48.03
CA PHE A 530 -32.04 29.31 48.90
C PHE A 530 -32.80 28.00 48.89
N ILE A 531 -32.07 26.88 48.74
CA ILE A 531 -32.70 25.57 48.65
C ILE A 531 -31.71 24.48 49.04
N ASN A 532 -32.21 23.40 49.63
CA ASN A 532 -31.41 22.23 49.97
C ASN A 532 -31.90 21.05 49.14
N GLU A 533 -31.09 20.63 48.17
CA GLU A 533 -31.44 19.51 47.31
C GLU A 533 -31.39 18.17 48.03
N GLU A 534 -30.82 18.12 49.24
CA GLU A 534 -30.79 16.88 50.01
C GLU A 534 -32.18 16.45 50.48
N LYS A 535 -33.17 17.34 50.43
CA LYS A 535 -34.53 17.02 50.86
C LYS A 535 -35.50 16.86 49.71
N ILE A 536 -35.11 17.16 48.48
CA ILE A 536 -36.00 17.08 47.33
C ILE A 536 -36.07 15.65 46.84
N LEU A 537 -37.28 15.22 46.48
CA LEU A 537 -37.53 13.90 45.91
C LEU A 537 -38.07 14.10 44.50
N TRP A 538 -37.22 13.90 43.49
CA TRP A 538 -37.63 14.11 42.12
C TRP A 538 -38.62 13.03 41.69
N SER A 539 -39.71 13.47 41.06
CA SER A 539 -40.79 12.60 40.61
C SER A 539 -41.45 11.88 41.78
N GLY A 540 -41.06 12.24 43.01
CA GLY A 540 -41.61 11.65 44.20
C GLY A 540 -40.77 10.58 44.86
N PHE A 541 -39.84 9.96 44.13
CA PHE A 541 -39.02 8.90 44.73
C PHE A 541 -37.54 9.04 44.39
N SER A 542 -37.22 9.72 43.30
CA SER A 542 -35.83 9.76 42.83
C SER A 542 -35.00 10.74 43.65
N ARG A 543 -33.69 10.54 43.61
CA ARG A 543 -32.72 11.38 44.31
C ARG A 543 -31.61 11.85 43.38
N GLU A 544 -31.85 11.82 42.07
CA GLU A 544 -30.90 12.33 41.09
C GLU A 544 -31.57 13.46 40.32
N VAL A 545 -30.84 14.55 40.12
CA VAL A 545 -31.37 15.72 39.43
C VAL A 545 -31.64 15.35 37.97
N PRO A 546 -32.85 15.58 37.46
CA PRO A 546 -33.15 15.22 36.08
C PRO A 546 -32.42 16.13 35.10
N PHE A 547 -32.41 15.69 33.84
CA PHE A 547 -31.72 16.40 32.77
C PHE A 547 -32.77 16.96 31.81
N SER A 548 -32.78 18.28 31.66
CA SER A 548 -33.69 18.94 30.72
C SER A 548 -32.89 19.98 29.92
N ASN A 549 -32.25 19.51 28.85
CA ASN A 549 -31.55 20.36 27.89
C ASN A 549 -31.96 19.92 26.50
N CYS A 550 -31.92 20.85 25.55
CA CYS A 550 -32.36 20.53 24.19
C CYS A 550 -31.47 19.47 23.55
N SER A 551 -30.15 19.60 23.72
CA SER A 551 -29.21 18.67 23.13
C SER A 551 -28.10 18.40 24.12
N ARG A 552 -27.44 17.24 23.96
CA ARG A 552 -26.35 16.85 24.84
C ARG A 552 -25.16 17.80 24.65
N ASP A 553 -24.36 17.92 25.71
CA ASP A 553 -23.24 18.84 25.70
C ASP A 553 -22.18 18.40 24.70
N CYS A 554 -21.35 19.37 24.29
CA CYS A 554 -20.24 19.12 23.39
C CYS A 554 -18.98 18.89 24.21
N LEU A 555 -18.42 17.69 24.11
CA LEU A 555 -17.22 17.37 24.85
C LEU A 555 -16.01 18.09 24.24
N ALA A 556 -14.92 18.11 24.99
CA ALA A 556 -13.71 18.80 24.55
C ALA A 556 -13.19 18.20 23.25
N GLY A 557 -12.67 19.07 22.38
CA GLY A 557 -12.23 18.66 21.07
C GLY A 557 -13.24 18.83 19.97
N THR A 558 -14.41 19.40 20.26
CA THR A 558 -15.44 19.62 19.25
C THR A 558 -15.98 21.03 19.41
N ARG A 559 -16.84 21.43 18.48
CA ARG A 559 -17.45 22.75 18.51
C ARG A 559 -18.94 22.64 18.21
N LYS A 560 -19.70 23.61 18.69
CA LYS A 560 -21.15 23.58 18.52
C LYS A 560 -21.53 23.95 17.09
N GLY A 561 -22.55 23.26 16.57
CA GLY A 561 -23.11 23.53 15.28
C GLY A 561 -24.48 24.17 15.38
N ILE A 562 -25.10 24.35 14.21
CA ILE A 562 -26.41 24.99 14.11
C ILE A 562 -27.34 24.06 13.33
N ILE A 563 -28.41 23.62 13.97
CA ILE A 563 -29.54 23.03 13.26
C ILE A 563 -30.45 24.18 12.86
N GLU A 564 -30.35 24.62 11.61
CA GLU A 564 -31.06 25.81 11.17
C GLU A 564 -32.56 25.65 11.34
N GLY A 565 -33.21 26.69 11.85
CA GLY A 565 -34.62 26.68 12.15
C GLY A 565 -34.94 26.41 13.61
N GLU A 566 -33.96 26.01 14.40
CA GLU A 566 -34.11 25.69 15.81
C GLU A 566 -33.40 26.73 16.68
N PRO A 567 -33.81 26.89 17.92
CA PRO A 567 -33.21 27.93 18.78
C PRO A 567 -31.75 27.65 19.08
N THR A 568 -31.10 28.66 19.66
CA THR A 568 -29.68 28.58 19.95
C THR A 568 -29.35 27.55 21.02
N CYS A 569 -30.33 27.15 21.83
CA CYS A 569 -30.08 26.15 22.86
C CYS A 569 -29.86 24.76 22.28
N CYS A 570 -30.13 24.56 21.00
CA CYS A 570 -29.98 23.26 20.35
C CYS A 570 -28.84 23.34 19.34
N PHE A 571 -27.89 22.41 19.45
CA PHE A 571 -26.70 22.44 18.62
C PHE A 571 -26.24 21.01 18.35
N GLU A 572 -25.27 20.88 17.45
CA GLU A 572 -24.68 19.61 17.09
C GLU A 572 -23.16 19.73 17.18
N CYS A 573 -22.52 18.71 17.76
CA CYS A 573 -21.07 18.72 17.92
C CYS A 573 -20.40 18.35 16.60
N VAL A 574 -19.40 19.14 16.22
CA VAL A 574 -18.64 18.96 14.99
C VAL A 574 -17.17 18.90 15.33
N GLU A 575 -16.46 17.98 14.66
CA GLU A 575 -15.05 17.74 14.94
C GLU A 575 -14.20 18.95 14.56
N CYS A 576 -13.31 19.36 15.46
CA CYS A 576 -12.33 20.38 15.13
C CYS A 576 -11.28 19.80 14.19
N PRO A 577 -10.92 20.50 13.13
CA PRO A 577 -10.00 19.93 12.13
C PRO A 577 -8.55 20.02 12.60
N ASP A 578 -7.65 19.49 11.76
CA ASP A 578 -6.23 19.56 12.05
C ASP A 578 -5.77 21.01 12.00
N GLY A 579 -4.87 21.36 12.92
CA GLY A 579 -4.51 22.75 13.13
C GLY A 579 -5.46 23.51 14.02
N GLU A 580 -6.46 22.83 14.59
CA GLU A 580 -7.41 23.45 15.50
C GLU A 580 -7.66 22.50 16.66
N TYR A 581 -8.15 23.05 17.77
CA TYR A 581 -8.40 22.27 18.97
C TYR A 581 -9.50 22.95 19.77
N SER A 582 -10.06 22.20 20.72
CA SER A 582 -11.08 22.72 21.62
C SER A 582 -10.76 22.23 23.02
N ASP A 583 -10.42 23.15 23.92
CA ASP A 583 -10.06 22.83 25.29
C ASP A 583 -11.06 23.45 26.28
N GLU A 584 -12.34 23.37 25.94
CA GLU A 584 -13.39 23.95 26.78
C GLU A 584 -14.71 23.29 26.43
N THR A 585 -15.55 23.11 27.45
CA THR A 585 -16.87 22.54 27.24
C THR A 585 -17.79 23.56 26.57
N ASP A 586 -18.53 23.09 25.57
CA ASP A 586 -19.49 23.91 24.83
C ASP A 586 -18.80 25.14 24.20
N ALA A 587 -17.88 24.85 23.30
CA ALA A 587 -17.20 25.88 22.53
C ALA A 587 -17.92 26.11 21.21
N SER A 588 -17.81 27.34 20.70
CA SER A 588 -18.41 27.70 19.43
C SER A 588 -17.43 27.67 18.27
N ALA A 589 -16.17 28.04 18.51
CA ALA A 589 -15.14 28.02 17.48
C ALA A 589 -13.89 27.37 18.04
N CYS A 590 -13.11 26.77 17.15
CA CYS A 590 -11.88 26.09 17.53
C CYS A 590 -10.69 27.05 17.40
N ASN A 591 -9.82 27.02 18.39
CA ASN A 591 -8.66 27.90 18.43
C ASN A 591 -7.54 27.34 17.56
N LYS A 592 -6.87 28.22 16.83
CA LYS A 592 -5.69 27.84 16.08
C LYS A 592 -4.52 27.58 17.02
N CYS A 593 -3.68 26.62 16.64
CA CYS A 593 -2.54 26.28 17.48
C CYS A 593 -1.53 27.43 17.48
N PRO A 594 -0.81 27.63 18.59
CA PRO A 594 0.29 28.59 18.58
C PRO A 594 1.37 28.17 17.61
N ASP A 595 2.10 29.16 17.09
CA ASP A 595 3.15 28.89 16.11
C ASP A 595 4.18 27.93 16.68
N ASP A 596 4.69 27.04 15.82
CA ASP A 596 5.59 25.94 16.16
C ASP A 596 4.89 24.88 17.00
N PHE A 597 3.56 24.83 16.97
CA PHE A 597 2.79 23.78 17.64
C PHE A 597 1.70 23.30 16.71
N TRP A 598 1.33 22.03 16.87
CA TRP A 598 0.34 21.37 16.03
C TRP A 598 -0.62 20.58 16.90
N SER A 599 -1.88 20.53 16.48
CA SER A 599 -2.89 19.79 17.23
C SER A 599 -2.59 18.30 17.21
N ASN A 600 -2.90 17.63 18.32
CA ASN A 600 -2.68 16.19 18.40
C ASN A 600 -3.79 15.44 17.64
N GLU A 601 -3.79 14.12 17.82
CA GLU A 601 -4.77 13.29 17.13
C GLU A 601 -6.17 13.48 17.72
N ASN A 602 -6.25 13.79 19.01
CA ASN A 602 -7.54 14.01 19.66
C ASN A 602 -8.04 15.43 19.51
N HIS A 603 -7.22 16.35 18.99
CA HIS A 603 -7.61 17.73 18.74
C HIS A 603 -8.04 18.43 20.03
N THR A 604 -7.23 18.31 21.08
CA THR A 604 -7.52 18.96 22.36
C THR A 604 -6.32 19.65 22.99
N SER A 605 -5.10 19.39 22.53
CA SER A 605 -3.91 20.04 23.05
C SER A 605 -2.92 20.22 21.91
N CYS A 606 -1.82 20.89 22.21
CA CYS A 606 -0.85 21.31 21.19
C CYS A 606 0.49 20.64 21.46
N ILE A 607 0.86 19.70 20.58
CA ILE A 607 2.17 19.05 20.63
C ILE A 607 3.13 19.96 19.88
N ALA A 608 4.43 19.80 20.10
CA ALA A 608 5.45 20.64 19.46
C ALA A 608 5.76 20.10 18.07
N LYS A 609 5.94 21.01 17.12
CA LYS A 609 6.32 20.61 15.77
C LYS A 609 7.69 19.94 15.78
N GLU A 610 7.79 18.83 15.07
CA GLU A 610 9.03 18.05 15.08
C GLU A 610 10.11 18.74 14.26
N ILE A 611 11.27 18.93 14.89
CA ILE A 611 12.44 19.53 14.25
C ILE A 611 13.20 18.42 13.53
N GLU A 612 13.50 18.62 12.25
CA GLU A 612 14.15 17.59 11.45
C GLU A 612 15.42 18.11 10.79
N PHE A 613 16.48 17.32 10.92
CA PHE A 613 17.76 17.55 10.26
C PHE A 613 18.51 16.22 10.29
N LEU A 614 19.71 16.23 9.70
CA LEU A 614 20.54 15.01 9.64
C LEU A 614 21.29 14.90 10.96
N SER A 615 20.87 13.97 11.81
CA SER A 615 21.41 13.83 13.16
C SER A 615 22.56 12.84 13.18
N TRP A 616 23.27 12.83 14.32
CA TRP A 616 24.36 11.90 14.57
C TRP A 616 23.87 10.53 15.07
N THR A 617 22.59 10.41 15.42
CA THR A 617 22.05 9.15 15.91
C THR A 617 21.47 8.29 14.80
N GLU A 618 21.17 8.88 13.65
CA GLU A 618 20.67 8.11 12.52
C GLU A 618 21.77 7.17 12.02
N PRO A 619 21.41 5.99 11.52
CA PRO A 619 22.44 5.08 10.98
C PRO A 619 23.23 5.70 9.84
N PHE A 620 22.58 6.52 9.01
CA PHE A 620 23.28 7.21 7.93
C PHE A 620 24.39 8.09 8.50
N GLY A 621 24.09 8.81 9.58
CA GLY A 621 25.08 9.68 10.17
C GLY A 621 26.28 8.93 10.71
N ILE A 622 26.03 7.82 11.42
CA ILE A 622 27.14 7.06 11.97
C ILE A 622 27.97 6.43 10.87
N ALA A 623 27.33 6.01 9.77
CA ALA A 623 28.08 5.46 8.64
C ALA A 623 28.98 6.51 8.02
N LEU A 624 28.44 7.72 7.78
CA LEU A 624 29.25 8.79 7.21
C LEU A 624 30.39 9.17 8.13
N THR A 625 30.13 9.22 9.44
CA THR A 625 31.17 9.55 10.41
C THR A 625 32.27 8.49 10.39
N LEU A 626 31.88 7.22 10.30
CA LEU A 626 32.86 6.13 10.26
C LEU A 626 33.74 6.27 9.02
N PHE A 627 33.13 6.55 7.86
CA PHE A 627 33.92 6.69 6.64
C PHE A 627 34.87 7.87 6.72
N ALA A 628 34.40 9.00 7.26
CA ALA A 628 35.26 10.18 7.39
C ALA A 628 36.43 9.90 8.33
N VAL A 629 36.18 9.24 9.46
CA VAL A 629 37.25 8.91 10.40
C VAL A 629 38.26 7.97 9.76
N LEU A 630 37.77 6.99 8.98
CA LEU A 630 38.68 6.09 8.29
C LEU A 630 39.56 6.84 7.30
N GLY A 631 38.98 7.79 6.57
CA GLY A 631 39.77 8.59 5.66
C GLY A 631 40.84 9.39 6.38
N ILE A 632 40.48 10.00 7.51
CA ILE A 632 41.45 10.76 8.30
C ILE A 632 42.58 9.86 8.76
N PHE A 633 42.24 8.68 9.26
CA PHE A 633 43.26 7.74 9.73
C PHE A 633 44.20 7.32 8.61
N LEU A 634 43.65 7.05 7.42
CA LEU A 634 44.48 6.63 6.30
C LEU A 634 45.42 7.75 5.88
N THR A 635 44.92 8.98 5.83
CA THR A 635 45.78 10.11 5.46
C THR A 635 46.90 10.30 6.48
N ALA A 636 46.57 10.20 7.77
CA ALA A 636 47.60 10.34 8.81
C ALA A 636 48.62 9.22 8.70
N PHE A 637 48.17 8.00 8.41
CA PHE A 637 49.07 6.86 8.26
C PHE A 637 50.04 7.10 7.10
N VAL A 638 49.53 7.59 5.98
CA VAL A 638 50.39 7.87 4.82
C VAL A 638 51.40 8.95 5.17
N LEU A 639 50.96 10.01 5.85
CA LEU A 639 51.88 11.09 6.21
C LEU A 639 52.96 10.59 7.16
N GLY A 640 52.58 9.77 8.13
CA GLY A 640 53.58 9.21 9.05
C GLY A 640 54.58 8.33 8.36
N VAL A 641 54.12 7.52 7.41
CA VAL A 641 55.04 6.65 6.67
C VAL A 641 56.01 7.49 5.83
N PHE A 642 55.49 8.53 5.18
CA PHE A 642 56.36 9.41 4.41
C PHE A 642 57.40 10.10 5.28
N ILE A 643 57.00 10.56 6.46
CA ILE A 643 57.97 11.30 7.29
C ILE A 643 58.95 10.34 7.96
N LYS A 644 58.56 9.09 8.19
CA LYS A 644 59.47 8.15 8.83
C LYS A 644 60.54 7.66 7.86
N PHE A 645 60.13 7.19 6.68
CA PHE A 645 61.09 6.80 5.65
C PHE A 645 61.49 8.00 4.79
N ARG A 646 61.96 9.06 5.42
CA ARG A 646 62.47 10.19 4.66
C ARG A 646 63.86 9.87 4.11
N ASN A 647 64.46 10.87 3.45
CA ASN A 647 65.77 10.78 2.80
C ASN A 647 66.01 9.42 2.15
N THR A 648 65.03 8.99 1.35
CA THR A 648 65.05 7.74 0.60
C THR A 648 64.75 8.05 -0.86
N PRO A 649 65.14 7.15 -1.78
CA PRO A 649 65.03 7.46 -3.21
C PRO A 649 63.64 7.93 -3.68
N ILE A 650 62.61 7.13 -3.44
CA ILE A 650 61.30 7.44 -4.00
C ILE A 650 60.71 8.69 -3.32
N VAL A 651 60.82 8.77 -2.01
CA VAL A 651 60.22 9.88 -1.26
C VAL A 651 60.87 11.20 -1.65
N LYS A 652 62.20 11.22 -1.74
CA LYS A 652 62.88 12.43 -2.17
C LYS A 652 62.65 12.71 -3.64
N ALA A 653 62.40 11.67 -4.44
CA ALA A 653 62.09 11.86 -5.85
C ALA A 653 60.72 12.49 -6.06
N THR A 654 59.77 12.25 -5.14
CA THR A 654 58.40 12.74 -5.30
C THR A 654 58.14 14.04 -4.53
N ASN A 655 59.16 14.90 -4.39
CA ASN A 655 58.98 16.24 -3.84
C ASN A 655 58.38 16.22 -2.44
N ARG A 656 59.18 15.76 -1.47
CA ARG A 656 58.74 15.57 -0.09
C ARG A 656 57.84 16.69 0.41
N GLU A 657 58.26 17.95 0.24
CA GLU A 657 57.50 19.07 0.79
C GLU A 657 56.12 19.19 0.16
N LEU A 658 56.05 19.09 -1.18
CA LEU A 658 54.76 19.17 -1.84
C LEU A 658 53.87 18.00 -1.45
N SER A 659 54.45 16.83 -1.23
CA SER A 659 53.68 15.68 -0.77
C SER A 659 53.09 15.93 0.62
N TYR A 660 53.89 16.53 1.51
CA TYR A 660 53.39 16.85 2.84
C TYR A 660 52.25 17.86 2.77
N LEU A 661 52.41 18.89 1.94
CA LEU A 661 51.34 19.86 1.78
C LEU A 661 50.08 19.22 1.20
N LEU A 662 50.25 18.32 0.23
CA LEU A 662 49.11 17.61 -0.35
C LEU A 662 48.39 16.77 0.71
N LEU A 663 49.15 16.08 1.56
CA LEU A 663 48.54 15.25 2.59
C LEU A 663 47.79 16.11 3.61
N PHE A 664 48.38 17.25 4.00
CA PHE A 664 47.68 18.16 4.91
C PHE A 664 46.39 18.68 4.28
N SER A 665 46.44 19.03 3.00
CA SER A 665 45.24 19.50 2.32
C SER A 665 44.20 18.40 2.19
N LEU A 666 44.63 17.15 2.01
CA LEU A 666 43.69 16.03 1.97
C LEU A 666 43.04 15.81 3.33
N LEU A 667 43.81 15.98 4.40
CA LEU A 667 43.21 15.92 5.74
C LEU A 667 42.18 17.01 5.92
N CYS A 668 42.47 18.22 5.41
CA CYS A 668 41.49 19.29 5.45
C CYS A 668 40.24 18.94 4.65
N CYS A 669 40.43 18.33 3.48
CA CYS A 669 39.28 17.94 2.65
C CYS A 669 38.42 16.91 3.36
N PHE A 670 39.05 15.94 4.03
CA PHE A 670 38.28 14.92 4.73
C PHE A 670 37.57 15.51 5.94
N SER A 671 38.19 16.48 6.61
CA SER A 671 37.57 17.06 7.80
C SER A 671 36.47 18.05 7.41
N SER A 672 36.50 18.57 6.18
CA SER A 672 35.52 19.56 5.75
C SER A 672 34.14 18.94 5.54
N SER A 673 34.06 17.61 5.54
CA SER A 673 32.78 16.94 5.33
C SER A 673 31.94 16.83 6.59
N LEU A 674 32.47 17.22 7.74
CA LEU A 674 31.73 17.14 9.00
C LEU A 674 30.86 18.36 9.25
N PHE A 675 30.91 19.36 8.38
CA PHE A 675 30.04 20.53 8.50
C PHE A 675 28.66 20.29 7.91
N PHE A 676 28.47 19.23 7.13
CA PHE A 676 27.19 18.93 6.50
C PHE A 676 26.36 17.97 7.32
N ILE A 677 26.83 17.58 8.50
CA ILE A 677 26.13 16.62 9.35
C ILE A 677 25.91 17.27 10.72
N GLY A 678 24.71 17.08 11.26
CA GLY A 678 24.30 17.73 12.48
C GLY A 678 23.35 18.88 12.21
N GLU A 679 22.82 19.43 13.30
CA GLU A 679 21.90 20.54 13.19
C GLU A 679 22.66 21.78 12.70
N PRO A 680 22.20 22.42 11.62
CA PRO A 680 22.96 23.54 11.03
C PRO A 680 22.80 24.81 11.84
N GLN A 681 23.88 25.20 12.53
CA GLN A 681 23.96 26.52 13.14
C GLN A 681 24.49 27.52 12.12
N ASP A 682 24.60 28.77 12.57
CA ASP A 682 24.93 29.86 11.65
C ASP A 682 26.36 29.73 11.11
N TRP A 683 27.33 29.54 12.01
CA TRP A 683 28.73 29.51 11.57
C TRP A 683 29.00 28.28 10.70
N THR A 684 28.34 27.16 11.00
CA THR A 684 28.48 25.97 10.17
C THR A 684 27.97 26.23 8.76
N CYS A 685 26.82 26.91 8.65
CA CYS A 685 26.29 27.25 7.32
C CYS A 685 27.22 28.20 6.60
N ARG A 686 27.89 29.10 7.32
CA ARG A 686 28.86 29.99 6.68
C ARG A 686 30.11 29.26 6.22
N LEU A 687 30.56 28.25 6.97
CA LEU A 687 31.81 27.58 6.67
C LEU A 687 31.66 26.28 5.89
N ARG A 688 30.43 25.89 5.53
CA ARG A 688 30.19 24.65 4.82
C ARG A 688 30.96 24.54 3.51
N GLN A 689 30.66 25.42 2.54
CA GLN A 689 31.22 25.26 1.20
C GLN A 689 32.66 25.77 1.08
N PRO A 690 33.00 26.97 1.57
CA PRO A 690 34.36 27.50 1.30
C PRO A 690 35.49 26.60 1.79
N ALA A 691 35.30 25.88 2.89
CA ALA A 691 36.36 25.02 3.40
C ALA A 691 36.74 23.95 2.39
N PHE A 692 35.73 23.20 1.91
CA PHE A 692 35.99 22.18 0.91
C PHE A 692 36.51 22.79 -0.38
N GLY A 693 35.94 23.93 -0.80
CA GLY A 693 36.41 24.56 -2.03
C GLY A 693 37.89 24.90 -1.97
N ILE A 694 38.30 25.59 -0.91
CA ILE A 694 39.69 26.02 -0.77
C ILE A 694 40.61 24.81 -0.64
N SER A 695 40.21 23.83 0.17
CA SER A 695 41.08 22.67 0.40
C SER A 695 41.27 21.88 -0.89
N PHE A 696 40.20 21.66 -1.65
CA PHE A 696 40.35 20.88 -2.88
C PHE A 696 41.08 21.67 -3.97
N VAL A 697 40.91 22.99 -3.99
CA VAL A 697 41.71 23.79 -4.92
C VAL A 697 43.19 23.68 -4.59
N LEU A 698 43.52 23.72 -3.29
CA LEU A 698 44.91 23.53 -2.87
C LEU A 698 45.42 22.16 -3.29
N CYS A 699 44.61 21.13 -3.10
CA CYS A 699 44.99 19.78 -3.52
C CYS A 699 45.29 19.73 -5.01
N ILE A 700 44.38 20.28 -5.82
CA ILE A 700 44.52 20.21 -7.28
C ILE A 700 45.75 20.97 -7.72
N SER A 701 45.98 22.16 -7.16
CA SER A 701 47.14 22.95 -7.53
C SER A 701 48.44 22.25 -7.13
N CYS A 702 48.46 21.63 -5.94
CA CYS A 702 49.65 20.92 -5.50
C CYS A 702 49.96 19.74 -6.41
N ILE A 703 48.93 19.01 -6.83
CA ILE A 703 49.16 17.92 -7.78
C ILE A 703 49.65 18.46 -9.12
N LEU A 704 49.07 19.57 -9.57
CA LEU A 704 49.46 20.14 -10.86
C LEU A 704 50.92 20.58 -10.86
N VAL A 705 51.35 21.25 -9.81
CA VAL A 705 52.73 21.74 -9.74
C VAL A 705 53.69 20.57 -9.69
N LYS A 706 53.36 19.54 -8.92
CA LYS A 706 54.19 18.34 -8.79
C LYS A 706 54.50 17.71 -10.14
N ASN A 730 59.59 28.15 -2.46
CA ASN A 730 60.34 28.45 -3.68
C ASN A 730 59.40 28.85 -4.81
N LEU A 731 59.79 28.49 -6.04
CA LEU A 731 58.95 28.77 -7.19
C LEU A 731 57.65 27.96 -7.13
N GLN A 732 57.75 26.71 -6.69
CA GLN A 732 56.56 25.86 -6.63
C GLN A 732 55.52 26.42 -5.66
N PHE A 733 55.97 26.89 -4.51
CA PHE A 733 55.03 27.42 -3.52
C PHE A 733 54.41 28.72 -4.00
N LEU A 734 55.19 29.57 -4.66
CA LEU A 734 54.62 30.79 -5.24
C LEU A 734 53.58 30.47 -6.29
N LEU A 735 53.86 29.45 -7.12
CA LEU A 735 52.87 29.02 -8.11
C LEU A 735 51.62 28.46 -7.44
N VAL A 736 51.79 27.70 -6.36
CA VAL A 736 50.68 27.01 -5.73
C VAL A 736 49.79 27.98 -4.97
N PHE A 737 50.37 29.06 -4.44
CA PHE A 737 49.60 29.94 -3.55
C PHE A 737 48.62 30.81 -4.32
N LEU A 738 48.84 31.03 -5.61
CA LEU A 738 48.04 32.00 -6.36
C LEU A 738 46.60 31.53 -6.53
N CYS A 739 46.41 30.27 -6.91
CA CYS A 739 45.06 29.74 -7.09
C CYS A 739 44.30 29.73 -5.76
N THR A 740 44.98 29.33 -4.69
CA THR A 740 44.35 29.34 -3.37
C THR A 740 44.00 30.77 -2.96
N PHE A 741 44.83 31.74 -3.31
CA PHE A 741 44.52 33.14 -3.02
C PHE A 741 43.31 33.61 -3.80
N MET A 742 43.19 33.20 -5.07
CA MET A 742 41.99 33.54 -5.85
C MET A 742 40.74 32.97 -5.19
N GLN A 743 40.80 31.70 -4.77
CA GLN A 743 39.67 31.09 -4.09
C GLN A 743 39.37 31.83 -2.78
N ILE A 744 40.40 32.21 -2.04
CA ILE A 744 40.21 32.91 -0.78
C ILE A 744 39.53 34.26 -1.02
N VAL A 745 39.95 34.98 -2.06
CA VAL A 745 39.41 36.32 -2.28
C VAL A 745 37.96 36.24 -2.73
N ILE A 746 37.62 35.26 -3.57
CA ILE A 746 36.22 35.13 -3.97
C ILE A 746 35.37 34.70 -2.78
N CYS A 747 35.91 33.83 -1.92
CA CYS A 747 35.17 33.41 -0.73
C CYS A 747 34.93 34.58 0.23
N VAL A 748 35.95 35.41 0.45
CA VAL A 748 35.78 36.54 1.37
C VAL A 748 34.84 37.58 0.78
N ILE A 749 34.87 37.76 -0.55
CA ILE A 749 33.90 38.65 -1.19
C ILE A 749 32.48 38.12 -0.98
N TRP A 750 32.30 36.81 -1.14
CA TRP A 750 31.01 36.18 -0.90
C TRP A 750 30.55 36.43 0.53
N LEU A 751 31.43 36.20 1.50
CA LEU A 751 31.03 36.34 2.90
C LEU A 751 30.77 37.80 3.26
N TYR A 752 31.46 38.74 2.60
CA TYR A 752 31.24 40.15 2.89
C TYR A 752 29.93 40.64 2.30
N THR A 753 29.61 40.22 1.07
CA THR A 753 28.42 40.74 0.39
C THR A 753 27.14 40.17 0.98
N ALA A 754 26.97 38.85 0.89
CA ALA A 754 25.75 38.19 1.36
C ALA A 754 26.11 36.79 1.88
N PRO A 755 26.21 36.63 3.19
CA PRO A 755 26.60 35.34 3.73
C PRO A 755 25.40 34.42 3.88
N PRO A 756 25.61 33.11 3.91
CA PRO A 756 24.49 32.19 4.13
C PRO A 756 23.96 32.27 5.55
N SER A 757 22.85 31.59 5.82
CA SER A 757 22.25 31.61 7.16
C SER A 757 21.34 30.42 7.30
N SER A 758 21.01 30.09 8.55
CA SER A 758 20.11 28.99 8.83
C SER A 758 18.67 29.38 8.50
N TYR A 759 17.86 28.38 8.19
CA TYR A 759 16.46 28.59 7.83
C TYR A 759 15.63 27.47 8.42
N ARG A 760 14.60 27.84 9.19
CA ARG A 760 13.64 26.88 9.73
C ARG A 760 12.48 26.77 8.73
N ASN A 761 12.71 26.00 7.67
CA ASN A 761 11.73 25.85 6.60
C ASN A 761 10.46 25.21 7.14
N GLN A 762 9.33 25.90 6.96
CA GLN A 762 8.01 25.34 7.20
C GLN A 762 7.19 25.47 5.93
N GLU A 763 7.43 24.59 4.96
CA GLU A 763 6.55 24.47 3.81
C GLU A 763 6.38 23.02 3.39
N LEU A 764 7.37 22.18 3.75
CA LEU A 764 7.40 20.82 3.21
C LEU A 764 6.38 19.93 3.89
N GLU A 765 6.10 20.16 5.16
CA GLU A 765 5.07 19.42 5.88
C GLU A 765 4.55 20.30 7.01
N ASP A 766 3.22 20.24 7.21
CA ASP A 766 2.56 21.04 8.23
C ASP A 766 2.85 20.57 9.64
N GLU A 767 3.46 19.39 9.81
CA GLU A 767 3.75 18.85 11.14
C GLU A 767 5.24 18.72 11.40
N ILE A 768 6.08 19.26 10.53
CA ILE A 768 7.53 19.12 10.65
C ILE A 768 8.19 20.40 10.17
N ILE A 769 9.22 20.84 10.90
CA ILE A 769 10.02 22.00 10.54
C ILE A 769 11.41 21.49 10.18
N PHE A 770 11.87 21.80 8.97
CA PHE A 770 13.15 21.32 8.48
C PHE A 770 14.20 22.40 8.71
N ILE A 771 15.27 22.08 9.44
CA ILE A 771 16.30 23.07 9.69
C ILE A 771 17.41 22.90 8.65
N THR A 772 17.56 23.89 7.77
CA THR A 772 18.56 23.82 6.72
C THR A 772 19.43 25.08 6.71
N CYS A 773 20.33 25.17 5.73
CA CYS A 773 21.07 26.40 5.46
C CYS A 773 20.42 27.12 4.28
N HIS A 774 20.99 28.27 3.90
CA HIS A 774 20.49 29.01 2.75
C HIS A 774 21.59 29.86 2.13
N GLU A 775 22.15 29.41 1.01
CA GLU A 775 23.20 30.16 0.33
C GLU A 775 22.67 31.50 -0.15
N GLY A 776 23.17 32.59 0.46
CA GLY A 776 22.67 33.90 0.10
C GLY A 776 23.04 34.31 -1.32
N SER A 777 24.26 34.03 -1.74
CA SER A 777 24.76 34.41 -3.07
C SER A 777 24.94 33.14 -3.89
N LEU A 778 24.05 32.93 -4.87
CA LEU A 778 24.18 31.79 -5.76
C LEU A 778 25.33 31.97 -6.74
N MET A 779 25.59 33.21 -7.16
CA MET A 779 26.64 33.46 -8.14
C MET A 779 28.01 33.09 -7.60
N ALA A 780 28.26 33.36 -6.32
CA ALA A 780 29.53 33.00 -5.72
C ALA A 780 29.72 31.49 -5.67
N LEU A 781 28.66 30.76 -5.32
CA LEU A 781 28.74 29.29 -5.31
C LEU A 781 29.02 28.76 -6.70
N GLY A 782 28.32 29.30 -7.71
CA GLY A 782 28.57 28.85 -9.08
C GLY A 782 29.98 29.13 -9.53
N PHE A 783 30.48 30.33 -9.21
CA PHE A 783 31.85 30.68 -9.60
C PHE A 783 32.87 29.78 -8.92
N LEU A 784 32.64 29.48 -7.63
CA LEU A 784 33.55 28.61 -6.89
C LEU A 784 33.60 27.22 -7.51
N ILE A 785 32.43 26.65 -7.78
CA ILE A 785 32.36 25.32 -8.39
C ILE A 785 33.02 25.32 -9.77
N GLY A 786 32.74 26.35 -10.57
CA GLY A 786 33.32 26.42 -11.90
C GLY A 786 34.83 26.55 -11.89
N TYR A 787 35.35 27.35 -10.95
CA TYR A 787 36.81 27.49 -10.85
C TYR A 787 37.46 26.17 -10.48
N THR A 788 36.87 25.45 -9.51
CA THR A 788 37.42 24.15 -9.14
C THR A 788 37.38 23.17 -10.32
N CYS A 789 36.25 23.12 -11.03
CA CYS A 789 36.12 22.21 -12.17
C CYS A 789 36.98 22.62 -13.35
N LEU A 790 37.36 23.89 -13.45
CA LEU A 790 38.28 24.32 -14.51
C LEU A 790 39.72 23.92 -14.18
N LEU A 791 40.12 24.08 -12.91
CA LEU A 791 41.44 23.62 -12.50
C LEU A 791 41.57 22.11 -12.70
N ALA A 792 40.51 21.37 -12.34
CA ALA A 792 40.52 19.92 -12.54
C ALA A 792 40.69 19.57 -14.01
N ALA A 793 39.97 20.27 -14.89
CA ALA A 793 40.04 20.00 -16.32
C ALA A 793 41.45 20.28 -16.86
N ILE A 794 42.06 21.39 -16.43
CA ILE A 794 43.40 21.73 -16.89
C ILE A 794 44.39 20.67 -16.45
N CYS A 795 44.29 20.24 -15.18
CA CYS A 795 45.19 19.20 -14.69
C CYS A 795 45.00 17.89 -15.46
N PHE A 796 43.75 17.55 -15.75
CA PHE A 796 43.46 16.34 -16.52
C PHE A 796 44.07 16.42 -17.91
N PHE A 797 43.96 17.57 -18.57
CA PHE A 797 44.52 17.72 -19.90
C PHE A 797 46.03 17.58 -19.88
N PHE A 798 46.69 18.22 -18.91
CA PHE A 798 48.15 18.14 -18.84
C PHE A 798 48.60 16.73 -18.46
N ALA A 799 47.78 16.00 -17.71
CA ALA A 799 48.14 14.63 -17.37
C ALA A 799 47.97 13.69 -18.56
N PHE A 800 46.91 13.89 -19.34
CA PHE A 800 46.68 13.02 -20.50
C PHE A 800 47.68 13.31 -21.61
N LYS A 801 48.15 14.55 -21.70
CA LYS A 801 49.15 14.86 -22.72
C LYS A 801 50.45 14.08 -22.50
N SER A 802 50.80 13.82 -21.24
CA SER A 802 52.02 13.12 -20.90
C SER A 802 51.77 11.76 -20.25
N ARG A 803 50.79 11.01 -20.76
CA ARG A 803 50.34 9.79 -20.10
C ARG A 803 51.29 8.61 -20.29
N LYS A 804 52.43 8.78 -20.98
CA LYS A 804 53.32 7.67 -21.25
C LYS A 804 54.72 7.82 -20.67
N LEU A 805 55.06 8.97 -20.10
CA LEU A 805 56.36 9.12 -19.47
C LEU A 805 56.42 8.27 -18.19
N PRO A 806 57.47 7.47 -18.01
CA PRO A 806 57.50 6.57 -16.85
C PRO A 806 58.19 7.17 -15.63
N GLU A 807 58.45 8.48 -15.67
CA GLU A 807 59.14 9.13 -14.56
C GLU A 807 58.30 9.08 -13.30
N ASN A 808 58.98 8.87 -12.17
CA ASN A 808 58.35 8.81 -10.85
C ASN A 808 57.22 7.78 -10.80
N PHE A 809 57.55 6.57 -11.26
CA PHE A 809 56.63 5.43 -11.22
C PHE A 809 55.37 5.69 -12.06
N ASN A 810 55.54 6.52 -13.09
CA ASN A 810 54.47 6.84 -14.05
C ASN A 810 53.24 7.42 -13.33
N GLU A 811 53.45 8.59 -12.74
CA GLU A 811 52.38 9.24 -11.98
C GLU A 811 51.33 9.89 -12.87
N ALA A 812 51.65 10.14 -14.14
CA ALA A 812 50.69 10.81 -15.02
C ALA A 812 49.45 9.95 -15.24
N LYS A 813 49.64 8.64 -15.40
CA LYS A 813 48.53 7.72 -15.55
C LYS A 813 47.56 7.81 -14.37
N PHE A 814 48.12 7.83 -13.16
CA PHE A 814 47.28 7.84 -11.97
C PHE A 814 46.63 9.20 -11.73
N ILE A 815 47.31 10.28 -12.11
CA ILE A 815 46.69 11.60 -12.07
C ILE A 815 45.50 11.66 -13.03
N THR A 816 45.67 11.10 -14.24
CA THR A 816 44.57 11.00 -15.18
C THR A 816 43.40 10.23 -14.59
N PHE A 817 43.70 9.09 -13.94
CA PHE A 817 42.65 8.31 -13.31
C PHE A 817 41.93 9.10 -12.22
N SER A 818 42.68 9.84 -11.41
CA SER A 818 42.08 10.62 -10.33
C SER A 818 41.15 11.70 -10.87
N MET A 819 41.60 12.41 -11.92
CA MET A 819 40.73 13.43 -12.52
C MET A 819 39.48 12.80 -13.11
N LEU A 820 39.62 11.64 -13.73
CA LEU A 820 38.45 10.95 -14.28
C LEU A 820 37.45 10.61 -13.19
N ILE A 821 37.95 10.09 -12.07
CA ILE A 821 37.06 9.77 -10.94
C ILE A 821 36.36 11.02 -10.44
N PHE A 822 37.10 12.14 -10.34
CA PHE A 822 36.52 13.39 -9.89
C PHE A 822 35.36 13.82 -10.79
N PHE A 823 35.60 13.81 -12.10
CA PHE A 823 34.56 14.23 -13.03
C PHE A 823 33.35 13.31 -12.99
N ILE A 824 33.58 11.99 -12.92
CA ILE A 824 32.47 11.06 -12.82
C ILE A 824 31.66 11.34 -11.56
N VAL A 825 32.36 11.56 -10.43
CA VAL A 825 31.68 11.76 -9.16
C VAL A 825 30.77 12.97 -9.22
N TRP A 826 31.26 14.09 -9.76
CA TRP A 826 30.40 15.29 -9.74
C TRP A 826 29.32 15.25 -10.81
N ILE A 827 29.61 14.69 -11.99
CA ILE A 827 28.58 14.57 -13.01
C ILE A 827 27.44 13.69 -12.52
N SER A 828 27.76 12.62 -11.77
CA SER A 828 26.71 11.84 -11.14
C SER A 828 26.11 12.51 -9.92
N PHE A 829 26.84 13.44 -9.30
CA PHE A 829 26.31 14.16 -8.14
C PHE A 829 25.15 15.07 -8.55
N ILE A 830 25.24 15.68 -9.72
CA ILE A 830 24.20 16.64 -10.15
C ILE A 830 22.80 16.01 -10.04
N PRO A 831 22.50 14.90 -10.73
CA PRO A 831 21.13 14.35 -10.61
C PRO A 831 20.77 13.90 -9.22
N ALA A 832 21.75 13.42 -8.44
CA ALA A 832 21.46 12.95 -7.09
C ALA A 832 20.99 14.09 -6.20
N TYR A 833 21.63 15.24 -6.31
CA TYR A 833 21.17 16.42 -5.56
C TYR A 833 19.84 16.92 -6.10
N ALA A 834 19.66 16.87 -7.42
CA ALA A 834 18.43 17.37 -8.02
C ALA A 834 17.22 16.54 -7.59
N SER A 835 17.41 15.23 -7.41
CA SER A 835 16.28 14.34 -7.14
C SER A 835 15.99 14.15 -5.65
N THR A 836 16.87 14.60 -4.76
CA THR A 836 16.69 14.36 -3.34
C THR A 836 15.84 15.46 -2.72
N TYR A 837 14.89 15.07 -1.87
CA TYR A 837 14.00 15.99 -1.18
C TYR A 837 14.00 15.66 0.31
N GLY A 838 14.37 16.64 1.14
CA GLY A 838 14.40 16.45 2.57
C GLY A 838 15.76 16.67 3.18
N LYS A 839 15.99 16.10 4.37
CA LYS A 839 17.28 16.20 5.03
C LYS A 839 18.40 15.49 4.26
N PHE A 840 18.12 14.32 3.69
CA PHE A 840 19.11 13.47 3.05
C PHE A 840 19.89 14.18 1.96
N VAL A 841 19.46 15.37 1.52
CA VAL A 841 20.26 16.13 0.57
C VAL A 841 21.67 16.34 1.11
N SER A 842 21.78 16.72 2.39
CA SER A 842 23.10 16.88 2.99
C SER A 842 23.92 15.61 2.81
N ALA A 843 23.29 14.45 3.00
CA ALA A 843 23.99 13.18 2.89
C ALA A 843 24.74 13.09 1.58
N VAL A 844 24.09 13.50 0.47
CA VAL A 844 24.73 13.28 -0.83
C VAL A 844 26.07 14.00 -0.88
N GLU A 845 26.13 15.22 -0.33
CA GLU A 845 27.39 15.94 -0.33
C GLU A 845 28.43 15.19 0.49
N VAL A 846 28.04 14.74 1.69
CA VAL A 846 28.96 13.99 2.53
C VAL A 846 29.43 12.74 1.81
N ILE A 847 28.62 12.22 0.89
CA ILE A 847 29.11 11.12 0.06
C ILE A 847 30.09 11.63 -0.96
N ALA A 848 29.65 12.58 -1.80
CA ALA A 848 30.43 12.95 -2.98
C ALA A 848 31.84 13.38 -2.59
N ILE A 849 31.93 14.35 -1.67
CA ILE A 849 33.23 14.79 -1.17
C ILE A 849 34.10 13.60 -0.85
N LEU A 850 33.63 12.74 0.06
CA LEU A 850 34.43 11.61 0.50
C LEU A 850 34.93 10.83 -0.69
N ALA A 851 34.01 10.44 -1.59
CA ALA A 851 34.39 9.61 -2.72
C ALA A 851 35.53 10.27 -3.47
N ALA A 852 35.33 11.53 -3.87
CA ALA A 852 36.36 12.22 -4.65
C ALA A 852 37.68 12.16 -3.92
N SER A 853 37.68 12.59 -2.64
CA SER A 853 38.91 12.62 -1.88
C SER A 853 39.59 11.26 -1.91
N PHE A 854 38.83 10.21 -1.59
CA PHE A 854 39.41 8.88 -1.51
C PHE A 854 40.13 8.55 -2.79
N GLY A 855 39.43 8.72 -3.93
CA GLY A 855 39.99 8.39 -5.21
C GLY A 855 41.34 9.07 -5.33
N LEU A 856 41.33 10.39 -5.21
CA LEU A 856 42.54 11.18 -5.35
C LEU A 856 43.67 10.54 -4.53
N LEU A 857 43.43 10.40 -3.23
CA LEU A 857 44.48 9.94 -2.33
C LEU A 857 45.08 8.64 -2.84
N ALA A 858 44.21 7.66 -3.12
CA ALA A 858 44.72 6.36 -3.54
C ALA A 858 45.59 6.51 -4.77
N CYS A 859 45.04 7.16 -5.80
CA CYS A 859 45.72 7.19 -7.09
C CYS A 859 47.08 7.86 -6.97
N ILE A 860 47.27 8.69 -5.96
CA ILE A 860 48.52 9.43 -5.87
C ILE A 860 49.46 8.87 -4.82
N PHE A 861 48.99 8.02 -3.90
CA PHE A 861 49.77 7.81 -2.68
C PHE A 861 49.89 6.37 -2.21
N PHE A 862 49.30 5.40 -2.90
CA PHE A 862 49.32 4.05 -2.35
C PHE A 862 50.18 3.06 -3.11
N ASN A 863 50.27 3.16 -4.44
CA ASN A 863 51.24 2.34 -5.15
C ASN A 863 52.65 2.59 -4.62
N LYS A 864 53.03 3.87 -4.50
CA LYS A 864 54.29 4.21 -3.85
C LYS A 864 54.35 3.61 -2.45
N ILE A 865 53.23 3.61 -1.73
CA ILE A 865 53.20 3.00 -0.40
C ILE A 865 53.62 1.54 -0.50
N TYR A 866 53.06 0.80 -1.47
CA TYR A 866 53.39 -0.61 -1.60
C TYR A 866 54.89 -0.80 -1.80
N ILE A 867 55.55 0.22 -2.33
CA ILE A 867 56.99 0.13 -2.58
C ILE A 867 57.77 0.48 -1.31
N ILE A 868 57.33 1.50 -0.57
CA ILE A 868 58.18 2.05 0.48
C ILE A 868 58.20 1.15 1.70
N LEU A 869 57.10 0.47 2.00
CA LEU A 869 57.01 -0.43 3.15
C LEU A 869 57.15 -1.88 2.71
N PHE A 870 56.29 -2.35 1.80
CA PHE A 870 56.40 -3.72 1.30
C PHE A 870 57.45 -3.80 0.19
N LYS A 871 58.00 -5.01 0.03
CA LYS A 871 59.10 -5.30 -0.88
C LYS A 871 60.17 -4.20 -0.90
N PRO A 872 60.91 -4.02 0.20
CA PRO A 872 61.83 -2.88 0.30
C PRO A 872 63.02 -2.95 -0.65
N SER A 873 62.74 -3.00 -1.95
CA SER A 873 63.78 -3.03 -2.96
C SER A 873 64.18 -1.63 -3.40
N GLY B 29 -79.67 60.71 33.62
CA GLY B 29 -78.56 60.86 34.55
C GLY B 29 -77.59 61.95 34.19
N PRO B 30 -76.45 61.58 33.60
CA PRO B 30 -75.44 62.58 33.24
C PRO B 30 -75.99 63.63 32.28
N ASP B 31 -75.51 64.86 32.44
CA ASP B 31 -75.94 65.99 31.64
C ASP B 31 -75.20 65.99 30.30
N GLN B 32 -75.43 67.03 29.49
CA GLN B 32 -74.82 67.22 28.18
C GLN B 32 -75.21 66.15 27.18
N ARG B 33 -76.13 65.25 27.54
CA ARG B 33 -76.46 64.09 26.73
C ARG B 33 -77.26 64.50 25.49
N ALA B 34 -77.64 63.50 24.70
CA ALA B 34 -78.54 63.68 23.57
C ALA B 34 -79.70 62.70 23.74
N GLN B 35 -80.91 63.22 23.94
CA GLN B 35 -82.04 62.39 24.29
C GLN B 35 -83.23 62.67 23.39
N LYS B 36 -84.02 61.63 23.14
CA LYS B 36 -85.26 61.76 22.40
C LYS B 36 -86.18 60.62 22.79
N LYS B 37 -87.46 60.94 22.98
CA LYS B 37 -88.45 59.99 23.45
C LYS B 37 -89.01 59.16 22.30
N GLY B 38 -89.39 57.93 22.62
CA GLY B 38 -89.97 57.03 21.64
C GLY B 38 -90.54 55.81 22.32
N ASP B 39 -91.16 54.95 21.51
CA ASP B 39 -91.74 53.72 22.05
C ASP B 39 -90.66 52.76 22.50
N ILE B 40 -89.53 52.71 21.79
CA ILE B 40 -88.41 51.84 22.12
C ILE B 40 -87.15 52.69 22.20
N ILE B 41 -86.38 52.48 23.28
CA ILE B 41 -85.23 53.32 23.59
C ILE B 41 -83.95 52.54 23.32
N LEU B 42 -82.99 53.18 22.67
CA LEU B 42 -81.67 52.62 22.41
C LEU B 42 -80.61 53.52 23.03
N GLY B 43 -79.71 52.92 23.83
CA GLY B 43 -78.65 53.68 24.43
C GLY B 43 -77.43 53.81 23.54
N GLY B 44 -76.60 54.79 23.85
CA GLY B 44 -75.40 55.03 23.07
C GLY B 44 -74.25 55.47 23.97
N LEU B 45 -73.04 55.17 23.52
CA LEU B 45 -71.82 55.55 24.23
C LEU B 45 -70.77 55.91 23.19
N PHE B 46 -70.40 57.18 23.15
CA PHE B 46 -69.45 57.67 22.15
C PHE B 46 -68.43 58.57 22.81
N PRO B 47 -67.17 58.51 22.37
CA PRO B 47 -66.16 59.44 22.88
C PRO B 47 -66.28 60.82 22.26
N ILE B 48 -66.75 61.79 23.04
CA ILE B 48 -66.78 63.18 22.57
C ILE B 48 -65.52 63.93 22.98
N HIS B 49 -64.79 63.42 23.98
CA HIS B 49 -63.51 63.98 24.38
C HIS B 49 -62.47 62.87 24.42
N PHE B 50 -61.23 63.22 24.10
CA PHE B 50 -60.16 62.22 24.08
C PHE B 50 -59.84 61.69 25.47
N GLY B 51 -59.87 62.54 26.47
CA GLY B 51 -59.52 62.09 27.80
C GLY B 51 -60.00 63.06 28.86
N VAL B 52 -59.59 62.78 30.09
CA VAL B 52 -60.00 63.56 31.25
C VAL B 52 -58.82 64.40 31.73
N ALA B 53 -59.10 65.29 32.67
CA ALA B 53 -58.07 66.16 33.23
C ALA B 53 -57.09 65.35 34.09
N ALA B 54 -55.87 65.87 34.18
CA ALA B 54 -54.79 65.23 34.92
C ALA B 54 -54.78 65.61 36.40
N LYS B 55 -55.89 66.12 36.92
CA LYS B 55 -55.96 66.51 38.33
C LYS B 55 -55.85 65.28 39.22
N ASP B 56 -55.02 65.40 40.25
CA ASP B 56 -54.85 64.35 41.24
C ASP B 56 -55.56 64.73 42.53
N GLN B 57 -56.12 63.73 43.20
CA GLN B 57 -56.91 63.92 44.41
C GLN B 57 -56.15 63.39 45.61
N ASP B 58 -55.79 64.28 46.53
CA ASP B 58 -55.13 63.89 47.77
C ASP B 58 -56.11 63.52 48.86
N LEU B 59 -57.41 63.58 48.58
CA LEU B 59 -58.47 63.19 49.52
C LEU B 59 -58.48 64.09 50.75
N LYS B 60 -57.95 65.30 50.62
CA LYS B 60 -58.12 66.29 51.68
C LYS B 60 -59.52 66.89 51.67
N SER B 61 -60.09 67.07 50.48
CA SER B 61 -61.46 67.51 50.31
C SER B 61 -62.27 66.39 49.67
N ARG B 62 -63.59 66.53 49.72
CA ARG B 62 -64.46 65.52 49.15
C ARG B 62 -64.26 65.46 47.64
N PRO B 63 -64.04 64.27 47.07
CA PRO B 63 -63.86 64.16 45.61
C PRO B 63 -65.10 64.61 44.87
N GLU B 64 -64.92 65.57 43.97
CA GLU B 64 -66.05 66.18 43.28
C GLU B 64 -66.33 65.52 41.92
N SER B 65 -65.38 65.66 40.99
CA SER B 65 -65.56 65.17 39.62
C SER B 65 -64.29 65.44 38.83
N VAL B 66 -64.26 64.91 37.61
CA VAL B 66 -63.15 65.12 36.67
C VAL B 66 -63.74 65.62 35.36
N GLU B 67 -63.15 66.68 34.82
CA GLU B 67 -63.61 67.28 33.57
C GLU B 67 -62.76 66.79 32.40
N CYS B 68 -63.39 66.69 31.24
CA CYS B 68 -62.77 66.22 30.02
C CYS B 68 -62.19 67.40 29.23
N ILE B 69 -61.12 67.13 28.46
CA ILE B 69 -60.32 68.23 27.91
C ILE B 69 -60.53 68.43 26.41
N ARG B 70 -60.12 67.45 25.60
CA ARG B 70 -59.95 67.68 24.18
C ARG B 70 -61.13 67.17 23.38
N TYR B 71 -61.80 68.08 22.66
CA TYR B 71 -62.97 67.72 21.88
C TYR B 71 -62.57 66.81 20.72
N ASN B 72 -63.37 65.77 20.49
CA ASN B 72 -63.14 64.81 19.42
C ASN B 72 -64.27 64.94 18.41
N PHE B 73 -63.95 65.43 17.20
CA PHE B 73 -64.97 65.63 16.18
C PHE B 73 -65.43 64.31 15.57
N ARG B 74 -64.55 63.32 15.51
CA ARG B 74 -64.89 62.02 14.93
C ARG B 74 -65.97 61.32 15.74
N GLY B 75 -65.88 61.41 17.08
CA GLY B 75 -66.94 60.86 17.92
C GLY B 75 -68.26 61.56 17.70
N PHE B 76 -68.23 62.88 17.48
CA PHE B 76 -69.46 63.61 17.19
C PHE B 76 -70.05 63.15 15.85
N ARG B 77 -69.20 62.89 14.86
CA ARG B 77 -69.69 62.34 13.60
C ARG B 77 -70.30 60.96 13.78
N TRP B 78 -69.72 60.12 14.62
CA TRP B 78 -70.30 58.81 14.91
C TRP B 78 -71.67 58.94 15.59
N LEU B 79 -71.77 59.87 16.54
CA LEU B 79 -73.06 60.15 17.18
C LEU B 79 -74.10 60.61 16.17
N GLN B 80 -73.69 61.50 15.26
CA GLN B 80 -74.58 61.96 14.21
C GLN B 80 -75.00 60.81 13.30
N ALA B 81 -74.09 59.87 13.06
CA ALA B 81 -74.44 58.69 12.26
C ALA B 81 -75.52 57.86 12.94
N MET B 82 -75.38 57.66 14.25
CA MET B 82 -76.41 56.94 14.99
C MET B 82 -77.76 57.65 14.91
N ILE B 83 -77.75 58.97 15.12
CA ILE B 83 -79.00 59.74 15.08
C ILE B 83 -79.63 59.68 13.69
N PHE B 84 -78.81 59.80 12.66
CA PHE B 84 -79.31 59.75 11.29
C PHE B 84 -79.92 58.40 10.97
N ALA B 85 -79.27 57.32 11.41
CA ALA B 85 -79.84 55.98 11.19
C ALA B 85 -81.18 55.83 11.89
N ILE B 86 -81.27 56.30 13.14
CA ILE B 86 -82.52 56.17 13.89
C ILE B 86 -83.62 56.96 13.21
N GLU B 87 -83.31 58.19 12.77
CA GLU B 87 -84.31 59.01 12.08
C GLU B 87 -84.74 58.37 10.76
N GLU B 88 -83.80 57.76 10.03
CA GLU B 88 -84.16 57.06 8.80
C GLU B 88 -85.10 55.90 9.09
N ILE B 89 -84.84 55.15 10.15
CA ILE B 89 -85.72 54.03 10.50
C ILE B 89 -87.10 54.53 10.91
N ASN B 90 -87.17 55.68 11.60
CA ASN B 90 -88.45 56.21 12.03
C ASN B 90 -89.30 56.74 10.88
N SER B 91 -88.71 56.96 9.71
CA SER B 91 -89.43 57.50 8.56
C SER B 91 -89.66 56.47 7.46
N SER B 92 -89.54 55.17 7.77
CA SER B 92 -89.72 54.13 6.76
C SER B 92 -91.02 53.40 7.00
N PRO B 93 -91.99 53.51 6.10
CA PRO B 93 -93.21 52.67 6.24
C PRO B 93 -92.92 51.19 6.11
N ALA B 94 -91.75 50.82 5.58
CA ALA B 94 -91.42 49.40 5.41
C ALA B 94 -90.93 48.79 6.73
N LEU B 95 -89.95 49.42 7.36
CA LEU B 95 -89.31 48.87 8.55
C LEU B 95 -89.93 49.46 9.81
N LEU B 96 -90.48 48.59 10.67
CA LEU B 96 -91.12 48.93 11.93
C LEU B 96 -92.28 49.93 11.75
N PRO B 97 -93.27 49.60 10.92
CA PRO B 97 -94.54 50.30 10.98
C PRO B 97 -95.05 50.45 12.40
N ASN B 98 -95.68 51.59 12.64
CA ASN B 98 -96.41 51.89 13.87
C ASN B 98 -95.54 51.86 15.10
N LEU B 99 -94.24 52.04 14.97
CA LEU B 99 -93.32 52.05 16.11
C LEU B 99 -92.34 53.19 15.93
N THR B 100 -92.01 53.88 17.02
CA THR B 100 -91.08 54.99 17.03
C THR B 100 -89.91 54.65 17.97
N LEU B 101 -88.70 54.94 17.51
CA LEU B 101 -87.48 54.66 18.26
C LEU B 101 -86.97 55.93 18.91
N GLY B 102 -86.62 55.84 20.20
CA GLY B 102 -85.97 56.91 20.91
C GLY B 102 -84.54 56.54 21.26
N TYR B 103 -83.84 57.49 21.87
CA TYR B 103 -82.45 57.25 22.21
C TYR B 103 -82.04 58.09 23.41
N ARG B 104 -80.99 57.61 24.09
CA ARG B 104 -80.35 58.31 25.21
C ARG B 104 -78.85 58.08 25.04
N ILE B 105 -78.14 59.10 24.56
CA ILE B 105 -76.73 58.98 24.19
C ILE B 105 -75.90 59.84 25.13
N PHE B 106 -74.86 59.23 25.70
CA PHE B 106 -73.98 59.87 26.67
C PHE B 106 -72.55 59.92 26.12
N ASP B 107 -71.67 60.52 26.89
CA ASP B 107 -70.26 60.64 26.56
C ASP B 107 -69.42 59.84 27.55
N THR B 108 -68.36 59.19 27.04
CA THR B 108 -67.50 58.35 27.86
C THR B 108 -66.13 58.93 28.12
N CYS B 109 -65.61 59.77 27.22
CA CYS B 109 -64.27 60.36 27.35
C CYS B 109 -63.18 59.30 27.42
N ASN B 110 -63.42 58.14 26.81
CA ASN B 110 -62.45 57.04 26.77
C ASN B 110 -62.03 56.62 28.17
N THR B 111 -62.96 56.71 29.12
CA THR B 111 -62.68 56.41 30.52
C THR B 111 -63.77 55.49 31.05
N VAL B 112 -63.38 54.57 31.94
CA VAL B 112 -64.29 53.55 32.43
C VAL B 112 -65.38 54.16 33.32
N SER B 113 -65.01 55.16 34.13
CA SER B 113 -65.91 55.67 35.15
C SER B 113 -67.16 56.31 34.55
N LYS B 114 -66.99 57.18 33.56
CA LYS B 114 -68.12 57.86 32.96
C LYS B 114 -69.06 56.87 32.26
N ALA B 115 -68.47 55.91 31.54
CA ALA B 115 -69.28 54.89 30.89
C ALA B 115 -70.02 54.03 31.91
N LEU B 116 -69.41 53.80 33.07
CA LEU B 116 -70.08 53.03 34.11
C LEU B 116 -71.25 53.81 34.70
N GLU B 117 -71.09 55.12 34.87
CA GLU B 117 -72.20 55.95 35.31
C GLU B 117 -73.35 55.90 34.31
N ALA B 118 -73.01 56.03 33.02
CA ALA B 118 -74.04 55.94 31.98
C ALA B 118 -74.71 54.57 31.96
N THR B 119 -73.95 53.50 32.16
CA THR B 119 -74.53 52.16 32.18
C THR B 119 -75.44 51.97 33.40
N LEU B 120 -75.07 52.54 34.55
CA LEU B 120 -75.95 52.52 35.70
C LEU B 120 -77.26 53.24 35.40
N SER B 121 -77.16 54.38 34.72
CA SER B 121 -78.37 55.08 34.27
C SER B 121 -79.20 54.20 33.36
N PHE B 122 -78.54 53.46 32.47
CA PHE B 122 -79.24 52.58 31.54
C PHE B 122 -80.00 51.48 32.29
N VAL B 123 -79.34 50.84 33.27
CA VAL B 123 -79.90 49.64 33.89
C VAL B 123 -80.57 50.00 35.22
N ALA B 124 -80.86 51.28 35.44
CA ALA B 124 -81.63 51.70 36.61
C ALA B 124 -82.84 50.79 36.87
N GLN B 125 -83.71 50.63 35.87
CA GLN B 125 -84.95 49.89 36.09
C GLN B 125 -84.68 48.44 36.46
N ASN B 126 -83.88 47.74 35.66
CA ASN B 126 -83.63 46.33 35.90
C ASN B 126 -82.94 46.12 37.23
N LYS B 127 -82.04 47.04 37.60
CA LYS B 127 -81.31 46.94 38.86
C LYS B 127 -82.24 47.14 40.03
N ILE B 128 -83.17 48.11 39.93
CA ILE B 128 -84.15 48.32 41.00
C ILE B 128 -85.02 47.09 41.15
N ASP B 129 -85.44 46.50 40.03
CA ASP B 129 -86.28 45.32 40.08
C ASP B 129 -85.56 44.14 40.72
N SER B 130 -84.31 43.88 40.29
CA SER B 130 -83.61 42.69 40.75
C SER B 130 -83.12 42.84 42.18
N LEU B 131 -82.57 44.00 42.53
CA LEU B 131 -81.99 44.18 43.87
C LEU B 131 -83.05 44.10 44.96
N ASN B 132 -84.22 44.68 44.74
CA ASN B 132 -85.29 44.66 45.72
C ASN B 132 -85.96 43.28 45.76
N ILE B 143 -89.04 55.90 35.04
CA ILE B 143 -87.71 55.56 34.58
C ILE B 143 -87.80 54.86 33.23
N PRO B 144 -87.05 55.33 32.24
CA PRO B 144 -87.07 54.71 30.92
C PRO B 144 -86.40 53.35 30.92
N SER B 145 -86.77 52.54 29.94
CA SER B 145 -86.20 51.21 29.73
C SER B 145 -85.53 51.16 28.36
N THR B 146 -84.28 50.72 28.34
CA THR B 146 -83.50 50.63 27.12
C THR B 146 -83.49 49.18 26.64
N ILE B 147 -83.74 48.98 25.35
CA ILE B 147 -83.79 47.62 24.81
C ILE B 147 -82.42 47.15 24.34
N ALA B 148 -81.50 48.06 24.02
CA ALA B 148 -80.18 47.70 23.55
C ALA B 148 -79.27 48.91 23.67
N VAL B 149 -77.96 48.66 23.62
CA VAL B 149 -76.94 49.69 23.76
C VAL B 149 -75.97 49.59 22.60
N VAL B 150 -75.61 50.74 22.04
CA VAL B 150 -74.61 50.83 20.98
C VAL B 150 -73.36 51.48 21.56
N GLY B 151 -72.25 50.76 21.51
CA GLY B 151 -71.00 51.21 22.09
C GLY B 151 -70.27 50.07 22.77
N ALA B 152 -69.02 50.30 23.18
CA ALA B 152 -68.26 51.55 23.08
C ALA B 152 -67.00 51.33 22.24
N THR B 153 -66.13 52.34 22.20
CA THR B 153 -64.94 52.33 21.36
C THR B 153 -63.82 51.47 21.92
N GLY B 154 -63.36 51.79 23.13
CA GLY B 154 -62.26 51.03 23.72
C GLY B 154 -62.68 49.64 24.14
N SER B 155 -61.66 48.79 24.35
CA SER B 155 -61.93 47.41 24.73
C SER B 155 -62.08 47.25 26.24
N GLY B 156 -61.30 48.00 27.03
CA GLY B 156 -61.49 47.96 28.47
C GLY B 156 -62.82 48.57 28.88
N VAL B 157 -63.18 49.69 28.25
CA VAL B 157 -64.48 50.30 28.49
C VAL B 157 -65.59 49.33 28.10
N SER B 158 -65.44 48.67 26.96
CA SER B 158 -66.45 47.71 26.51
C SER B 158 -66.56 46.54 27.47
N THR B 159 -65.43 46.07 28.01
CA THR B 159 -65.47 44.98 28.98
C THR B 159 -66.19 45.39 30.25
N ALA B 160 -65.87 46.58 30.77
CA ALA B 160 -66.52 47.05 31.99
C ALA B 160 -68.02 47.25 31.79
N VAL B 161 -68.41 47.75 30.61
CA VAL B 161 -69.83 47.92 30.31
C VAL B 161 -70.50 46.58 30.11
N ALA B 162 -69.81 45.63 29.46
CA ALA B 162 -70.42 44.35 29.13
C ALA B 162 -70.65 43.50 30.37
N ASN B 163 -69.79 43.60 31.38
CA ASN B 163 -70.07 42.91 32.63
C ASN B 163 -71.44 43.30 33.18
N LEU B 164 -71.66 44.61 33.32
CA LEU B 164 -72.91 45.10 33.89
C LEU B 164 -74.10 44.80 32.98
N LEU B 165 -73.90 44.89 31.67
CA LEU B 165 -75.02 44.67 30.76
C LEU B 165 -75.38 43.19 30.63
N GLY B 166 -74.39 42.31 30.69
CA GLY B 166 -74.69 40.88 30.69
C GLY B 166 -75.23 40.42 32.02
N LEU B 167 -75.03 41.22 33.07
CA LEU B 167 -75.74 40.97 34.32
C LEU B 167 -77.25 41.05 34.15
N PHE B 168 -77.75 41.71 33.10
CA PHE B 168 -79.19 41.86 32.89
C PHE B 168 -79.65 41.39 31.52
N TYR B 169 -78.78 40.76 30.73
CA TYR B 169 -79.12 40.24 29.41
C TYR B 169 -79.65 41.32 28.47
N ILE B 170 -78.97 42.47 28.45
CA ILE B 170 -79.28 43.57 27.55
C ILE B 170 -78.30 43.52 26.38
N PRO B 171 -78.76 43.35 25.14
CA PRO B 171 -77.83 43.28 24.01
C PRO B 171 -76.99 44.54 23.88
N GLN B 172 -75.73 44.35 23.52
CA GLN B 172 -74.78 45.45 23.32
C GLN B 172 -74.00 45.20 22.04
N VAL B 173 -74.18 46.09 21.07
CA VAL B 173 -73.51 45.99 19.77
C VAL B 173 -72.49 47.10 19.70
N SER B 174 -71.22 46.73 19.62
CA SER B 174 -70.12 47.68 19.55
C SER B 174 -69.72 47.93 18.09
N TYR B 175 -69.01 49.04 17.87
CA TYR B 175 -68.59 49.43 16.53
C TYR B 175 -67.07 49.51 16.36
N ALA B 176 -66.31 49.58 17.45
CA ALA B 176 -64.86 49.73 17.31
C ALA B 176 -64.05 48.87 18.27
N SER B 177 -64.67 47.98 19.04
CA SER B 177 -63.91 47.10 19.94
C SER B 177 -63.53 45.83 19.22
N SER B 178 -62.23 45.60 19.03
CA SER B 178 -61.74 44.51 18.19
C SER B 178 -60.86 43.53 18.97
N SER B 179 -60.93 43.56 20.31
CA SER B 179 -60.12 42.67 21.11
C SER B 179 -60.66 41.24 21.00
N ARG B 180 -59.76 40.28 21.19
CA ARG B 180 -60.12 38.87 21.15
C ARG B 180 -60.72 38.36 22.45
N LEU B 181 -60.53 39.09 23.55
CA LEU B 181 -61.06 38.65 24.84
C LEU B 181 -62.57 38.81 24.92
N LEU B 182 -63.16 39.63 24.06
CA LEU B 182 -64.60 39.83 24.05
C LEU B 182 -65.34 38.74 23.28
N SER B 183 -64.62 37.81 22.66
CA SER B 183 -65.23 36.66 21.99
C SER B 183 -65.56 35.54 22.96
N ASN B 184 -65.11 35.62 24.21
CA ASN B 184 -65.41 34.60 25.21
C ASN B 184 -66.86 34.78 25.66
N LYS B 185 -67.71 33.81 25.32
CA LYS B 185 -69.13 33.87 25.62
C LYS B 185 -69.49 33.25 26.97
N ASN B 186 -68.52 32.67 27.66
CA ASN B 186 -68.75 32.21 29.03
C ASN B 186 -68.63 33.33 30.05
N GLN B 187 -68.19 34.51 29.63
CA GLN B 187 -68.16 35.70 30.47
C GLN B 187 -69.04 36.81 29.92
N PHE B 188 -68.97 37.08 28.62
CA PHE B 188 -69.77 38.10 27.98
C PHE B 188 -70.88 37.41 27.20
N LYS B 189 -72.11 37.51 27.69
CA LYS B 189 -73.23 36.78 27.15
C LYS B 189 -74.03 37.56 26.11
N SER B 190 -74.04 38.88 26.18
CA SER B 190 -74.85 39.71 25.30
C SER B 190 -74.03 40.72 24.52
N PHE B 191 -72.82 40.34 24.10
CA PHE B 191 -71.94 41.22 23.36
C PHE B 191 -71.88 40.80 21.89
N LEU B 192 -72.06 41.77 21.00
CA LEU B 192 -71.88 41.58 19.57
C LEU B 192 -71.13 42.77 19.02
N ARG B 193 -70.53 42.60 17.85
CA ARG B 193 -69.72 43.66 17.27
C ARG B 193 -69.84 43.63 15.75
N THR B 194 -69.81 44.81 15.14
CA THR B 194 -69.79 44.96 13.69
C THR B 194 -68.39 45.30 13.18
N ILE B 195 -67.37 44.92 13.92
CA ILE B 195 -65.97 45.12 13.54
C ILE B 195 -65.28 43.77 13.60
N PRO B 196 -64.35 43.46 12.70
CA PRO B 196 -63.68 42.16 12.75
C PRO B 196 -62.76 42.05 13.96
N ASN B 197 -62.37 40.80 14.23
CA ASN B 197 -61.43 40.51 15.31
C ASN B 197 -60.01 40.88 14.88
N ASP B 198 -59.11 40.93 15.85
CA ASP B 198 -57.76 41.45 15.66
C ASP B 198 -56.73 40.38 15.35
N GLU B 199 -57.13 39.11 15.25
CA GLU B 199 -56.17 38.04 15.01
C GLU B 199 -55.65 38.09 13.58
N HIS B 200 -56.55 38.27 12.61
CA HIS B 200 -56.15 38.32 11.22
C HIS B 200 -55.21 39.49 10.96
N GLN B 201 -55.37 40.59 11.69
CA GLN B 201 -54.48 41.73 11.52
C GLN B 201 -53.06 41.40 11.94
N ALA B 202 -52.90 40.71 13.08
CA ALA B 202 -51.56 40.31 13.51
C ALA B 202 -50.95 39.31 12.53
N THR B 203 -51.75 38.35 12.06
CA THR B 203 -51.27 37.43 11.04
C THR B 203 -50.84 38.19 9.78
N ALA B 204 -51.58 39.24 9.42
CA ALA B 204 -51.25 40.04 8.26
C ALA B 204 -49.94 40.81 8.45
N MET B 205 -49.70 41.36 9.63
CA MET B 205 -48.41 42.01 9.88
C MET B 205 -47.27 41.00 9.80
N ALA B 206 -47.48 39.80 10.32
CA ALA B 206 -46.48 38.75 10.17
C ALA B 206 -46.20 38.47 8.69
N ASP B 207 -47.27 38.40 7.90
CA ASP B 207 -47.13 38.14 6.47
C ASP B 207 -46.38 39.28 5.78
N ILE B 208 -46.66 40.52 6.18
CA ILE B 208 -45.99 41.67 5.58
C ILE B 208 -44.51 41.66 5.92
N ILE B 209 -44.16 41.34 7.17
CA ILE B 209 -42.75 41.27 7.55
C ILE B 209 -42.06 40.16 6.77
N GLU B 210 -42.71 39.02 6.59
CA GLU B 210 -42.12 37.94 5.82
C GLU B 210 -41.98 38.29 4.35
N TYR B 211 -42.92 39.10 3.83
CA TYR B 211 -42.94 39.41 2.40
C TYR B 211 -41.73 40.23 1.98
N PHE B 212 -41.31 41.18 2.81
CA PHE B 212 -40.15 42.01 2.52
C PHE B 212 -38.85 41.38 2.98
N ARG B 213 -38.90 40.16 3.54
CA ARG B 213 -37.72 39.41 3.95
C ARG B 213 -36.93 40.14 5.03
N TRP B 214 -37.59 40.36 6.17
CA TRP B 214 -36.96 40.88 7.37
C TRP B 214 -37.00 39.81 8.46
N ASN B 215 -36.02 39.88 9.37
CA ASN B 215 -36.02 39.03 10.54
C ASN B 215 -35.68 39.74 11.83
N TRP B 216 -35.28 41.01 11.79
CA TRP B 216 -34.87 41.77 12.98
C TRP B 216 -35.87 42.90 13.17
N VAL B 217 -36.79 42.73 14.11
CA VAL B 217 -37.88 43.68 14.34
C VAL B 217 -38.00 43.97 15.83
N GLY B 218 -38.74 45.02 16.15
CA GLY B 218 -39.09 45.33 17.52
C GLY B 218 -40.59 45.53 17.64
N THR B 219 -41.07 45.49 18.88
CA THR B 219 -42.50 45.55 19.16
C THR B 219 -42.79 46.56 20.26
N ILE B 220 -43.91 47.28 20.10
CA ILE B 220 -44.42 48.20 21.10
C ILE B 220 -45.92 48.02 21.17
N ALA B 221 -46.47 47.99 22.38
CA ALA B 221 -47.89 47.78 22.58
C ALA B 221 -48.40 48.70 23.68
N ALA B 222 -49.72 48.85 23.72
CA ALA B 222 -50.40 49.63 24.75
C ALA B 222 -50.83 48.70 25.88
N ASP B 223 -50.62 49.15 27.12
CA ASP B 223 -50.89 48.33 28.30
C ASP B 223 -52.38 48.38 28.62
N ASP B 224 -53.17 47.76 27.75
CA ASP B 224 -54.61 47.70 27.91
C ASP B 224 -55.08 46.35 27.35
N ASP B 225 -56.39 46.21 27.16
CA ASP B 225 -56.99 44.99 26.64
C ASP B 225 -56.99 44.95 25.11
N TYR B 226 -56.24 45.83 24.46
CA TYR B 226 -56.18 45.91 23.01
C TYR B 226 -54.80 45.63 22.44
N GLY B 227 -53.75 46.10 23.12
CA GLY B 227 -52.40 45.92 22.61
C GLY B 227 -51.75 44.60 22.99
N ARG B 228 -51.93 44.18 24.23
CA ARG B 228 -51.28 42.95 24.72
C ARG B 228 -51.71 41.70 23.96
N PRO B 229 -53.00 41.39 23.79
CA PRO B 229 -53.34 40.17 23.02
C PRO B 229 -52.87 40.21 21.59
N GLY B 230 -52.97 41.36 20.93
CA GLY B 230 -52.51 41.46 19.56
C GLY B 230 -51.02 41.27 19.43
N ILE B 231 -50.25 41.85 20.35
CA ILE B 231 -48.81 41.70 20.29
C ILE B 231 -48.40 40.28 20.65
N GLU B 232 -49.19 39.60 21.51
CA GLU B 232 -48.91 38.21 21.81
C GLU B 232 -49.16 37.32 20.60
N LYS B 233 -50.26 37.56 19.90
CA LYS B 233 -50.55 36.81 18.67
C LYS B 233 -49.47 37.06 17.62
N PHE B 234 -49.02 38.31 17.50
CA PHE B 234 -47.94 38.62 16.56
C PHE B 234 -46.65 37.91 16.95
N ARG B 235 -46.36 37.85 18.25
CA ARG B 235 -45.16 37.16 18.72
C ARG B 235 -45.22 35.69 18.35
N GLU B 236 -46.37 35.05 18.54
CA GLU B 236 -46.51 33.65 18.17
C GLU B 236 -46.31 33.46 16.67
N GLU B 237 -46.95 34.30 15.86
CA GLU B 237 -46.83 34.17 14.41
C GLU B 237 -45.40 34.41 13.94
N ALA B 238 -44.72 35.38 14.55
CA ALA B 238 -43.34 35.67 14.18
C ALA B 238 -42.40 34.55 14.60
N GLU B 239 -42.69 33.92 15.74
CA GLU B 239 -41.92 32.74 16.15
C GLU B 239 -42.09 31.61 15.14
N GLU B 240 -43.31 31.47 14.61
CA GLU B 240 -43.56 30.47 13.58
C GLU B 240 -42.70 30.68 12.33
N ARG B 241 -42.66 31.92 11.83
CA ARG B 241 -42.01 32.22 10.56
C ARG B 241 -40.53 32.57 10.69
N ASP B 242 -39.87 32.19 11.78
CA ASP B 242 -38.43 32.41 11.97
C ASP B 242 -38.07 33.89 11.93
N ILE B 243 -38.76 34.69 12.73
CA ILE B 243 -38.49 36.12 12.85
C ILE B 243 -38.08 36.40 14.30
N CYS B 244 -36.94 37.08 14.45
CA CYS B 244 -36.40 37.38 15.78
C CYS B 244 -36.85 38.75 16.23
N ILE B 245 -37.32 38.83 17.47
CA ILE B 245 -37.80 40.07 18.06
C ILE B 245 -36.77 40.52 19.09
N ASP B 246 -36.25 41.74 18.91
CA ASP B 246 -35.19 42.23 19.79
C ASP B 246 -35.77 42.73 21.11
N PHE B 247 -36.65 43.73 21.05
CA PHE B 247 -37.20 44.34 22.25
C PHE B 247 -38.72 44.35 22.18
N SER B 248 -39.33 44.52 23.36
CA SER B 248 -40.79 44.58 23.49
C SER B 248 -41.10 45.48 24.67
N GLU B 249 -41.80 46.59 24.40
CA GLU B 249 -42.07 47.59 25.42
C GLU B 249 -43.57 47.85 25.50
N LEU B 250 -44.01 48.22 26.70
CA LEU B 250 -45.39 48.62 26.97
C LEU B 250 -45.42 50.10 27.30
N ILE B 251 -46.29 50.84 26.60
CA ILE B 251 -46.44 52.27 26.82
C ILE B 251 -47.91 52.57 27.10
N SER B 252 -48.14 53.68 27.79
CA SER B 252 -49.49 54.10 28.14
C SER B 252 -49.57 55.62 28.06
N GLN B 253 -50.80 56.11 27.89
CA GLN B 253 -51.03 57.55 27.88
C GLN B 253 -50.70 58.16 29.24
N TYR B 254 -50.89 57.41 30.31
CA TYR B 254 -50.53 57.85 31.66
C TYR B 254 -49.14 57.35 32.06
N SER B 255 -48.15 57.75 31.26
CA SER B 255 -46.76 57.39 31.51
C SER B 255 -45.96 58.63 31.87
N ASP B 256 -45.06 58.48 32.84
CA ASP B 256 -44.21 59.57 33.28
C ASP B 256 -43.00 59.70 32.35
N GLU B 257 -42.13 60.66 32.67
CA GLU B 257 -40.97 60.91 31.83
C GLU B 257 -40.01 59.72 31.83
N GLU B 258 -39.84 59.06 32.98
CA GLU B 258 -38.83 58.02 33.12
C GLU B 258 -39.10 56.85 32.17
N GLU B 259 -40.35 56.40 32.10
CA GLU B 259 -40.67 55.28 31.22
C GLU B 259 -40.44 55.63 29.76
N ILE B 260 -40.82 56.84 29.36
CA ILE B 260 -40.60 57.27 27.98
C ILE B 260 -39.11 57.34 27.67
N GLN B 261 -38.31 57.87 28.60
CA GLN B 261 -36.86 57.93 28.39
C GLN B 261 -36.28 56.53 28.23
N HIS B 262 -36.72 55.59 29.08
CA HIS B 262 -36.25 54.22 28.97
C HIS B 262 -36.62 53.61 27.62
N VAL B 263 -37.87 53.84 27.17
CA VAL B 263 -38.32 53.26 25.92
C VAL B 263 -37.53 53.83 24.75
N VAL B 264 -37.30 55.14 24.74
CA VAL B 264 -36.55 55.74 23.63
C VAL B 264 -35.08 55.32 23.69
N GLU B 265 -34.55 55.09 24.89
CA GLU B 265 -33.19 54.53 24.98
C GLU B 265 -33.14 53.14 24.38
N VAL B 266 -34.17 52.32 24.62
CA VAL B 266 -34.25 50.98 24.06
C VAL B 266 -34.32 51.06 22.55
N ILE B 267 -35.12 52.00 22.03
CA ILE B 267 -35.29 52.12 20.58
C ILE B 267 -33.99 52.59 19.93
N GLN B 268 -33.37 53.63 20.49
CA GLN B 268 -32.07 54.10 20.00
C GLN B 268 -31.03 53.00 20.06
N ASN B 269 -31.13 52.14 21.08
CA ASN B 269 -29.98 51.37 21.53
C ASN B 269 -29.80 50.10 20.71
N SER B 270 -30.76 49.78 19.84
CA SER B 270 -30.76 48.56 19.07
C SER B 270 -30.45 48.84 17.60
N THR B 271 -30.27 47.76 16.84
CA THR B 271 -29.97 47.85 15.41
C THR B 271 -31.17 47.63 14.51
N ALA B 272 -32.28 47.12 15.05
CA ALA B 272 -33.46 46.88 14.23
C ALA B 272 -34.07 48.20 13.76
N LYS B 273 -34.58 48.20 12.53
CA LYS B 273 -35.20 49.38 11.94
C LYS B 273 -36.69 49.21 11.69
N VAL B 274 -37.28 48.07 12.06
CA VAL B 274 -38.68 47.80 11.82
C VAL B 274 -39.37 47.60 13.17
N ILE B 275 -40.37 48.44 13.45
CA ILE B 275 -41.06 48.44 14.73
C ILE B 275 -42.55 48.23 14.48
N VAL B 276 -43.13 47.24 15.14
CA VAL B 276 -44.56 46.97 15.06
C VAL B 276 -45.24 47.53 16.30
N VAL B 277 -46.28 48.33 16.10
CA VAL B 277 -46.96 49.03 17.18
C VAL B 277 -48.43 48.60 17.23
N PHE B 278 -48.85 48.06 18.35
CA PHE B 278 -50.26 47.74 18.62
C PHE B 278 -50.75 48.73 19.68
N SER B 279 -51.31 49.85 19.24
CA SER B 279 -51.72 50.90 20.16
C SER B 279 -52.72 51.81 19.47
N SER B 280 -53.14 52.85 20.21
CA SER B 280 -53.99 53.92 19.71
C SER B 280 -53.28 55.25 19.88
N GLY B 281 -53.78 56.27 19.19
CA GLY B 281 -53.16 57.58 19.20
C GLY B 281 -53.02 58.25 20.54
N PRO B 282 -54.07 58.29 21.37
CA PRO B 282 -53.91 58.87 22.71
C PRO B 282 -52.83 58.18 23.55
N ASP B 283 -52.70 56.87 23.44
CA ASP B 283 -51.68 56.14 24.19
C ASP B 283 -50.31 56.19 23.53
N LEU B 284 -50.22 56.66 22.28
CA LEU B 284 -48.96 56.72 21.55
C LEU B 284 -48.38 58.12 21.44
N GLU B 285 -49.17 59.16 21.71
CA GLU B 285 -48.71 60.54 21.54
C GLU B 285 -47.45 60.89 22.31
N PRO B 286 -47.31 60.57 23.62
CA PRO B 286 -46.10 60.98 24.35
C PRO B 286 -44.81 60.43 23.75
N LEU B 287 -44.81 59.15 23.37
CA LEU B 287 -43.63 58.53 22.80
C LEU B 287 -43.24 59.19 21.48
N ILE B 288 -44.24 59.45 20.63
CA ILE B 288 -43.97 60.08 19.34
C ILE B 288 -43.46 61.50 19.54
N LYS B 289 -44.01 62.22 20.52
CA LYS B 289 -43.53 63.56 20.83
C LYS B 289 -42.07 63.53 21.26
N GLU B 290 -41.71 62.60 22.14
CA GLU B 290 -40.32 62.51 22.58
C GLU B 290 -39.40 62.13 21.42
N ILE B 291 -39.84 61.20 20.57
CA ILE B 291 -39.01 60.77 19.44
C ILE B 291 -38.78 61.93 18.49
N VAL B 292 -39.84 62.70 18.18
CA VAL B 292 -39.69 63.84 17.29
C VAL B 292 -38.87 64.93 17.95
N ARG B 293 -38.85 64.96 19.30
CA ARG B 293 -37.93 65.86 20.00
C ARG B 293 -36.49 65.45 19.78
N ARG B 294 -36.19 64.15 19.85
CA ARG B 294 -34.82 63.67 19.71
C ARG B 294 -34.40 63.41 18.27
N ASN B 295 -35.28 63.62 17.30
CA ASN B 295 -34.94 63.45 15.88
C ASN B 295 -34.44 62.04 15.58
N ILE B 296 -35.20 61.04 16.00
CA ILE B 296 -34.88 59.65 15.68
C ILE B 296 -35.55 59.30 14.36
N THR B 297 -34.74 59.10 13.32
CA THR B 297 -35.22 58.88 11.96
C THR B 297 -34.76 57.52 11.47
N GLY B 298 -35.20 57.16 10.27
CA GLY B 298 -34.82 55.92 9.64
C GLY B 298 -35.57 54.69 10.12
N LYS B 299 -36.63 54.86 10.91
CA LYS B 299 -37.37 53.74 11.47
C LYS B 299 -38.62 53.48 10.64
N ILE B 300 -38.86 52.21 10.32
CA ILE B 300 -40.04 51.78 9.57
C ILE B 300 -41.11 51.39 10.58
N TRP B 301 -42.29 51.99 10.45
CA TRP B 301 -43.39 51.76 11.37
C TRP B 301 -44.50 50.98 10.69
N LEU B 302 -45.02 49.98 11.39
CA LEU B 302 -46.23 49.27 10.98
C LEU B 302 -47.34 49.59 11.99
N ALA B 303 -48.47 50.06 11.47
CA ALA B 303 -49.56 50.56 12.30
C ALA B 303 -50.73 49.59 12.30
N SER B 304 -51.33 49.42 13.47
CA SER B 304 -52.60 48.75 13.59
C SER B 304 -53.72 49.69 13.13
N GLU B 305 -54.92 49.14 13.00
CA GLU B 305 -56.04 49.92 12.49
C GLU B 305 -56.41 51.09 13.40
N ALA B 306 -56.06 51.02 14.68
CA ALA B 306 -56.47 52.06 15.63
C ALA B 306 -55.80 53.40 15.30
N TRP B 307 -54.48 53.39 15.13
CA TRP B 307 -53.73 54.62 14.91
C TRP B 307 -53.19 54.77 13.50
N ALA B 308 -53.65 53.94 12.56
CA ALA B 308 -53.21 54.08 11.18
C ALA B 308 -53.78 55.32 10.50
N SER B 309 -54.84 55.91 11.07
CA SER B 309 -55.43 57.12 10.52
C SER B 309 -55.70 58.15 11.61
N SER B 310 -54.93 58.09 12.70
CA SER B 310 -55.13 58.99 13.83
C SER B 310 -54.61 60.37 13.49
N SER B 311 -55.48 61.38 13.60
CA SER B 311 -55.09 62.75 13.35
C SER B 311 -54.14 63.29 14.42
N LEU B 312 -54.08 62.63 15.58
CA LEU B 312 -53.13 63.02 16.62
C LEU B 312 -51.70 62.61 16.28
N ILE B 313 -51.51 61.75 15.29
CA ILE B 313 -50.18 61.26 14.94
C ILE B 313 -49.82 61.72 13.54
N ALA B 314 -50.83 61.88 12.68
CA ALA B 314 -50.61 62.22 11.28
C ALA B 314 -50.51 63.72 11.08
N MET B 315 -49.57 64.33 11.78
CA MET B 315 -49.40 65.76 11.62
C MET B 315 -48.07 66.07 10.95
N PRO B 316 -48.08 67.12 10.11
CA PRO B 316 -46.86 67.52 9.43
C PRO B 316 -45.60 67.50 10.28
N GLN B 317 -45.67 68.06 11.50
CA GLN B 317 -44.50 68.23 12.35
C GLN B 317 -43.88 66.91 12.79
N TYR B 318 -44.45 65.77 12.43
CA TYR B 318 -43.88 64.47 12.76
C TYR B 318 -43.45 63.67 11.54
N PHE B 319 -43.60 64.22 10.33
CA PHE B 319 -43.41 63.42 9.12
C PHE B 319 -42.01 62.85 9.04
N HIS B 320 -40.98 63.67 9.27
CA HIS B 320 -39.61 63.20 9.15
C HIS B 320 -39.34 62.06 10.12
N VAL B 321 -40.17 61.92 11.16
CA VAL B 321 -40.11 60.76 12.03
C VAL B 321 -41.09 59.66 11.62
N VAL B 322 -42.30 60.02 11.20
CA VAL B 322 -43.37 59.04 11.01
C VAL B 322 -43.75 58.86 9.55
N GLY B 323 -43.11 59.58 8.63
CA GLY B 323 -43.42 59.42 7.22
C GLY B 323 -43.04 58.04 6.71
N GLY B 324 -43.81 57.56 5.74
CA GLY B 324 -43.59 56.24 5.18
C GLY B 324 -44.18 55.10 5.96
N THR B 325 -45.08 55.38 6.91
CA THR B 325 -45.69 54.34 7.73
C THR B 325 -46.64 53.50 6.87
N ILE B 326 -46.62 52.19 7.09
CA ILE B 326 -47.50 51.24 6.42
C ILE B 326 -48.50 50.74 7.44
N GLY B 327 -49.80 50.92 7.15
CA GLY B 327 -50.82 50.63 8.13
C GLY B 327 -52.02 49.93 7.50
N PHE B 328 -52.93 49.50 8.38
CA PHE B 328 -54.14 48.80 8.00
C PHE B 328 -55.35 49.71 8.09
N ALA B 329 -56.42 49.30 7.40
CA ALA B 329 -57.69 50.02 7.44
C ALA B 329 -58.81 49.06 7.10
N LEU B 330 -60.02 49.43 7.53
CA LEU B 330 -61.21 48.64 7.25
C LEU B 330 -61.75 48.95 5.87
N LYS B 331 -62.95 48.47 5.56
CA LYS B 331 -63.58 48.68 4.27
C LYS B 331 -64.57 49.83 4.36
N ALA B 332 -64.51 50.72 3.38
CA ALA B 332 -65.39 51.89 3.35
C ALA B 332 -66.81 51.50 2.98
N GLY B 333 -67.76 52.34 3.39
CA GLY B 333 -69.15 52.12 3.09
C GLY B 333 -69.80 53.41 2.63
N GLN B 334 -70.99 53.26 2.06
CA GLN B 334 -71.74 54.38 1.49
C GLN B 334 -73.03 54.58 2.28
N ILE B 335 -73.22 55.79 2.78
CA ILE B 335 -74.46 56.20 3.43
C ILE B 335 -75.04 57.37 2.66
N PRO B 336 -76.03 57.14 1.80
CA PRO B 336 -76.58 58.22 0.97
C PRO B 336 -77.27 59.28 1.83
N GLY B 337 -76.95 60.55 1.55
CA GLY B 337 -77.56 61.65 2.23
C GLY B 337 -77.02 61.95 3.61
N PHE B 338 -75.89 61.38 3.99
CA PHE B 338 -75.35 61.60 5.33
C PHE B 338 -74.64 62.93 5.47
N ARG B 339 -73.90 63.36 4.44
CA ARG B 339 -73.19 64.62 4.52
C ARG B 339 -74.14 65.81 4.62
N GLU B 340 -75.26 65.76 3.90
CA GLU B 340 -76.27 66.80 3.99
C GLU B 340 -76.82 66.90 5.42
N PHE B 341 -77.04 65.75 6.06
CA PHE B 341 -77.45 65.76 7.47
C PHE B 341 -76.36 66.36 8.33
N LEU B 342 -75.09 66.05 8.04
CA LEU B 342 -73.99 66.58 8.83
C LEU B 342 -73.89 68.10 8.70
N LYS B 343 -74.32 68.65 7.56
CA LYS B 343 -74.15 70.08 7.33
C LYS B 343 -75.25 70.90 8.02
N LYS B 344 -76.35 70.26 8.42
CA LYS B 344 -77.48 70.99 8.99
C LYS B 344 -77.36 71.25 10.49
N VAL B 345 -76.22 71.15 11.16
CA VAL B 345 -76.15 71.41 12.59
C VAL B 345 -76.25 72.91 12.84
N HIS B 346 -76.99 73.29 13.88
CA HIS B 346 -77.17 74.67 14.30
C HIS B 346 -77.44 74.56 15.80
N PRO B 347 -76.74 75.33 16.64
CA PRO B 347 -76.84 75.10 18.09
C PRO B 347 -78.21 75.41 18.68
N ARG B 348 -79.06 76.14 17.97
CA ARG B 348 -80.36 76.51 18.53
C ARG B 348 -81.47 75.55 18.12
N LYS B 349 -81.47 75.08 16.87
CA LYS B 349 -82.56 74.21 16.42
C LYS B 349 -82.51 72.85 17.10
N SER B 350 -81.31 72.28 17.27
CA SER B 350 -81.17 70.92 17.80
C SER B 350 -81.47 70.93 19.29
N VAL B 351 -82.73 70.65 19.66
CA VAL B 351 -83.11 70.54 21.05
C VAL B 351 -83.01 69.11 21.56
N HIS B 352 -82.79 68.13 20.70
CA HIS B 352 -82.60 66.75 21.10
C HIS B 352 -81.13 66.35 21.14
N ASN B 353 -80.22 67.31 21.03
CA ASN B 353 -78.79 67.03 21.01
C ASN B 353 -78.09 68.14 21.80
N GLY B 354 -77.75 67.85 23.05
CA GLY B 354 -77.08 68.80 23.90
C GLY B 354 -75.58 68.90 23.71
N PHE B 355 -75.01 68.13 22.79
CA PHE B 355 -73.59 68.18 22.50
C PHE B 355 -73.25 69.22 21.44
N ALA B 356 -74.25 69.84 20.80
CA ALA B 356 -73.98 70.72 19.67
C ALA B 356 -73.44 72.07 20.08
N LYS B 357 -73.71 72.51 21.31
CA LYS B 357 -73.24 73.84 21.73
C LYS B 357 -71.72 73.86 21.83
N GLU B 358 -71.14 72.87 22.51
CA GLU B 358 -69.68 72.80 22.60
C GLU B 358 -69.06 72.55 21.23
N PHE B 359 -69.74 71.78 20.38
CA PHE B 359 -69.25 71.57 19.02
C PHE B 359 -69.13 72.89 18.27
N TRP B 360 -70.18 73.71 18.34
CA TRP B 360 -70.17 75.01 17.66
C TRP B 360 -69.09 75.92 18.25
N GLU B 361 -68.98 75.96 19.58
CA GLU B 361 -68.01 76.83 20.22
C GLU B 361 -66.59 76.43 19.85
N GLU B 362 -66.32 75.13 19.80
CA GLU B 362 -64.98 74.66 19.41
C GLU B 362 -64.72 74.93 17.93
N THR B 363 -65.74 74.76 17.09
CA THR B 363 -65.55 74.94 15.65
C THR B 363 -65.24 76.39 15.31
N PHE B 364 -65.98 77.34 15.91
CA PHE B 364 -65.83 78.73 15.53
C PHE B 364 -65.14 79.60 16.59
N ASN B 365 -64.71 79.01 17.71
CA ASN B 365 -63.96 79.73 18.73
C ASN B 365 -64.71 80.96 19.23
N CYS B 366 -65.90 80.76 19.79
CA CYS B 366 -66.70 81.86 20.29
C CYS B 366 -67.49 81.37 21.50
N HIS B 367 -68.44 82.20 21.94
CA HIS B 367 -69.27 81.91 23.10
C HIS B 367 -70.74 82.13 22.73
N LEU B 368 -71.56 81.10 22.92
CA LEU B 368 -72.98 81.20 22.62
C LEU B 368 -73.80 81.11 23.90
N ARG B 400 -61.91 86.25 22.80
CA ARG B 400 -63.10 85.56 23.30
C ARG B 400 -64.37 86.20 22.74
N PRO B 401 -64.66 85.95 21.47
CA PRO B 401 -65.85 86.56 20.85
C PRO B 401 -67.12 85.79 21.24
N LEU B 402 -68.24 86.37 20.83
CA LEU B 402 -69.56 85.79 21.09
C LEU B 402 -70.13 85.23 19.79
N CYS B 403 -70.63 84.00 19.85
CA CYS B 403 -71.21 83.38 18.67
C CYS B 403 -72.48 84.11 18.24
N THR B 404 -72.74 84.09 16.93
CA THR B 404 -73.96 84.61 16.37
C THR B 404 -74.87 83.52 15.81
N GLY B 405 -74.34 82.33 15.51
CA GLY B 405 -75.12 81.26 14.94
C GLY B 405 -75.28 81.32 13.45
N ASP B 406 -74.73 82.34 12.79
CA ASP B 406 -74.85 82.50 11.35
C ASP B 406 -73.61 82.03 10.59
N GLU B 407 -72.63 81.47 11.28
CA GLU B 407 -71.42 81.02 10.61
C GLU B 407 -71.70 79.74 9.82
N ASN B 408 -70.76 79.41 8.93
CA ASN B 408 -70.90 78.26 8.05
C ASN B 408 -69.87 77.19 8.42
N ILE B 409 -70.34 75.94 8.51
CA ILE B 409 -69.45 74.85 8.89
C ILE B 409 -68.40 74.57 7.82
N SER B 410 -68.71 74.82 6.55
CA SER B 410 -67.78 74.49 5.47
C SER B 410 -66.51 75.33 5.54
N SER B 411 -66.56 76.46 6.25
CA SER B 411 -65.41 77.35 6.35
C SER B 411 -64.22 76.70 7.04
N VAL B 412 -64.39 76.31 8.31
CA VAL B 412 -63.28 75.78 9.08
C VAL B 412 -63.01 74.33 8.68
N GLU B 413 -61.73 73.95 8.71
CA GLU B 413 -61.29 72.61 8.37
C GLU B 413 -61.13 71.81 9.66
N THR B 414 -62.09 70.94 9.94
CA THR B 414 -62.09 70.07 11.11
C THR B 414 -62.43 68.66 10.67
N PRO B 415 -62.09 67.62 11.44
CA PRO B 415 -62.42 66.24 11.04
C PRO B 415 -63.90 65.95 10.97
N TYR B 416 -64.78 66.92 11.24
CA TYR B 416 -66.21 66.63 11.27
C TYR B 416 -66.74 66.35 9.87
N ILE B 417 -66.41 67.18 8.89
CA ILE B 417 -66.83 66.97 7.51
C ILE B 417 -65.66 66.80 6.55
N ASP B 418 -64.42 66.93 7.01
CA ASP B 418 -63.25 66.70 6.16
C ASP B 418 -62.84 65.24 6.32
N TYR B 419 -63.51 64.38 5.54
CA TYR B 419 -63.24 62.95 5.56
C TYR B 419 -63.30 62.42 4.13
N THR B 420 -62.63 61.29 3.92
CA THR B 420 -62.60 60.63 2.62
C THR B 420 -63.40 59.34 2.58
N HIS B 421 -63.33 58.53 3.63
CA HIS B 421 -64.07 57.28 3.70
C HIS B 421 -64.73 57.13 5.06
N LEU B 422 -65.89 56.47 5.07
CA LEU B 422 -66.62 56.18 6.30
C LEU B 422 -66.42 54.72 6.66
N ARG B 423 -65.71 54.47 7.77
CA ARG B 423 -65.38 53.10 8.14
C ARG B 423 -65.99 52.72 9.48
N ILE B 424 -65.87 53.59 10.49
CA ILE B 424 -66.52 53.34 11.78
C ILE B 424 -67.95 53.88 11.82
N SER B 425 -68.22 54.99 11.12
CA SER B 425 -69.59 55.47 10.98
C SER B 425 -70.48 54.43 10.31
N TYR B 426 -69.94 53.73 9.31
CA TYR B 426 -70.69 52.64 8.71
C TYR B 426 -70.94 51.52 9.69
N ASN B 427 -70.00 51.28 10.62
CA ASN B 427 -70.23 50.28 11.66
C ASN B 427 -71.38 50.70 12.58
N VAL B 428 -71.43 51.99 12.94
CA VAL B 428 -72.55 52.48 13.75
C VAL B 428 -73.86 52.30 13.02
N TYR B 429 -73.88 52.68 11.74
CA TYR B 429 -75.08 52.52 10.91
C TYR B 429 -75.52 51.07 10.86
N LEU B 430 -74.57 50.15 10.66
CA LEU B 430 -74.90 48.74 10.57
C LEU B 430 -75.42 48.20 11.90
N ALA B 431 -74.85 48.65 13.02
CA ALA B 431 -75.33 48.18 14.32
C ALA B 431 -76.77 48.65 14.57
N VAL B 432 -77.05 49.91 14.27
CA VAL B 432 -78.40 50.43 14.46
C VAL B 432 -79.39 49.66 13.58
N TYR B 433 -79.01 49.42 12.32
CA TYR B 433 -79.93 48.72 11.42
C TYR B 433 -80.07 47.24 11.79
N SER B 434 -79.04 46.64 12.38
CA SER B 434 -79.16 45.26 12.84
C SER B 434 -80.14 45.16 14.00
N ILE B 435 -80.06 46.11 14.94
CA ILE B 435 -81.03 46.13 16.03
C ILE B 435 -82.44 46.33 15.49
N ALA B 436 -82.59 47.26 14.53
CA ALA B 436 -83.90 47.51 13.95
C ALA B 436 -84.43 46.27 13.22
N HIS B 437 -83.56 45.54 12.53
CA HIS B 437 -84.00 44.35 11.81
C HIS B 437 -84.36 43.22 12.76
N ALA B 438 -83.68 43.10 13.90
CA ALA B 438 -84.11 42.15 14.92
C ALA B 438 -85.50 42.50 15.43
N LEU B 439 -85.74 43.79 15.69
CA LEU B 439 -87.06 44.22 16.12
C LEU B 439 -88.11 43.90 15.07
N GLN B 440 -87.78 44.13 13.78
CA GLN B 440 -88.70 43.81 12.71
C GLN B 440 -88.99 42.31 12.64
N ASP B 441 -87.96 41.48 12.83
CA ASP B 441 -88.16 40.04 12.84
C ASP B 441 -89.10 39.63 13.97
N ILE B 442 -89.01 40.30 15.12
CA ILE B 442 -89.99 40.05 16.16
C ILE B 442 -91.39 40.47 15.71
N TYR B 443 -91.50 41.62 15.05
CA TYR B 443 -92.78 42.19 14.65
C TYR B 443 -93.50 41.39 13.58
N THR B 444 -92.79 40.56 12.82
CA THR B 444 -93.40 39.78 11.75
C THR B 444 -93.45 38.29 12.05
N CYS B 445 -93.48 37.90 13.33
CA CYS B 445 -93.48 36.50 13.69
C CYS B 445 -94.85 35.87 13.41
N LEU B 446 -94.88 34.90 12.51
CA LEU B 446 -96.12 34.20 12.20
C LEU B 446 -96.55 33.35 13.39
N PRO B 447 -97.86 33.18 13.58
CA PRO B 447 -98.34 32.41 14.74
C PRO B 447 -97.80 30.99 14.75
N GLY B 448 -97.38 30.54 15.93
CA GLY B 448 -96.86 29.19 16.11
C GLY B 448 -95.59 28.92 15.35
N ARG B 449 -94.87 29.98 14.97
CA ARG B 449 -93.64 29.87 14.18
C ARG B 449 -92.58 30.79 14.75
N GLY B 450 -92.41 30.73 16.08
CA GLY B 450 -91.48 31.58 16.79
C GLY B 450 -90.22 30.84 17.20
N LEU B 451 -89.23 31.61 17.67
CA LEU B 451 -87.97 31.09 18.16
C LEU B 451 -87.98 30.87 19.66
N PHE B 452 -89.16 30.73 20.26
CA PHE B 452 -89.30 30.54 21.70
C PHE B 452 -90.00 29.22 21.97
N THR B 453 -90.30 28.99 23.24
CA THR B 453 -90.85 27.71 23.69
C THR B 453 -92.19 27.42 23.00
N ASN B 454 -92.33 26.19 22.51
CA ASN B 454 -93.53 25.74 21.79
C ASN B 454 -93.80 26.62 20.58
N GLY B 455 -92.75 27.18 19.99
CA GLY B 455 -92.88 28.00 18.80
C GLY B 455 -93.59 29.32 19.03
N SER B 456 -93.68 29.74 20.29
CA SER B 456 -94.33 30.99 20.61
C SER B 456 -93.50 32.18 20.11
N CYS B 457 -94.18 33.28 19.82
CA CYS B 457 -93.54 34.49 19.35
C CYS B 457 -93.29 35.43 20.52
N ALA B 458 -92.85 36.66 20.21
CA ALA B 458 -92.62 37.69 21.21
C ALA B 458 -93.53 38.86 20.91
N ASP B 459 -94.26 39.32 21.93
CA ASP B 459 -95.19 40.43 21.75
C ASP B 459 -94.42 41.71 21.43
N ILE B 460 -94.68 42.25 20.24
CA ILE B 460 -94.02 43.51 19.84
C ILE B 460 -94.52 44.69 20.65
N LYS B 461 -95.71 44.60 21.25
CA LYS B 461 -96.21 45.70 22.08
C LYS B 461 -95.40 45.82 23.37
N LYS B 462 -95.02 44.68 23.96
CA LYS B 462 -94.20 44.65 25.16
C LYS B 462 -93.03 43.71 24.92
N VAL B 463 -91.88 44.27 24.54
CA VAL B 463 -90.69 43.49 24.24
C VAL B 463 -89.75 43.55 25.43
N GLU B 464 -88.80 42.62 25.46
CA GLU B 464 -87.79 42.56 26.50
C GLU B 464 -86.41 42.36 25.87
N ALA B 465 -85.38 42.68 26.65
CA ALA B 465 -84.02 42.67 26.12
C ALA B 465 -83.57 41.28 25.71
N TRP B 466 -83.99 40.26 26.47
CA TRP B 466 -83.52 38.90 26.17
C TRP B 466 -84.11 38.37 24.88
N GLN B 467 -85.36 38.74 24.56
CA GLN B 467 -85.93 38.34 23.29
C GLN B 467 -85.21 39.01 22.12
N VAL B 468 -84.88 40.29 22.27
CA VAL B 468 -84.13 40.99 21.22
C VAL B 468 -82.76 40.36 21.05
N LEU B 469 -82.11 39.99 22.16
CA LEU B 469 -80.82 39.30 22.06
C LEU B 469 -80.96 37.96 21.36
N LYS B 470 -82.02 37.20 21.67
CA LYS B 470 -82.25 35.92 21.03
C LYS B 470 -82.44 36.09 19.53
N HIS B 471 -83.17 37.12 19.11
CA HIS B 471 -83.35 37.36 17.68
C HIS B 471 -82.06 37.88 17.04
N LEU B 472 -81.23 38.57 17.81
CA LEU B 472 -79.94 39.03 17.29
C LEU B 472 -79.01 37.85 17.04
N ARG B 473 -79.04 36.84 17.91
CA ARG B 473 -78.19 35.67 17.71
C ARG B 473 -78.53 34.93 16.42
N HIS B 474 -79.78 35.00 15.96
CA HIS B 474 -80.20 34.42 14.69
C HIS B 474 -80.77 35.54 13.81
N LEU B 475 -79.88 36.23 13.10
CA LEU B 475 -80.27 37.35 12.24
C LEU B 475 -79.56 37.24 10.90
N ASN B 476 -80.28 37.56 9.83
CA ASN B 476 -79.73 37.45 8.48
C ASN B 476 -80.53 38.41 7.60
N PHE B 477 -79.94 39.58 7.31
CA PHE B 477 -80.62 40.62 6.56
C PHE B 477 -79.70 41.19 5.49
N THR B 478 -80.27 42.04 4.63
CA THR B 478 -79.59 42.62 3.49
C THR B 478 -79.16 44.05 3.79
N ASN B 479 -78.01 44.44 3.25
CA ASN B 479 -77.51 45.79 3.36
C ASN B 479 -78.07 46.67 2.25
N ASN B 480 -77.83 47.98 2.37
CA ASN B 480 -78.20 48.88 1.30
C ASN B 480 -77.36 48.65 0.05
N MET B 481 -76.15 48.11 0.22
CA MET B 481 -75.28 47.79 -0.90
C MET B 481 -75.43 46.35 -1.37
N GLY B 482 -76.31 45.57 -0.75
CA GLY B 482 -76.58 44.22 -1.19
C GLY B 482 -75.62 43.17 -0.68
N GLU B 483 -75.43 43.11 0.65
CA GLU B 483 -74.58 42.10 1.27
C GLU B 483 -75.30 41.53 2.47
N GLN B 484 -74.92 40.31 2.84
CA GLN B 484 -75.54 39.61 3.96
C GLN B 484 -74.75 39.87 5.23
N VAL B 485 -75.46 40.24 6.29
CA VAL B 485 -74.84 40.55 7.59
C VAL B 485 -75.33 39.52 8.59
N THR B 486 -74.43 38.68 9.06
CA THR B 486 -74.74 37.65 10.05
C THR B 486 -73.62 37.59 11.08
N PHE B 487 -74.00 37.43 12.35
CA PHE B 487 -73.03 37.21 13.41
C PHE B 487 -72.83 35.71 13.61
N ASP B 488 -71.58 35.32 13.88
CA ASP B 488 -71.26 33.91 14.08
C ASP B 488 -71.65 33.51 15.50
N GLU B 489 -71.19 32.34 15.94
CA GLU B 489 -71.57 31.83 17.26
C GLU B 489 -71.04 32.74 18.37
N CYS B 490 -69.94 33.43 18.12
CA CYS B 490 -69.35 34.33 19.10
C CYS B 490 -69.80 35.78 18.94
N GLY B 491 -70.68 36.06 17.98
CA GLY B 491 -71.14 37.42 17.77
C GLY B 491 -70.16 38.32 17.06
N ASP B 492 -69.30 37.77 16.20
CA ASP B 492 -68.32 38.53 15.47
C ASP B 492 -68.67 38.55 13.99
N LEU B 493 -68.04 39.46 13.27
CA LEU B 493 -68.32 39.67 11.85
C LEU B 493 -67.01 39.89 11.11
N VAL B 494 -66.72 39.02 10.13
CA VAL B 494 -65.44 39.08 9.44
C VAL B 494 -65.48 40.15 8.35
N GLY B 495 -64.30 40.61 7.96
CA GLY B 495 -64.18 41.59 6.90
C GLY B 495 -62.78 41.65 6.35
N ASN B 496 -62.66 42.26 5.17
CA ASN B 496 -61.38 42.41 4.49
C ASN B 496 -60.54 43.49 5.17
N TYR B 497 -59.31 43.67 4.69
CA TYR B 497 -58.47 44.77 5.12
C TYR B 497 -57.83 45.45 3.93
N SER B 498 -57.58 46.75 4.07
CA SER B 498 -56.82 47.52 3.09
C SER B 498 -55.51 47.96 3.72
N ILE B 499 -54.47 48.07 2.90
CA ILE B 499 -53.13 48.40 3.36
C ILE B 499 -52.71 49.71 2.71
N ILE B 500 -52.39 50.71 3.53
CA ILE B 500 -52.17 52.08 3.11
C ILE B 500 -50.78 52.52 3.55
N ASN B 501 -50.30 53.59 2.91
CA ASN B 501 -48.97 54.14 3.16
C ASN B 501 -49.08 55.65 3.31
N TRP B 502 -48.32 56.21 4.25
CA TRP B 502 -48.37 57.64 4.52
C TRP B 502 -47.44 58.39 3.56
N HIS B 503 -48.01 59.29 2.77
CA HIS B 503 -47.26 60.17 1.88
C HIS B 503 -47.47 61.61 2.31
N LEU B 504 -46.92 62.53 1.53
CA LEU B 504 -47.02 63.97 1.77
C LEU B 504 -47.75 64.63 0.61
N SER B 505 -48.68 65.51 0.91
CA SER B 505 -49.44 66.20 -0.12
C SER B 505 -48.52 67.16 -0.88
N PRO B 506 -48.46 67.08 -2.21
CA PRO B 506 -47.60 68.01 -2.96
C PRO B 506 -47.97 69.47 -2.77
N GLU B 507 -49.25 69.78 -2.60
CA GLU B 507 -49.71 71.16 -2.46
C GLU B 507 -49.98 71.52 -1.00
N ASP B 508 -50.88 70.77 -0.34
CA ASP B 508 -51.23 71.08 1.03
C ASP B 508 -50.06 70.85 1.99
N GLY B 509 -49.29 69.79 1.77
CA GLY B 509 -48.21 69.43 2.65
C GLY B 509 -48.59 68.59 3.84
N SER B 510 -49.83 68.10 3.90
CA SER B 510 -50.26 67.23 4.99
C SER B 510 -50.01 65.77 4.64
N ILE B 511 -50.34 64.90 5.58
CA ILE B 511 -50.17 63.46 5.40
C ILE B 511 -51.35 62.93 4.59
N VAL B 512 -51.06 62.20 3.52
CA VAL B 512 -52.08 61.58 2.69
C VAL B 512 -51.96 60.07 2.83
N PHE B 513 -53.10 59.40 2.93
CA PHE B 513 -53.15 57.94 3.10
C PHE B 513 -53.45 57.33 1.75
N LYS B 514 -52.41 56.80 1.10
CA LYS B 514 -52.52 56.17 -0.21
C LYS B 514 -52.52 54.67 -0.06
N GLU B 515 -53.54 54.02 -0.61
CA GLU B 515 -53.65 52.57 -0.52
C GLU B 515 -52.58 51.91 -1.38
N VAL B 516 -51.91 50.92 -0.79
CA VAL B 516 -50.88 50.17 -1.50
C VAL B 516 -51.23 48.70 -1.69
N GLY B 517 -52.23 48.18 -0.98
CA GLY B 517 -52.59 46.79 -1.17
C GLY B 517 -53.81 46.40 -0.38
N TYR B 518 -54.03 45.09 -0.29
CA TYR B 518 -55.17 44.57 0.46
C TYR B 518 -54.82 43.23 1.10
N TYR B 519 -55.61 42.87 2.10
CA TYR B 519 -55.51 41.59 2.79
C TYR B 519 -56.89 40.94 2.75
N ASN B 520 -56.96 39.76 2.13
CA ASN B 520 -58.22 39.06 1.89
C ASN B 520 -58.34 37.93 2.91
N VAL B 521 -59.21 38.12 3.91
CA VAL B 521 -59.40 37.10 4.93
C VAL B 521 -60.20 35.91 4.43
N TYR B 522 -60.76 35.99 3.23
CA TYR B 522 -61.56 34.90 2.68
C TYR B 522 -60.74 33.91 1.87
N ALA B 523 -59.50 34.24 1.51
CA ALA B 523 -58.65 33.32 0.77
C ALA B 523 -58.04 32.29 1.72
N LYS B 524 -57.15 31.47 1.19
CA LYS B 524 -56.44 30.47 1.96
C LYS B 524 -55.07 31.00 2.36
N LYS B 525 -54.50 30.41 3.41
CA LYS B 525 -53.24 30.87 3.97
C LYS B 525 -52.14 30.83 2.91
N GLY B 526 -51.39 31.93 2.81
CA GLY B 526 -50.36 32.09 1.81
C GLY B 526 -50.79 32.85 0.58
N GLU B 527 -52.09 33.09 0.40
CA GLU B 527 -52.61 33.82 -0.74
C GLU B 527 -53.56 34.93 -0.30
N ARG B 528 -53.41 35.40 0.93
CA ARG B 528 -54.31 36.39 1.52
C ARG B 528 -53.78 37.82 1.42
N LEU B 529 -52.57 38.01 0.90
CA LEU B 529 -51.92 39.31 0.90
C LEU B 529 -51.64 39.77 -0.52
N PHE B 530 -51.77 41.07 -0.76
CA PHE B 530 -51.45 41.65 -2.06
C PHE B 530 -50.91 43.05 -1.83
N ILE B 531 -49.70 43.31 -2.34
CA ILE B 531 -49.02 44.59 -2.14
C ILE B 531 -48.33 44.99 -3.44
N ASN B 532 -48.41 46.28 -3.78
CA ASN B 532 -47.61 46.88 -4.85
C ASN B 532 -46.47 47.67 -4.21
N GLU B 533 -45.25 47.18 -4.39
CA GLU B 533 -44.07 47.89 -3.90
C GLU B 533 -43.81 49.16 -4.71
N GLU B 534 -44.33 49.24 -5.94
CA GLU B 534 -44.05 50.38 -6.80
C GLU B 534 -44.67 51.66 -6.26
N LYS B 535 -45.72 51.55 -5.45
CA LYS B 535 -46.41 52.72 -4.91
C LYS B 535 -45.93 53.09 -3.51
N ILE B 536 -44.96 52.38 -2.96
CA ILE B 536 -44.56 52.54 -1.56
C ILE B 536 -43.34 53.43 -1.51
N LEU B 537 -43.43 54.49 -0.70
CA LEU B 537 -42.29 55.35 -0.41
C LEU B 537 -41.80 55.07 1.00
N TRP B 538 -40.50 54.83 1.13
CA TRP B 538 -39.89 54.44 2.40
C TRP B 538 -39.31 55.67 3.07
N SER B 539 -39.63 55.83 4.36
CA SER B 539 -39.30 57.03 5.13
C SER B 539 -39.95 58.27 4.52
N GLY B 540 -40.88 58.05 3.59
CA GLY B 540 -41.60 59.14 2.96
C GLY B 540 -41.07 59.58 1.61
N PHE B 541 -39.83 59.21 1.26
CA PHE B 541 -39.23 59.74 0.04
C PHE B 541 -38.57 58.69 -0.84
N SER B 542 -38.13 57.59 -0.25
CA SER B 542 -37.22 56.68 -0.96
C SER B 542 -38.00 55.61 -1.73
N ARG B 543 -37.29 55.00 -2.70
CA ARG B 543 -37.81 53.90 -3.48
C ARG B 543 -37.07 52.60 -3.26
N GLU B 544 -36.03 52.59 -2.43
CA GLU B 544 -35.26 51.39 -2.16
C GLU B 544 -35.76 50.74 -0.87
N VAL B 545 -35.97 49.43 -0.91
CA VAL B 545 -36.48 48.72 0.26
C VAL B 545 -35.41 48.74 1.35
N PRO B 546 -35.76 49.06 2.61
CA PRO B 546 -34.74 49.12 3.66
C PRO B 546 -34.18 47.74 4.00
N PHE B 547 -33.23 47.71 4.93
CA PHE B 547 -32.55 46.48 5.33
C PHE B 547 -32.69 46.32 6.83
N SER B 548 -33.41 45.27 7.26
CA SER B 548 -33.57 44.96 8.68
C SER B 548 -33.22 43.48 8.90
N ASN B 549 -31.93 43.22 9.04
CA ASN B 549 -31.40 41.90 9.38
C ASN B 549 -30.30 42.10 10.41
N CYS B 550 -30.22 41.19 11.37
CA CYS B 550 -29.22 41.34 12.43
C CYS B 550 -27.80 41.21 11.87
N SER B 551 -27.58 40.27 10.97
CA SER B 551 -26.26 39.99 10.45
C SER B 551 -26.30 39.89 8.93
N ARG B 552 -25.16 40.16 8.30
CA ARG B 552 -25.03 40.04 6.86
C ARG B 552 -24.98 38.57 6.43
N ASP B 553 -25.34 38.34 5.18
CA ASP B 553 -25.43 36.98 4.65
C ASP B 553 -24.06 36.34 4.50
N CYS B 554 -24.01 35.04 4.75
CA CYS B 554 -22.82 34.24 4.50
C CYS B 554 -22.89 33.67 3.08
N LEU B 555 -21.83 33.88 2.31
CA LEU B 555 -21.81 33.54 0.90
C LEU B 555 -21.22 32.15 0.68
N ALA B 556 -20.98 31.80 -0.59
CA ALA B 556 -20.40 30.51 -0.92
C ALA B 556 -18.94 30.47 -0.47
N GLY B 557 -18.55 29.37 0.18
CA GLY B 557 -17.23 29.23 0.74
C GLY B 557 -17.13 29.59 2.21
N THR B 558 -18.27 29.82 2.88
CA THR B 558 -18.28 30.19 4.28
C THR B 558 -19.56 29.65 4.92
N ARG B 559 -19.54 29.55 6.25
CA ARG B 559 -20.60 28.91 7.01
C ARG B 559 -21.00 29.79 8.19
N LYS B 560 -22.20 29.55 8.70
CA LYS B 560 -22.70 30.25 9.86
C LYS B 560 -21.96 29.81 11.12
N GLY B 561 -21.71 30.77 12.01
CA GLY B 561 -21.07 30.50 13.29
C GLY B 561 -21.80 31.14 14.45
N ILE B 562 -22.00 30.35 15.52
CA ILE B 562 -22.80 30.81 16.65
C ILE B 562 -22.11 31.97 17.37
N ILE B 563 -22.90 32.97 17.73
CA ILE B 563 -22.50 33.98 18.70
C ILE B 563 -23.23 33.64 20.00
N GLU B 564 -22.48 33.36 21.06
CA GLU B 564 -23.08 32.95 22.32
C GLU B 564 -23.88 34.08 22.94
N GLY B 565 -25.06 33.74 23.48
CA GLY B 565 -25.91 34.68 24.16
C GLY B 565 -26.79 35.51 23.26
N GLU B 566 -26.79 35.27 21.96
CA GLU B 566 -27.55 36.04 20.99
C GLU B 566 -28.54 35.14 20.26
N PRO B 567 -29.63 35.70 19.74
CA PRO B 567 -30.62 34.87 19.04
C PRO B 567 -30.04 34.24 17.78
N THR B 568 -30.82 33.29 17.23
CA THR B 568 -30.36 32.54 16.07
C THR B 568 -30.13 33.42 14.86
N CYS B 569 -30.83 34.56 14.79
CA CYS B 569 -30.73 35.43 13.63
C CYS B 569 -29.38 36.12 13.52
N CYS B 570 -28.61 36.15 14.61
CA CYS B 570 -27.31 36.82 14.64
C CYS B 570 -26.21 35.77 14.64
N PHE B 571 -25.28 35.87 13.71
CA PHE B 571 -24.25 34.86 13.54
C PHE B 571 -23.00 35.51 12.93
N GLU B 572 -22.00 34.68 12.67
CA GLU B 572 -20.78 35.09 11.98
C GLU B 572 -20.58 34.23 10.74
N CYS B 573 -19.68 34.67 9.86
CA CYS B 573 -19.29 33.90 8.69
C CYS B 573 -17.87 33.39 8.90
N VAL B 574 -17.70 32.07 8.85
CA VAL B 574 -16.41 31.42 9.06
C VAL B 574 -16.07 30.62 7.82
N GLU B 575 -14.84 30.80 7.33
CA GLU B 575 -14.42 30.14 6.10
C GLU B 575 -14.29 28.64 6.30
N CYS B 576 -14.76 27.87 5.31
CA CYS B 576 -14.67 26.43 5.38
C CYS B 576 -13.22 25.98 5.13
N PRO B 577 -12.77 24.94 5.85
CA PRO B 577 -11.38 24.49 5.69
C PRO B 577 -11.20 23.60 4.48
N ASP B 578 -9.94 23.22 4.26
CA ASP B 578 -9.58 22.45 3.07
C ASP B 578 -10.20 21.07 3.11
N GLY B 579 -10.60 20.58 1.94
CA GLY B 579 -11.30 19.32 1.81
C GLY B 579 -12.80 19.43 1.96
N GLU B 580 -13.32 20.58 2.36
CA GLU B 580 -14.74 20.82 2.52
C GLU B 580 -15.12 22.12 1.83
N TYR B 581 -16.38 22.21 1.41
CA TYR B 581 -16.82 23.31 0.57
C TYR B 581 -18.26 23.64 0.88
N SER B 582 -18.70 24.81 0.40
CA SER B 582 -20.09 25.23 0.46
C SER B 582 -20.38 26.04 -0.80
N ASP B 583 -21.39 25.60 -1.55
CA ASP B 583 -21.74 26.19 -2.84
C ASP B 583 -23.06 26.95 -2.79
N GLU B 584 -23.46 27.39 -1.60
CA GLU B 584 -24.73 28.09 -1.43
C GLU B 584 -24.52 29.27 -0.50
N THR B 585 -25.46 30.20 -0.56
CA THR B 585 -25.50 31.33 0.37
C THR B 585 -26.28 30.93 1.62
N ASP B 586 -25.93 31.57 2.73
CA ASP B 586 -26.53 31.29 4.05
C ASP B 586 -26.42 29.80 4.38
N ALA B 587 -25.18 29.35 4.46
CA ALA B 587 -24.86 27.95 4.72
C ALA B 587 -24.54 27.74 6.19
N SER B 588 -24.97 26.60 6.72
CA SER B 588 -24.73 26.25 8.13
C SER B 588 -23.49 25.38 8.27
N ALA B 589 -23.44 24.25 7.56
CA ALA B 589 -22.31 23.33 7.63
C ALA B 589 -21.76 23.08 6.24
N CYS B 590 -20.44 23.13 6.12
CA CYS B 590 -19.79 22.82 4.86
C CYS B 590 -19.91 21.34 4.54
N ASN B 591 -20.08 21.01 3.27
CA ASN B 591 -20.19 19.62 2.84
C ASN B 591 -18.80 19.02 2.75
N LYS B 592 -18.72 17.80 2.19
CA LYS B 592 -17.46 17.12 1.98
C LYS B 592 -17.34 16.74 0.51
N CYS B 593 -16.21 17.04 -0.10
CA CYS B 593 -16.00 16.68 -1.49
C CYS B 593 -15.99 15.16 -1.63
N PRO B 594 -16.51 14.61 -2.73
CA PRO B 594 -16.56 13.15 -2.88
C PRO B 594 -15.16 12.56 -3.00
N ASP B 595 -15.12 11.24 -3.12
CA ASP B 595 -13.87 10.53 -3.24
C ASP B 595 -13.15 10.94 -4.52
N ASP B 596 -11.83 11.14 -4.41
CA ASP B 596 -10.93 11.55 -5.49
C ASP B 596 -11.13 13.01 -5.90
N PHE B 597 -11.83 13.80 -5.10
CA PHE B 597 -11.99 15.22 -5.33
C PHE B 597 -11.34 16.02 -4.20
N TRP B 598 -11.23 17.32 -4.42
CA TRP B 598 -10.64 18.22 -3.43
C TRP B 598 -11.17 19.63 -3.65
N SER B 599 -11.40 20.33 -2.54
CA SER B 599 -11.96 21.67 -2.59
C SER B 599 -10.98 22.65 -3.24
N ASN B 600 -11.52 23.63 -3.97
CA ASN B 600 -10.70 24.66 -4.59
C ASN B 600 -10.21 25.64 -3.53
N GLU B 601 -9.46 26.65 -3.99
CA GLU B 601 -9.00 27.71 -3.10
C GLU B 601 -10.16 28.56 -2.59
N ASN B 602 -11.10 28.89 -3.48
CA ASN B 602 -12.26 29.67 -3.09
C ASN B 602 -13.27 28.85 -2.29
N HIS B 603 -13.12 27.52 -2.26
CA HIS B 603 -13.96 26.63 -1.46
C HIS B 603 -15.43 26.75 -1.85
N THR B 604 -15.69 27.02 -3.13
CA THR B 604 -17.05 27.06 -3.65
C THR B 604 -17.45 25.76 -4.33
N SER B 605 -16.51 24.87 -4.58
CA SER B 605 -16.77 23.58 -5.23
C SER B 605 -15.57 22.68 -4.93
N CYS B 606 -15.53 21.51 -5.58
CA CYS B 606 -14.40 20.61 -5.51
C CYS B 606 -14.14 20.01 -6.88
N ILE B 607 -12.86 19.93 -7.24
CA ILE B 607 -12.42 19.43 -8.54
C ILE B 607 -11.74 18.08 -8.35
N ALA B 608 -11.72 17.28 -9.41
CA ALA B 608 -11.12 15.96 -9.34
C ALA B 608 -9.61 16.05 -9.11
N LYS B 609 -9.10 15.14 -8.30
CA LYS B 609 -7.67 15.08 -8.05
C LYS B 609 -6.92 14.68 -9.30
N GLU B 610 -5.66 15.09 -9.39
CA GLU B 610 -4.85 14.73 -10.55
C GLU B 610 -3.99 13.51 -10.25
N ILE B 611 -3.87 12.65 -11.27
CA ILE B 611 -3.12 11.40 -11.17
C ILE B 611 -1.69 11.67 -11.60
N GLU B 612 -0.73 11.22 -10.79
CA GLU B 612 0.67 11.51 -11.01
C GLU B 612 1.45 10.21 -11.23
N PHE B 613 2.22 10.19 -12.32
CA PHE B 613 3.14 9.12 -12.65
C PHE B 613 4.10 9.66 -13.72
N LEU B 614 5.10 8.85 -14.05
CA LEU B 614 5.95 9.20 -15.18
C LEU B 614 5.19 8.99 -16.48
N SER B 615 5.39 9.89 -17.43
CA SER B 615 4.59 9.93 -18.65
C SER B 615 5.44 9.65 -19.89
N TRP B 616 4.78 9.09 -20.90
CA TRP B 616 5.40 8.87 -22.20
C TRP B 616 5.48 10.15 -23.03
N THR B 617 4.73 11.19 -22.66
CA THR B 617 4.67 12.42 -23.44
C THR B 617 5.24 13.64 -22.73
N GLU B 618 5.52 13.55 -21.42
CA GLU B 618 6.19 14.63 -20.75
C GLU B 618 7.64 14.71 -21.24
N PRO B 619 8.26 15.89 -21.17
CA PRO B 619 9.59 16.07 -21.78
C PRO B 619 10.64 15.09 -21.26
N PHE B 620 10.62 14.80 -19.95
CA PHE B 620 11.62 13.90 -19.38
C PHE B 620 11.46 12.49 -19.93
N GLY B 621 10.22 12.04 -20.10
CA GLY B 621 9.99 10.74 -20.70
C GLY B 621 10.51 10.67 -22.12
N ILE B 622 10.30 11.72 -22.90
CA ILE B 622 10.82 11.77 -24.26
C ILE B 622 12.34 11.69 -24.25
N ALA B 623 12.98 12.42 -23.33
CA ALA B 623 14.44 12.39 -23.24
C ALA B 623 14.94 10.99 -22.90
N LEU B 624 14.29 10.33 -21.93
CA LEU B 624 14.70 8.99 -21.54
C LEU B 624 14.53 8.01 -22.68
N THR B 625 13.40 8.09 -23.39
CA THR B 625 13.16 7.19 -24.51
C THR B 625 14.19 7.41 -25.61
N LEU B 626 14.52 8.68 -25.89
CA LEU B 626 15.51 8.98 -26.91
C LEU B 626 16.88 8.43 -26.54
N PHE B 627 17.25 8.58 -25.27
CA PHE B 627 18.54 8.04 -24.82
C PHE B 627 18.58 6.52 -24.94
N ALA B 628 17.49 5.86 -24.56
CA ALA B 628 17.44 4.40 -24.69
C ALA B 628 17.54 3.96 -26.15
N VAL B 629 16.86 4.66 -27.05
CA VAL B 629 16.93 4.33 -28.46
C VAL B 629 18.36 4.55 -28.99
N LEU B 630 19.00 5.63 -28.55
CA LEU B 630 20.39 5.88 -28.96
C LEU B 630 21.30 4.76 -28.49
N GLY B 631 21.12 4.29 -27.26
CA GLY B 631 21.93 3.18 -26.77
C GLY B 631 21.71 1.91 -27.57
N ILE B 632 20.44 1.64 -27.92
CA ILE B 632 20.14 0.47 -28.74
C ILE B 632 20.85 0.57 -30.09
N PHE B 633 20.80 1.75 -30.71
CA PHE B 633 21.46 1.93 -32.01
C PHE B 633 22.96 1.75 -31.89
N LEU B 634 23.56 2.30 -30.83
CA LEU B 634 25.01 2.17 -30.64
C LEU B 634 25.42 0.71 -30.50
N THR B 635 24.69 -0.04 -29.67
CA THR B 635 25.05 -1.44 -29.48
C THR B 635 24.83 -2.25 -30.77
N ALA B 636 23.77 -1.93 -31.51
CA ALA B 636 23.53 -2.59 -32.78
C ALA B 636 24.68 -2.32 -33.77
N PHE B 637 25.17 -1.08 -33.80
CA PHE B 637 26.31 -0.76 -34.66
C PHE B 637 27.56 -1.53 -34.23
N VAL B 638 27.78 -1.64 -32.92
CA VAL B 638 28.93 -2.40 -32.43
C VAL B 638 28.84 -3.85 -32.87
N LEU B 639 27.66 -4.46 -32.73
CA LEU B 639 27.47 -5.84 -33.16
C LEU B 639 27.67 -5.99 -34.66
N GLY B 640 27.16 -5.02 -35.44
CA GLY B 640 27.33 -5.08 -36.88
C GLY B 640 28.79 -5.03 -37.29
N VAL B 641 29.56 -4.15 -36.66
CA VAL B 641 30.98 -4.04 -36.99
C VAL B 641 31.72 -5.31 -36.57
N PHE B 642 31.36 -5.86 -35.41
CA PHE B 642 31.97 -7.11 -34.98
C PHE B 642 31.70 -8.25 -35.96
N ILE B 643 30.46 -8.35 -36.46
CA ILE B 643 30.12 -9.41 -37.39
C ILE B 643 30.81 -9.20 -38.72
N LYS B 644 30.88 -7.95 -39.19
CA LYS B 644 31.52 -7.66 -40.47
C LYS B 644 32.99 -8.07 -40.45
N PHE B 645 33.74 -7.62 -39.47
CA PHE B 645 35.14 -8.02 -39.30
C PHE B 645 35.26 -9.17 -38.31
N ARG B 646 34.51 -10.25 -38.53
CA ARG B 646 34.50 -11.34 -37.57
C ARG B 646 35.82 -12.12 -37.58
N ASN B 647 36.40 -12.34 -38.75
CA ASN B 647 37.63 -13.11 -38.88
C ASN B 647 38.83 -12.16 -38.96
N THR B 648 39.07 -11.48 -37.85
CA THR B 648 40.22 -10.60 -37.68
C THR B 648 40.83 -10.84 -36.30
N PRO B 649 42.15 -10.66 -36.16
CA PRO B 649 42.83 -11.04 -34.91
C PRO B 649 42.33 -10.33 -33.66
N ILE B 650 41.99 -9.05 -33.75
CA ILE B 650 41.50 -8.34 -32.58
C ILE B 650 40.14 -8.89 -32.17
N VAL B 651 39.29 -9.21 -33.15
CA VAL B 651 37.98 -9.76 -32.84
C VAL B 651 38.12 -11.18 -32.30
N LYS B 652 39.05 -11.97 -32.86
CA LYS B 652 39.23 -13.34 -32.38
C LYS B 652 39.86 -13.35 -30.99
N ALA B 653 40.65 -12.33 -30.65
CA ALA B 653 41.27 -12.28 -29.34
C ALA B 653 40.23 -12.24 -28.22
N THR B 654 39.18 -11.44 -28.40
CA THR B 654 38.04 -11.47 -27.50
C THR B 654 37.10 -12.60 -27.96
N ASN B 655 36.65 -13.43 -27.02
CA ASN B 655 35.78 -14.54 -27.36
C ASN B 655 34.56 -14.06 -28.15
N ARG B 656 34.45 -14.50 -29.41
CA ARG B 656 33.46 -13.94 -30.31
C ARG B 656 32.03 -14.28 -29.88
N GLU B 657 31.80 -15.55 -29.54
CA GLU B 657 30.47 -15.98 -29.14
C GLU B 657 30.02 -15.27 -27.88
N LEU B 658 30.93 -15.17 -26.91
CA LEU B 658 30.61 -14.46 -25.67
C LEU B 658 30.45 -12.97 -25.91
N SER B 659 31.17 -12.40 -26.86
CA SER B 659 30.98 -11.00 -27.21
C SER B 659 29.58 -10.78 -27.80
N TYR B 660 29.15 -11.69 -28.67
CA TYR B 660 27.80 -11.59 -29.23
C TYR B 660 26.76 -11.71 -28.14
N LEU B 661 26.94 -12.65 -27.23
CA LEU B 661 26.00 -12.82 -26.12
C LEU B 661 25.97 -11.58 -25.23
N LEU B 662 27.13 -10.98 -24.97
CA LEU B 662 27.20 -9.77 -24.16
C LEU B 662 26.48 -8.61 -24.84
N LEU B 663 26.64 -8.48 -26.16
CA LEU B 663 25.97 -7.40 -26.87
C LEU B 663 24.46 -7.60 -26.88
N PHE B 664 24.01 -8.84 -27.06
CA PHE B 664 22.58 -9.12 -26.97
C PHE B 664 22.04 -8.80 -25.57
N SER B 665 22.80 -9.18 -24.54
CA SER B 665 22.38 -8.86 -23.17
C SER B 665 22.39 -7.37 -22.92
N LEU B 666 23.27 -6.62 -23.58
CA LEU B 666 23.25 -5.16 -23.47
C LEU B 666 22.01 -4.59 -24.14
N LEU B 667 21.60 -5.16 -25.28
CA LEU B 667 20.32 -4.79 -25.86
C LEU B 667 19.18 -5.02 -24.87
N CYS B 668 19.20 -6.17 -24.18
CA CYS B 668 18.17 -6.45 -23.19
C CYS B 668 18.22 -5.46 -22.03
N CYS B 669 19.43 -5.09 -21.59
CA CYS B 669 19.58 -4.13 -20.51
C CYS B 669 18.98 -2.78 -20.91
N PHE B 670 19.27 -2.32 -22.12
CA PHE B 670 18.70 -1.06 -22.58
C PHE B 670 17.19 -1.16 -22.71
N SER B 671 16.69 -2.29 -23.19
CA SER B 671 15.25 -2.45 -23.39
C SER B 671 14.49 -2.45 -22.08
N SER B 672 15.07 -3.08 -21.03
CA SER B 672 14.35 -3.23 -19.78
C SER B 672 14.10 -1.90 -19.08
N SER B 673 14.79 -0.83 -19.49
CA SER B 673 14.58 0.47 -18.86
C SER B 673 13.24 1.08 -19.28
N LEU B 674 12.72 0.67 -20.43
CA LEU B 674 11.46 1.22 -20.91
C LEU B 674 10.27 0.81 -20.04
N PHE B 675 10.43 -0.24 -19.25
CA PHE B 675 9.34 -0.68 -18.38
C PHE B 675 9.04 0.32 -17.27
N PHE B 676 9.98 1.22 -16.96
CA PHE B 676 9.83 2.17 -15.88
C PHE B 676 9.22 3.49 -16.35
N ILE B 677 8.85 3.60 -17.62
CA ILE B 677 8.31 4.83 -18.19
C ILE B 677 6.86 4.58 -18.57
N GLY B 678 5.98 5.48 -18.14
CA GLY B 678 4.57 5.39 -18.44
C GLY B 678 3.75 5.05 -17.20
N GLU B 679 2.45 4.91 -17.41
CA GLU B 679 1.55 4.57 -16.32
C GLU B 679 1.78 3.13 -15.87
N PRO B 680 1.94 2.89 -14.58
CA PRO B 680 2.20 1.53 -14.10
C PRO B 680 0.97 0.63 -14.24
N GLN B 681 1.24 -0.66 -14.43
CA GLN B 681 0.23 -1.69 -14.42
C GLN B 681 0.78 -2.92 -13.71
N ASP B 682 -0.11 -3.86 -13.39
CA ASP B 682 0.26 -4.99 -12.53
C ASP B 682 1.39 -5.80 -13.15
N TRP B 683 1.23 -6.21 -14.41
CA TRP B 683 2.25 -7.03 -15.05
C TRP B 683 3.55 -6.25 -15.20
N THR B 684 3.46 -4.94 -15.45
CA THR B 684 4.65 -4.12 -15.58
C THR B 684 5.42 -4.04 -14.27
N CYS B 685 4.71 -3.81 -13.16
CA CYS B 685 5.38 -3.77 -11.86
C CYS B 685 5.92 -5.14 -11.47
N ARG B 686 5.29 -6.20 -11.99
CA ARG B 686 5.76 -7.55 -11.71
C ARG B 686 7.07 -7.85 -12.45
N LEU B 687 7.13 -7.45 -13.72
CA LEU B 687 8.23 -7.87 -14.60
C LEU B 687 9.35 -6.83 -14.71
N ARG B 688 9.16 -5.63 -14.16
CA ARG B 688 10.16 -4.57 -14.34
C ARG B 688 11.45 -4.87 -13.57
N GLN B 689 11.33 -5.49 -12.39
CA GLN B 689 12.51 -5.66 -11.55
C GLN B 689 13.40 -6.80 -12.00
N PRO B 690 12.92 -8.04 -12.18
CA PRO B 690 13.85 -9.15 -12.49
C PRO B 690 14.58 -8.99 -13.81
N ALA B 691 14.03 -8.24 -14.77
CA ALA B 691 14.62 -8.18 -16.10
C ALA B 691 16.03 -7.60 -16.06
N PHE B 692 16.20 -6.45 -15.41
CA PHE B 692 17.52 -5.82 -15.32
C PHE B 692 18.50 -6.70 -14.57
N GLY B 693 18.05 -7.31 -13.47
CA GLY B 693 18.95 -8.18 -12.72
C GLY B 693 19.45 -9.35 -13.54
N ILE B 694 18.55 -10.04 -14.24
CA ILE B 694 18.96 -11.15 -15.08
C ILE B 694 19.86 -10.72 -16.23
N SER B 695 19.55 -9.62 -16.91
CA SER B 695 20.38 -9.16 -18.02
C SER B 695 21.79 -8.76 -17.54
N PHE B 696 21.86 -8.03 -16.43
CA PHE B 696 23.16 -7.62 -15.92
C PHE B 696 23.97 -8.82 -15.44
N VAL B 697 23.31 -9.80 -14.83
CA VAL B 697 24.01 -11.02 -14.40
C VAL B 697 24.54 -11.78 -15.61
N LEU B 698 23.77 -11.77 -16.71
CA LEU B 698 24.24 -12.39 -17.94
C LEU B 698 25.50 -11.71 -18.46
N CYS B 699 25.49 -10.38 -18.50
CA CYS B 699 26.67 -9.64 -18.95
C CYS B 699 27.89 -9.94 -18.07
N ILE B 700 27.69 -9.89 -16.76
CA ILE B 700 28.79 -10.09 -15.83
C ILE B 700 29.35 -11.50 -15.95
N SER B 701 28.47 -12.49 -16.11
CA SER B 701 28.92 -13.87 -16.27
C SER B 701 29.73 -14.03 -17.55
N CYS B 702 29.30 -13.39 -18.63
CA CYS B 702 30.05 -13.46 -19.88
C CYS B 702 31.45 -12.89 -19.69
N ILE B 703 31.54 -11.71 -19.04
CA ILE B 703 32.84 -11.08 -18.83
C ILE B 703 33.74 -11.97 -17.97
N LEU B 704 33.17 -12.51 -16.89
CA LEU B 704 33.93 -13.36 -15.98
C LEU B 704 34.48 -14.58 -16.69
N VAL B 705 33.64 -15.25 -17.48
CA VAL B 705 34.06 -16.48 -18.15
C VAL B 705 35.13 -16.16 -19.19
N LYS B 706 34.97 -15.06 -19.92
CA LYS B 706 35.99 -14.65 -20.88
C LYS B 706 37.34 -14.48 -20.19
N THR B 707 37.37 -13.69 -19.12
CA THR B 707 38.63 -13.39 -18.45
C THR B 707 39.25 -14.64 -17.85
N ASN B 708 38.42 -15.48 -17.22
CA ASN B 708 38.94 -16.69 -16.59
C ASN B 708 39.51 -17.64 -17.63
N ARG B 709 38.84 -17.81 -18.77
CA ARG B 709 39.35 -18.70 -19.80
C ARG B 709 40.67 -18.19 -20.35
N VAL B 710 40.76 -16.89 -20.62
CA VAL B 710 42.00 -16.34 -21.15
C VAL B 710 43.14 -16.53 -20.15
N LEU B 711 42.88 -16.25 -18.87
CA LEU B 711 43.89 -16.41 -17.84
C LEU B 711 44.35 -17.86 -17.73
N LEU B 712 43.40 -18.80 -17.72
CA LEU B 712 43.75 -20.20 -17.59
C LEU B 712 44.56 -20.68 -18.78
N VAL B 713 44.22 -20.19 -19.98
CA VAL B 713 44.97 -20.57 -21.17
C VAL B 713 46.39 -20.04 -21.10
N PHE B 714 46.56 -18.78 -20.67
CA PHE B 714 47.89 -18.18 -20.72
C PHE B 714 48.79 -18.67 -19.60
N GLU B 715 48.24 -18.93 -18.42
CA GLU B 715 49.07 -19.22 -17.25
C GLU B 715 49.69 -20.61 -17.28
N ALA B 716 48.91 -21.62 -17.64
CA ALA B 716 49.35 -23.02 -17.56
C ALA B 716 50.60 -23.28 -18.37
N LYS B 717 51.69 -23.64 -17.70
CA LYS B 717 52.96 -23.93 -18.36
C LYS B 717 53.09 -25.38 -18.80
N ILE B 718 52.10 -26.22 -18.52
CA ILE B 718 52.18 -27.65 -18.80
C ILE B 718 52.32 -27.88 -20.31
N PRO B 719 53.27 -28.70 -20.74
CA PRO B 719 53.34 -29.03 -22.18
C PRO B 719 52.09 -29.72 -22.68
N THR B 720 51.44 -30.53 -21.85
CA THR B 720 50.23 -31.24 -22.24
C THR B 720 49.02 -30.43 -21.75
N SER B 721 48.69 -29.41 -22.54
CA SER B 721 47.51 -28.58 -22.31
C SER B 721 46.37 -28.94 -23.24
N PHE B 722 46.47 -30.06 -23.95
CA PHE B 722 45.40 -30.47 -24.85
C PHE B 722 44.10 -30.74 -24.10
N HIS B 723 44.21 -31.13 -22.84
CA HIS B 723 43.02 -31.33 -22.00
C HIS B 723 42.23 -30.03 -21.88
N ARG B 724 40.96 -30.08 -22.28
CA ARG B 724 40.08 -28.92 -22.32
C ARG B 724 38.74 -29.23 -21.68
N LYS B 725 38.78 -29.98 -20.57
CA LYS B 725 37.57 -30.35 -19.86
C LYS B 725 37.07 -29.27 -18.90
N TRP B 726 37.87 -28.24 -18.64
CA TRP B 726 37.45 -27.11 -17.83
C TRP B 726 37.38 -25.80 -18.58
N TRP B 727 37.98 -25.70 -19.76
CA TRP B 727 37.90 -24.50 -20.58
C TRP B 727 37.77 -24.91 -22.04
N GLY B 728 37.27 -23.97 -22.85
CA GLY B 728 37.11 -24.22 -24.27
C GLY B 728 35.80 -24.93 -24.59
N LEU B 729 35.65 -25.25 -25.88
CA LEU B 729 34.47 -25.92 -26.44
C LEU B 729 33.25 -25.05 -26.12
N ASN B 730 32.17 -25.60 -25.55
CA ASN B 730 30.99 -24.82 -25.21
C ASN B 730 30.65 -24.89 -23.73
N LEU B 731 31.56 -25.38 -22.89
CA LEU B 731 31.33 -25.40 -21.45
C LEU B 731 31.18 -23.99 -20.88
N GLN B 732 31.73 -22.98 -21.56
CA GLN B 732 31.60 -21.60 -21.10
C GLN B 732 30.14 -21.16 -21.07
N PHE B 733 29.36 -21.58 -22.07
CA PHE B 733 27.93 -21.28 -22.05
C PHE B 733 27.26 -21.92 -20.84
N LEU B 734 27.65 -23.15 -20.52
CA LEU B 734 27.10 -23.81 -19.35
C LEU B 734 27.45 -23.07 -18.07
N LEU B 735 28.68 -22.57 -17.96
CA LEU B 735 29.05 -21.81 -16.77
C LEU B 735 28.27 -20.50 -16.68
N VAL B 736 28.04 -19.83 -17.81
CA VAL B 736 27.23 -18.61 -17.80
C VAL B 736 25.81 -18.91 -17.33
N PHE B 737 25.22 -19.98 -17.86
CA PHE B 737 23.88 -20.37 -17.42
C PHE B 737 23.85 -20.74 -15.96
N LEU B 738 24.92 -21.40 -15.47
CA LEU B 738 25.02 -21.73 -14.06
C LEU B 738 25.04 -20.48 -13.21
N CYS B 739 25.76 -19.45 -13.66
CA CYS B 739 25.81 -18.19 -12.93
C CYS B 739 24.45 -17.51 -12.89
N THR B 740 23.71 -17.55 -14.01
CA THR B 740 22.41 -16.88 -14.05
C THR B 740 21.29 -17.72 -13.41
N PHE B 741 21.56 -19.00 -13.13
CA PHE B 741 20.54 -19.87 -12.55
C PHE B 741 20.05 -19.37 -11.21
N MET B 742 20.95 -18.81 -10.39
CA MET B 742 20.54 -18.31 -9.09
C MET B 742 19.53 -17.17 -9.21
N GLN B 743 19.79 -16.24 -10.13
CA GLN B 743 18.84 -15.14 -10.34
C GLN B 743 17.52 -15.66 -10.88
N ILE B 744 17.56 -16.65 -11.78
CA ILE B 744 16.32 -17.24 -12.28
C ILE B 744 15.52 -17.83 -11.12
N VAL B 745 16.19 -18.56 -10.23
CA VAL B 745 15.50 -19.21 -9.11
C VAL B 745 14.88 -18.16 -8.18
N ILE B 746 15.65 -17.11 -7.88
CA ILE B 746 15.15 -16.09 -6.96
C ILE B 746 13.95 -15.37 -7.56
N CYS B 747 14.01 -15.07 -8.87
CA CYS B 747 12.88 -14.44 -9.53
C CYS B 747 11.64 -15.33 -9.48
N VAL B 748 11.83 -16.63 -9.71
CA VAL B 748 10.71 -17.57 -9.67
C VAL B 748 10.08 -17.58 -8.28
N ILE B 749 10.91 -17.68 -7.24
CA ILE B 749 10.38 -17.73 -5.88
C ILE B 749 9.66 -16.42 -5.53
N TRP B 750 10.24 -15.29 -5.95
CA TRP B 750 9.62 -13.99 -5.67
C TRP B 750 8.24 -13.91 -6.32
N LEU B 751 8.16 -14.24 -7.61
CA LEU B 751 6.89 -14.13 -8.31
C LEU B 751 5.90 -15.21 -7.91
N TYR B 752 6.33 -16.25 -7.20
CA TYR B 752 5.36 -17.26 -6.73
C TYR B 752 4.91 -17.03 -5.29
N THR B 753 5.71 -16.37 -4.46
CA THR B 753 5.33 -16.21 -3.06
C THR B 753 4.80 -14.82 -2.72
N ALA B 754 5.16 -13.78 -3.48
CA ALA B 754 4.72 -12.41 -3.17
C ALA B 754 4.91 -11.53 -4.41
N PRO B 755 3.95 -11.56 -5.33
CA PRO B 755 4.07 -10.74 -6.54
C PRO B 755 3.86 -9.27 -6.24
N PRO B 756 4.69 -8.40 -6.80
CA PRO B 756 4.43 -6.96 -6.70
C PRO B 756 3.23 -6.56 -7.55
N SER B 757 2.59 -5.46 -7.17
CA SER B 757 1.38 -5.04 -7.85
C SER B 757 1.25 -3.52 -7.82
N SER B 758 0.47 -2.99 -8.76
CA SER B 758 0.24 -1.55 -8.82
C SER B 758 -0.58 -1.09 -7.62
N TYR B 759 -0.30 0.14 -7.18
CA TYR B 759 -0.97 0.72 -6.02
C TYR B 759 -1.34 2.16 -6.32
N ARG B 760 -2.53 2.58 -5.87
CA ARG B 760 -2.99 3.96 -6.00
C ARG B 760 -2.77 4.65 -4.67
N ASN B 761 -1.66 5.40 -4.58
CA ASN B 761 -1.26 6.00 -3.32
C ASN B 761 -2.03 7.31 -3.10
N GLN B 762 -2.68 7.41 -1.93
CA GLN B 762 -3.55 8.51 -1.57
C GLN B 762 -3.32 8.95 -0.13
N GLU B 763 -2.07 8.90 0.35
CA GLU B 763 -1.83 9.26 1.74
C GLU B 763 -0.60 10.13 1.94
N LEU B 764 -0.02 10.68 0.86
CA LEU B 764 1.15 11.55 1.00
C LEU B 764 0.88 12.98 0.60
N GLU B 765 0.02 13.22 -0.38
CA GLU B 765 -0.38 14.56 -0.77
C GLU B 765 -1.89 14.61 -0.96
N ASP B 766 -2.51 15.69 -0.48
CA ASP B 766 -3.96 15.77 -0.45
C ASP B 766 -4.55 15.96 -1.84
N GLU B 767 -3.97 16.87 -2.63
CA GLU B 767 -4.57 17.23 -3.90
C GLU B 767 -4.10 16.35 -5.06
N ILE B 768 -3.11 15.49 -4.85
CA ILE B 768 -2.53 14.67 -5.91
C ILE B 768 -2.60 13.21 -5.49
N ILE B 769 -3.05 12.35 -6.40
CA ILE B 769 -3.05 10.90 -6.21
C ILE B 769 -1.94 10.30 -7.05
N PHE B 770 -1.04 9.57 -6.41
CA PHE B 770 0.10 8.98 -7.09
C PHE B 770 -0.25 7.57 -7.55
N ILE B 771 0.37 7.12 -8.62
CA ILE B 771 0.24 5.73 -9.05
C ILE B 771 1.63 5.11 -9.03
N THR B 772 1.84 4.13 -8.15
CA THR B 772 3.15 3.53 -7.96
C THR B 772 3.05 2.01 -8.05
N CYS B 773 4.19 1.36 -7.83
CA CYS B 773 4.27 -0.09 -7.76
C CYS B 773 4.71 -0.51 -6.37
N HIS B 774 3.94 -1.38 -5.73
CA HIS B 774 4.28 -1.92 -4.43
C HIS B 774 4.96 -3.28 -4.59
N GLU B 775 6.13 -3.41 -3.98
CA GLU B 775 6.94 -4.63 -4.03
C GLU B 775 6.45 -5.59 -2.96
N GLY B 776 6.16 -6.82 -3.37
CA GLY B 776 5.60 -7.79 -2.44
C GLY B 776 6.56 -8.16 -1.32
N SER B 777 7.83 -8.40 -1.67
CA SER B 777 8.83 -8.81 -0.70
C SER B 777 10.08 -7.97 -0.86
N LEU B 778 10.52 -7.35 0.23
CA LEU B 778 11.80 -6.64 0.21
C LEU B 778 12.96 -7.61 0.25
N MET B 779 12.73 -8.83 0.78
CA MET B 779 13.79 -9.83 0.86
C MET B 779 14.28 -10.23 -0.53
N ALA B 780 13.36 -10.40 -1.48
CA ALA B 780 13.75 -10.78 -2.83
C ALA B 780 14.57 -9.69 -3.50
N LEU B 781 14.16 -8.43 -3.34
CA LEU B 781 14.92 -7.33 -3.92
C LEU B 781 16.31 -7.23 -3.29
N GLY B 782 16.38 -7.39 -1.98
CA GLY B 782 17.69 -7.39 -1.32
C GLY B 782 18.58 -8.51 -1.82
N PHE B 783 18.01 -9.69 -2.02
CA PHE B 783 18.78 -10.81 -2.53
C PHE B 783 19.29 -10.54 -3.93
N LEU B 784 18.44 -9.97 -4.79
CA LEU B 784 18.87 -9.61 -6.14
C LEU B 784 20.04 -8.63 -6.11
N ILE B 785 19.89 -7.56 -5.32
CA ILE B 785 20.94 -6.55 -5.26
C ILE B 785 22.23 -7.15 -4.71
N GLY B 786 22.12 -7.96 -3.66
CA GLY B 786 23.31 -8.55 -3.07
C GLY B 786 24.03 -9.49 -4.02
N TYR B 787 23.27 -10.31 -4.75
CA TYR B 787 23.89 -11.23 -5.69
C TYR B 787 24.58 -10.47 -6.82
N THR B 788 23.94 -9.41 -7.32
CA THR B 788 24.58 -8.60 -8.36
C THR B 788 25.86 -7.95 -7.86
N CYS B 789 25.84 -7.42 -6.63
CA CYS B 789 27.04 -6.82 -6.05
C CYS B 789 28.15 -7.85 -5.87
N LEU B 790 27.78 -9.06 -5.44
CA LEU B 790 28.76 -10.12 -5.28
C LEU B 790 29.42 -10.48 -6.61
N LEU B 791 28.62 -10.59 -7.67
CA LEU B 791 29.17 -10.89 -8.98
C LEU B 791 30.06 -9.74 -9.47
N ALA B 792 29.68 -8.50 -9.17
CA ALA B 792 30.52 -7.37 -9.54
C ALA B 792 31.86 -7.39 -8.80
N ALA B 793 31.84 -7.80 -7.53
CA ALA B 793 33.10 -7.92 -6.78
C ALA B 793 33.99 -9.02 -7.35
N ILE B 794 33.39 -10.16 -7.72
CA ILE B 794 34.18 -11.21 -8.36
C ILE B 794 34.74 -10.71 -9.69
N CYS B 795 33.97 -9.90 -10.41
CA CYS B 795 34.48 -9.30 -11.65
C CYS B 795 35.68 -8.41 -11.37
N PHE B 796 35.60 -7.62 -10.31
CA PHE B 796 36.75 -6.83 -9.85
C PHE B 796 37.97 -7.72 -9.62
N PHE B 797 37.78 -8.82 -8.90
CA PHE B 797 38.90 -9.71 -8.58
C PHE B 797 39.54 -10.26 -9.85
N PHE B 798 38.71 -10.79 -10.76
CA PHE B 798 39.25 -11.42 -11.96
C PHE B 798 39.86 -10.39 -12.90
N ALA B 799 39.34 -9.17 -12.90
CA ALA B 799 39.99 -8.10 -13.65
C ALA B 799 41.36 -7.79 -13.07
N PHE B 800 41.45 -7.72 -11.73
CA PHE B 800 42.73 -7.42 -11.11
C PHE B 800 43.74 -8.53 -11.34
N LYS B 801 43.26 -9.77 -11.53
CA LYS B 801 44.18 -10.89 -11.68
C LYS B 801 44.89 -10.87 -13.04
N SER B 802 44.32 -10.16 -14.02
CA SER B 802 44.87 -10.20 -15.37
C SER B 802 45.61 -8.93 -15.75
N ARG B 803 46.30 -8.31 -14.78
CA ARG B 803 46.99 -7.05 -15.03
C ARG B 803 48.29 -7.22 -15.83
N LYS B 804 48.79 -8.44 -15.99
CA LYS B 804 50.09 -8.64 -16.63
C LYS B 804 50.03 -9.38 -17.95
N LEU B 805 48.85 -9.74 -18.44
CA LEU B 805 48.74 -10.45 -19.72
C LEU B 805 49.06 -9.50 -20.87
N PRO B 806 49.42 -10.05 -22.04
CA PRO B 806 49.68 -9.20 -23.22
C PRO B 806 48.55 -8.24 -23.55
N GLU B 807 48.86 -7.25 -24.40
CA GLU B 807 47.94 -6.14 -24.64
C GLU B 807 46.64 -6.60 -25.29
N ASN B 808 46.73 -7.48 -26.29
CA ASN B 808 45.55 -7.86 -27.06
C ASN B 808 44.63 -8.80 -26.27
N PHE B 809 45.09 -9.34 -25.15
CA PHE B 809 44.30 -10.28 -24.36
C PHE B 809 44.07 -9.76 -22.94
N ASN B 810 44.15 -8.44 -22.76
CA ASN B 810 44.00 -7.83 -21.44
C ASN B 810 42.92 -6.75 -21.49
N GLU B 811 41.99 -6.81 -20.54
CA GLU B 811 40.96 -5.80 -20.41
C GLU B 811 40.70 -5.41 -18.95
N ALA B 812 41.72 -5.46 -18.10
CA ALA B 812 41.53 -5.21 -16.67
C ALA B 812 41.06 -3.78 -16.41
N LYS B 813 41.69 -2.81 -17.09
CA LYS B 813 41.39 -1.40 -16.84
C LYS B 813 39.92 -1.09 -17.12
N PHE B 814 39.41 -1.62 -18.24
CA PHE B 814 38.05 -1.30 -18.64
C PHE B 814 37.02 -1.93 -17.72
N ILE B 815 37.26 -3.17 -17.30
CA ILE B 815 36.35 -3.82 -16.35
C ILE B 815 36.35 -3.06 -15.03
N THR B 816 37.54 -2.69 -14.55
CA THR B 816 37.63 -1.95 -13.29
C THR B 816 36.89 -0.61 -13.39
N PHE B 817 37.07 0.10 -14.50
CA PHE B 817 36.42 1.39 -14.65
C PHE B 817 34.90 1.25 -14.75
N SER B 818 34.43 0.22 -15.45
CA SER B 818 32.99 -0.02 -15.53
C SER B 818 32.40 -0.32 -14.16
N MET B 819 33.10 -1.14 -13.38
CA MET B 819 32.63 -1.43 -12.03
C MET B 819 32.61 -0.18 -11.17
N LEU B 820 33.63 0.68 -11.31
CA LEU B 820 33.65 1.94 -10.58
C LEU B 820 32.47 2.82 -10.97
N ILE B 821 32.18 2.92 -12.26
CA ILE B 821 31.05 3.73 -12.71
C ILE B 821 29.75 3.23 -12.09
N PHE B 822 29.54 1.91 -12.18
CA PHE B 822 28.35 1.28 -11.63
C PHE B 822 28.19 1.57 -10.14
N PHE B 823 29.24 1.30 -9.37
CA PHE B 823 29.18 1.46 -7.93
C PHE B 823 28.99 2.92 -7.53
N ILE B 824 29.71 3.85 -8.19
CA ILE B 824 29.60 5.26 -7.85
C ILE B 824 28.20 5.77 -8.15
N VAL B 825 27.64 5.38 -9.29
CA VAL B 825 26.29 5.82 -9.64
C VAL B 825 25.30 5.37 -8.57
N TRP B 826 25.35 4.09 -8.20
CA TRP B 826 24.34 3.59 -7.26
C TRP B 826 24.55 4.16 -5.86
N ILE B 827 25.81 4.30 -5.42
CA ILE B 827 26.08 4.88 -4.11
C ILE B 827 25.59 6.33 -4.06
N SER B 828 25.82 7.10 -5.12
CA SER B 828 25.33 8.46 -5.17
C SER B 828 23.81 8.53 -5.20
N PHE B 829 23.14 7.59 -5.85
CA PHE B 829 21.68 7.62 -5.97
C PHE B 829 20.95 7.00 -4.78
N ILE B 830 21.66 6.38 -3.85
CA ILE B 830 21.02 5.82 -2.64
C ILE B 830 20.18 6.86 -1.89
N PRO B 831 20.72 8.05 -1.55
CA PRO B 831 19.91 9.01 -0.79
C PRO B 831 18.65 9.46 -1.52
N ALA B 832 18.73 9.61 -2.84
CA ALA B 832 17.54 10.00 -3.60
C ALA B 832 16.47 8.91 -3.57
N TYR B 833 16.88 7.65 -3.55
CA TYR B 833 15.94 6.55 -3.44
C TYR B 833 15.36 6.42 -2.04
N ALA B 834 16.08 6.84 -1.01
CA ALA B 834 15.59 6.70 0.35
C ALA B 834 14.46 7.65 0.72
N SER B 835 14.39 8.83 0.10
CA SER B 835 13.47 9.89 0.54
C SER B 835 12.74 10.54 -0.63
N THR B 836 12.19 9.75 -1.55
CA THR B 836 11.51 10.34 -2.70
C THR B 836 10.32 9.48 -3.10
N TYR B 837 9.19 10.13 -3.33
CA TYR B 837 7.98 9.51 -3.84
C TYR B 837 7.49 10.29 -5.04
N GLY B 838 7.15 9.59 -6.12
CA GLY B 838 6.64 10.20 -7.32
C GLY B 838 7.35 9.69 -8.55
N LYS B 839 7.32 10.50 -9.61
CA LYS B 839 7.98 10.14 -10.86
C LYS B 839 9.49 10.15 -10.74
N PHE B 840 10.03 10.87 -9.75
CA PHE B 840 11.48 10.95 -9.61
C PHE B 840 12.10 9.59 -9.28
N VAL B 841 11.33 8.69 -8.66
CA VAL B 841 11.83 7.35 -8.41
C VAL B 841 12.09 6.63 -9.74
N SER B 842 11.12 6.69 -10.65
CA SER B 842 11.30 6.07 -11.96
C SER B 842 12.41 6.77 -12.74
N ALA B 843 12.52 8.09 -12.60
CA ALA B 843 13.60 8.83 -13.26
C ALA B 843 14.96 8.34 -12.77
N VAL B 844 15.10 8.16 -11.45
CA VAL B 844 16.34 7.65 -10.88
C VAL B 844 16.63 6.25 -11.39
N GLU B 845 15.61 5.40 -11.44
CA GLU B 845 15.80 4.04 -11.93
C GLU B 845 16.31 4.06 -13.37
N VAL B 846 15.65 4.82 -14.24
CA VAL B 846 16.03 4.84 -15.65
C VAL B 846 17.43 5.41 -15.82
N ILE B 847 17.74 6.49 -15.11
CA ILE B 847 19.05 7.12 -15.23
C ILE B 847 20.14 6.17 -14.78
N ALA B 848 19.93 5.50 -13.64
CA ALA B 848 20.93 4.57 -13.12
C ALA B 848 21.07 3.31 -13.97
N ILE B 849 20.04 2.91 -14.70
CA ILE B 849 20.17 1.79 -15.63
C ILE B 849 20.94 2.21 -16.88
N LEU B 850 20.56 3.35 -17.46
CA LEU B 850 21.21 3.81 -18.68
C LEU B 850 22.69 4.13 -18.44
N ALA B 851 23.01 4.75 -17.30
CA ALA B 851 24.41 5.08 -17.02
C ALA B 851 25.26 3.82 -16.93
N ALA B 852 24.76 2.80 -16.22
CA ALA B 852 25.51 1.56 -16.08
C ALA B 852 25.70 0.86 -17.43
N SER B 853 24.62 0.78 -18.23
CA SER B 853 24.73 0.13 -19.53
C SER B 853 25.69 0.87 -20.44
N PHE B 854 25.59 2.20 -20.48
CA PHE B 854 26.49 2.99 -21.32
C PHE B 854 27.93 2.85 -20.86
N GLY B 855 28.16 2.86 -19.56
CA GLY B 855 29.50 2.68 -19.04
C GLY B 855 30.09 1.35 -19.43
N LEU B 856 29.31 0.27 -19.28
CA LEU B 856 29.78 -1.05 -19.67
C LEU B 856 30.15 -1.09 -21.15
N LEU B 857 29.23 -0.62 -22.01
CA LEU B 857 29.48 -0.66 -23.44
C LEU B 857 30.71 0.15 -23.83
N ALA B 858 30.79 1.39 -23.32
CA ALA B 858 31.90 2.27 -23.70
C ALA B 858 33.23 1.74 -23.19
N CYS B 859 33.25 1.20 -21.97
CA CYS B 859 34.50 0.66 -21.44
C CYS B 859 34.94 -0.57 -22.21
N ILE B 860 34.01 -1.45 -22.59
CA ILE B 860 34.41 -2.73 -23.17
C ILE B 860 34.69 -2.67 -24.67
N PHE B 861 33.88 -1.96 -25.46
CA PHE B 861 33.95 -2.14 -26.91
C PHE B 861 34.45 -0.95 -27.69
N PHE B 862 34.50 0.25 -27.11
CA PHE B 862 34.73 1.45 -27.93
C PHE B 862 36.15 1.53 -28.46
N ASN B 863 37.14 1.18 -27.64
CA ASN B 863 38.53 1.25 -28.11
C ASN B 863 38.77 0.24 -29.22
N LYS B 864 38.23 -0.96 -29.08
CA LYS B 864 38.35 -1.96 -30.14
C LYS B 864 37.63 -1.52 -31.40
N ILE B 865 36.48 -0.86 -31.25
CA ILE B 865 35.78 -0.31 -32.40
C ILE B 865 36.66 0.70 -33.12
N TYR B 866 37.28 1.61 -32.35
CA TYR B 866 38.19 2.59 -32.92
C TYR B 866 39.31 1.93 -33.70
N ILE B 867 40.00 0.98 -33.06
CA ILE B 867 41.14 0.31 -33.71
C ILE B 867 40.68 -0.42 -34.97
N ILE B 868 39.50 -1.03 -34.92
CA ILE B 868 39.00 -1.79 -36.07
C ILE B 868 38.72 -0.86 -37.23
N LEU B 869 38.01 0.24 -36.98
CA LEU B 869 37.53 1.08 -38.08
C LEU B 869 38.59 2.07 -38.54
N PHE B 870 39.31 2.68 -37.61
CA PHE B 870 40.40 3.58 -37.91
C PHE B 870 41.71 3.00 -37.41
N LYS B 871 42.78 3.25 -38.16
CA LYS B 871 44.07 2.60 -37.98
C LYS B 871 43.86 1.08 -38.07
N PRO B 872 43.59 0.53 -39.26
CA PRO B 872 43.53 -0.93 -39.41
C PRO B 872 44.87 -1.63 -39.27
N SER B 873 45.98 -0.90 -39.18
CA SER B 873 47.31 -1.50 -39.24
C SER B 873 47.56 -2.50 -38.12
N ARG B 874 46.91 -2.34 -36.98
CA ARG B 874 47.07 -3.26 -35.86
C ARG B 874 46.20 -4.50 -36.00
N ASN B 875 45.38 -4.57 -37.04
CA ASN B 875 44.50 -5.72 -37.30
C ASN B 875 45.17 -6.75 -38.21
N THR B 876 46.32 -7.26 -37.78
CA THR B 876 47.00 -8.34 -38.48
C THR B 876 47.52 -9.35 -37.46
N ILE B 877 47.76 -10.57 -37.94
CA ILE B 877 48.24 -11.64 -37.08
C ILE B 877 49.61 -11.29 -36.51
N GLU B 878 50.38 -10.47 -37.22
CA GLU B 878 51.73 -10.13 -36.79
C GLU B 878 51.73 -9.42 -35.44
N GLU B 879 50.81 -8.47 -35.25
CA GLU B 879 50.75 -7.72 -34.00
C GLU B 879 50.47 -8.63 -32.82
N VAL B 880 49.47 -9.51 -32.96
CA VAL B 880 49.12 -10.43 -31.87
C VAL B 880 50.28 -11.38 -31.60
N ARG B 881 50.90 -11.91 -32.66
CA ARG B 881 52.01 -12.84 -32.49
C ARG B 881 53.17 -12.19 -31.76
N CYS B 882 53.50 -10.94 -32.12
CA CYS B 882 54.59 -10.24 -31.45
C CYS B 882 54.24 -9.91 -30.01
N SER B 883 53.00 -9.48 -29.77
CA SER B 883 52.60 -9.08 -28.42
C SER B 883 52.58 -10.27 -27.48
N THR B 884 52.14 -11.43 -27.96
CA THR B 884 52.14 -12.62 -27.12
C THR B 884 53.55 -13.01 -26.70
N ALA B 885 54.50 -12.91 -27.63
CA ALA B 885 55.89 -13.22 -27.34
C ALA B 885 56.49 -12.20 -26.39
N ASP C 39 64.23 -71.20 -11.28
CA ASP C 39 63.25 -72.20 -10.92
C ASP C 39 62.24 -71.63 -9.93
N VAL C 40 60.99 -72.10 -10.02
CA VAL C 40 59.92 -71.60 -9.18
C VAL C 40 59.90 -72.37 -7.87
N GLN C 41 59.95 -71.64 -6.75
CA GLN C 41 59.94 -72.25 -5.42
C GLN C 41 59.12 -71.40 -4.48
N LEU C 42 58.07 -71.99 -3.92
CA LEU C 42 57.29 -71.39 -2.84
C LEU C 42 57.63 -72.16 -1.56
N VAL C 43 58.22 -71.47 -0.59
CA VAL C 43 58.67 -72.09 0.65
C VAL C 43 57.89 -71.47 1.80
N GLU C 44 57.18 -72.30 2.55
CA GLU C 44 56.34 -71.84 3.65
C GLU C 44 56.91 -72.32 4.97
N SER C 45 56.79 -71.47 5.99
CA SER C 45 57.26 -71.79 7.33
C SER C 45 56.47 -70.99 8.36
N GLY C 46 56.43 -71.52 9.58
CA GLY C 46 55.77 -70.83 10.67
C GLY C 46 54.90 -71.70 11.54
N GLY C 47 54.80 -72.99 11.20
CA GLY C 47 53.96 -73.91 11.93
C GLY C 47 54.66 -74.53 13.12
N GLY C 48 53.98 -75.49 13.73
CA GLY C 48 54.50 -76.15 14.91
C GLY C 48 53.35 -76.53 15.83
N LEU C 49 53.64 -76.54 17.13
CA LEU C 49 52.69 -76.94 18.15
C LEU C 49 52.22 -75.72 18.93
N VAL C 50 50.91 -75.52 18.98
CA VAL C 50 50.30 -74.41 19.73
C VAL C 50 49.16 -74.96 20.57
N GLN C 51 48.87 -74.26 21.68
CA GLN C 51 47.75 -74.58 22.56
C GLN C 51 46.47 -73.93 22.03
N PRO C 52 45.30 -74.46 22.40
CA PRO C 52 44.04 -73.86 21.93
C PRO C 52 43.92 -72.41 22.37
N GLY C 53 43.32 -71.61 21.49
CA GLY C 53 43.20 -70.18 21.73
C GLY C 53 44.42 -69.37 21.36
N GLY C 54 45.44 -69.99 20.77
CA GLY C 54 46.65 -69.28 20.39
C GLY C 54 46.51 -68.59 19.05
N SER C 55 47.64 -68.08 18.57
CA SER C 55 47.71 -67.37 17.30
C SER C 55 49.05 -67.64 16.66
N ARG C 56 49.05 -67.78 15.32
CA ARG C 56 50.28 -68.04 14.58
C ARG C 56 50.20 -67.39 13.21
N LYS C 57 51.34 -66.88 12.75
CA LYS C 57 51.44 -66.18 11.48
C LYS C 57 52.35 -66.98 10.56
N LEU C 58 51.75 -67.82 9.72
CA LEU C 58 52.53 -68.56 8.73
C LEU C 58 52.94 -67.65 7.59
N SER C 59 54.16 -67.86 7.09
CA SER C 59 54.72 -67.03 6.03
C SER C 59 55.15 -67.91 4.87
N CYS C 60 55.21 -67.29 3.69
CA CYS C 60 55.46 -68.00 2.45
C CYS C 60 56.29 -67.10 1.54
N SER C 61 57.48 -67.58 1.17
CA SER C 61 58.42 -66.81 0.36
C SER C 61 58.46 -67.39 -1.04
N ALA C 62 58.40 -66.52 -2.04
CA ALA C 62 58.43 -66.92 -3.44
C ALA C 62 59.74 -66.50 -4.08
N SER C 63 60.17 -67.29 -5.07
CA SER C 63 61.40 -66.99 -5.79
C SER C 63 61.38 -67.60 -7.19
N GLY C 64 61.82 -66.83 -8.18
CA GLY C 64 61.93 -67.31 -9.53
C GLY C 64 60.76 -67.02 -10.45
N PHE C 65 59.83 -66.16 -10.04
CA PHE C 65 58.70 -65.79 -10.89
C PHE C 65 58.15 -64.46 -10.39
N ALA C 66 57.33 -63.83 -11.23
CA ALA C 66 56.76 -62.52 -10.94
C ALA C 66 55.62 -62.69 -9.94
N PHE C 67 55.94 -62.48 -8.67
CA PHE C 67 54.96 -62.65 -7.60
C PHE C 67 53.84 -61.62 -7.66
N SER C 68 54.07 -60.47 -8.30
CA SER C 68 53.07 -59.41 -8.31
C SER C 68 51.89 -59.72 -9.23
N SER C 69 52.05 -60.64 -10.17
CA SER C 69 51.01 -60.94 -11.15
C SER C 69 50.22 -62.21 -10.81
N PHE C 70 50.43 -62.79 -9.63
CA PHE C 70 49.81 -64.05 -9.27
C PHE C 70 48.92 -63.89 -8.04
N GLY C 71 47.70 -64.39 -8.14
CA GLY C 71 46.89 -64.59 -6.96
C GLY C 71 47.33 -65.83 -6.19
N MET C 72 47.07 -65.82 -4.88
CA MET C 72 47.58 -66.86 -4.00
C MET C 72 46.46 -67.45 -3.17
N HIS C 73 46.46 -68.78 -3.06
CA HIS C 73 45.53 -69.51 -2.23
C HIS C 73 46.28 -70.24 -1.12
N TRP C 74 45.66 -70.27 0.06
CA TRP C 74 46.06 -71.10 1.17
C TRP C 74 45.13 -72.29 1.23
N VAL C 75 45.69 -73.50 1.18
CA VAL C 75 44.93 -74.74 1.17
C VAL C 75 45.53 -75.71 2.19
N ARG C 76 44.69 -76.33 3.01
CA ARG C 76 45.19 -77.21 4.06
C ARG C 76 44.72 -78.65 3.83
N GLN C 77 45.50 -79.59 4.33
CA GLN C 77 45.14 -81.00 4.34
C GLN C 77 45.25 -81.52 5.77
N ALA C 78 44.18 -82.12 6.27
CA ALA C 78 44.13 -82.69 7.61
C ALA C 78 45.19 -83.76 7.76
N PRO C 79 45.55 -84.17 9.00
CA PRO C 79 46.65 -85.15 9.16
C PRO C 79 46.47 -86.41 8.34
N GLU C 80 45.25 -86.95 8.31
CA GLU C 80 44.93 -88.05 7.40
C GLU C 80 43.53 -87.82 6.85
N LYS C 81 43.43 -86.98 5.81
CA LYS C 81 42.17 -86.69 5.12
C LYS C 81 42.47 -85.99 3.80
N GLY C 82 41.41 -85.52 3.13
CA GLY C 82 41.56 -84.84 1.86
C GLY C 82 41.93 -83.38 2.02
N LEU C 83 42.18 -82.74 0.88
CA LEU C 83 42.56 -81.33 0.83
C LEU C 83 41.34 -80.45 1.01
N GLU C 84 41.50 -79.35 1.74
CA GLU C 84 40.43 -78.39 1.98
C GLU C 84 40.92 -76.97 1.70
N TRP C 85 40.09 -76.20 1.00
CA TRP C 85 40.42 -74.80 0.71
C TRP C 85 40.29 -73.94 1.96
N VAL C 86 41.12 -72.90 2.04
CA VAL C 86 41.05 -71.95 3.14
C VAL C 86 40.85 -70.53 2.64
N ALA C 87 41.81 -70.01 1.89
CA ALA C 87 41.79 -68.57 1.63
C ALA C 87 42.33 -68.27 0.25
N TYR C 88 41.97 -67.09 -0.26
CA TYR C 88 42.42 -66.64 -1.56
C TYR C 88 42.56 -65.12 -1.55
N ILE C 89 43.65 -64.62 -2.13
CA ILE C 89 43.87 -63.20 -2.32
C ILE C 89 44.34 -62.97 -3.75
N SER C 90 43.76 -61.98 -4.41
CA SER C 90 44.06 -61.74 -5.81
C SER C 90 45.29 -60.85 -5.96
N SER C 91 45.78 -60.77 -7.20
CA SER C 91 46.92 -59.91 -7.51
C SER C 91 46.51 -58.45 -7.39
N GLY C 92 47.38 -57.64 -6.79
CA GLY C 92 47.05 -56.27 -6.49
C GLY C 92 46.27 -56.06 -5.21
N SER C 93 45.95 -57.15 -4.49
CA SER C 93 45.23 -57.09 -3.22
C SER C 93 43.90 -56.34 -3.38
N GLY C 94 43.09 -56.82 -4.31
CA GLY C 94 41.83 -56.18 -4.59
C GLY C 94 40.61 -57.00 -4.21
N THR C 95 40.78 -58.31 -4.07
CA THR C 95 39.67 -59.20 -3.72
C THR C 95 40.19 -60.29 -2.80
N ILE C 96 39.47 -60.55 -1.71
CA ILE C 96 39.88 -61.50 -0.70
C ILE C 96 38.70 -62.40 -0.36
N TYR C 97 38.94 -63.71 -0.32
CA TYR C 97 37.91 -64.68 0.04
C TYR C 97 38.42 -65.60 1.13
N TYR C 98 37.54 -65.89 2.10
CA TYR C 98 37.80 -66.85 3.17
C TYR C 98 36.71 -67.90 3.16
N ALA C 99 37.06 -69.09 3.64
CA ALA C 99 36.06 -70.13 3.84
C ALA C 99 35.19 -69.81 5.06
N ASP C 100 34.02 -70.44 5.10
CA ASP C 100 33.09 -70.21 6.20
C ASP C 100 33.68 -70.66 7.53
N THR C 101 34.37 -71.81 7.53
CA THR C 101 34.91 -72.35 8.78
C THR C 101 35.94 -71.43 9.41
N VAL C 102 36.82 -70.84 8.59
CA VAL C 102 37.92 -70.04 9.08
C VAL C 102 37.65 -68.54 8.91
N LYS C 103 36.39 -68.15 8.78
CA LYS C 103 36.04 -66.74 8.65
C LYS C 103 35.97 -66.08 10.02
N GLY C 104 36.54 -64.88 10.12
CA GLY C 104 36.56 -64.13 11.35
C GLY C 104 37.79 -64.36 12.21
N ARG C 105 38.53 -65.44 11.95
CA ARG C 105 39.74 -65.75 12.70
C ARG C 105 41.01 -65.75 11.88
N PHE C 106 40.92 -65.98 10.57
CA PHE C 106 42.08 -66.03 9.69
C PHE C 106 42.12 -64.78 8.82
N THR C 107 43.32 -64.24 8.64
CA THR C 107 43.52 -63.07 7.79
C THR C 107 44.66 -63.35 6.82
N ILE C 108 44.42 -63.12 5.54
CA ILE C 108 45.40 -63.36 4.50
C ILE C 108 45.96 -62.03 4.03
N SER C 109 47.28 -61.94 3.92
CA SER C 109 47.95 -60.71 3.51
C SER C 109 49.11 -61.05 2.60
N ARG C 110 49.58 -60.03 1.87
CA ARG C 110 50.73 -60.20 0.99
C ARG C 110 51.54 -58.92 0.99
N ASP C 111 52.85 -59.08 0.74
CA ASP C 111 53.80 -57.96 0.67
C ASP C 111 54.56 -58.10 -0.64
N ASP C 112 54.00 -57.52 -1.70
CA ASP C 112 54.53 -57.62 -3.06
C ASP C 112 55.98 -57.15 -3.18
N PRO C 113 56.39 -56.03 -2.53
CA PRO C 113 57.80 -55.63 -2.63
C PRO C 113 58.76 -56.58 -1.94
N LYS C 114 58.29 -57.58 -1.19
CA LYS C 114 59.17 -58.51 -0.49
C LYS C 114 58.87 -59.96 -0.80
N ASN C 115 57.99 -60.24 -1.77
CA ASN C 115 57.71 -61.60 -2.24
C ASN C 115 57.28 -62.52 -1.10
N THR C 116 56.35 -62.04 -0.28
CA THR C 116 55.95 -62.78 0.91
C THR C 116 54.43 -62.79 1.03
N LEU C 117 53.91 -63.90 1.53
CA LEU C 117 52.49 -64.09 1.82
C LEU C 117 52.33 -64.53 3.26
N PHE C 118 51.31 -64.01 3.93
CA PHE C 118 51.10 -64.31 5.35
C PHE C 118 49.67 -64.77 5.57
N LEU C 119 49.54 -65.76 6.47
CA LEU C 119 48.25 -66.18 6.98
C LEU C 119 48.31 -66.07 8.51
N GLN C 120 47.53 -65.14 9.06
CA GLN C 120 47.48 -64.94 10.50
C GLN C 120 46.24 -65.62 11.06
N MET C 121 46.44 -66.53 12.02
CA MET C 121 45.38 -67.35 12.57
C MET C 121 45.25 -67.07 14.06
N THR C 122 44.03 -66.76 14.49
CA THR C 122 43.72 -66.50 15.89
C THR C 122 42.60 -67.44 16.35
N SER C 123 42.56 -67.69 17.65
CA SER C 123 41.55 -68.54 18.27
C SER C 123 41.55 -69.93 17.63
N LEU C 124 42.69 -70.59 17.71
CA LEU C 124 42.86 -71.90 17.10
C LEU C 124 42.06 -72.96 17.85
N ARG C 125 41.70 -74.03 17.12
CA ARG C 125 40.99 -75.15 17.69
C ARG C 125 41.64 -76.44 17.22
N SER C 126 41.18 -77.56 17.79
CA SER C 126 41.72 -78.85 17.41
C SER C 126 41.37 -79.22 15.98
N GLU C 127 40.30 -78.62 15.43
CA GLU C 127 39.92 -78.89 14.05
C GLU C 127 40.88 -78.26 13.04
N ASP C 128 41.81 -77.41 13.48
CA ASP C 128 42.72 -76.72 12.59
C ASP C 128 44.04 -77.44 12.39
N THR C 129 44.27 -78.58 13.04
CA THR C 129 45.52 -79.29 12.85
C THR C 129 45.60 -79.82 11.42
N ALA C 130 46.69 -79.46 10.72
CA ALA C 130 46.80 -79.78 9.31
C ALA C 130 48.20 -79.49 8.77
N MET C 131 48.37 -79.67 7.46
CA MET C 131 49.52 -79.17 6.72
C MET C 131 49.03 -78.17 5.69
N TYR C 132 49.62 -76.98 5.70
CA TYR C 132 49.17 -75.87 4.88
C TYR C 132 50.10 -75.69 3.69
N TYR C 133 49.50 -75.39 2.54
CA TYR C 133 50.20 -75.18 1.28
C TYR C 133 49.82 -73.83 0.69
N CYS C 134 50.81 -73.19 0.10
CA CYS C 134 50.60 -72.03 -0.78
C CYS C 134 50.47 -72.55 -2.20
N VAL C 135 49.50 -72.02 -2.95
CA VAL C 135 49.35 -72.36 -4.36
C VAL C 135 49.06 -71.10 -5.16
N ARG C 136 49.75 -70.95 -6.29
CA ARG C 136 49.63 -69.78 -7.13
C ARG C 136 48.59 -70.00 -8.23
N SER C 137 48.02 -68.91 -8.71
CA SER C 137 47.07 -68.94 -9.80
C SER C 137 47.16 -67.64 -10.59
N ILE C 138 46.98 -67.74 -11.90
CA ILE C 138 46.94 -66.57 -12.78
C ILE C 138 45.75 -66.73 -13.71
N TYR C 139 45.12 -65.61 -14.07
CA TYR C 139 43.85 -65.63 -14.77
C TYR C 139 43.88 -64.71 -15.97
N TYR C 140 43.88 -65.29 -17.16
CA TYR C 140 43.54 -64.60 -18.40
C TYR C 140 42.97 -65.65 -19.34
N TYR C 141 42.71 -65.26 -20.59
CA TYR C 141 42.09 -66.17 -21.54
C TYR C 141 43.09 -67.25 -21.92
N GLY C 142 42.90 -68.46 -21.39
CA GLY C 142 43.73 -69.59 -21.75
C GLY C 142 44.91 -69.80 -20.81
N SER C 143 44.75 -69.43 -19.55
CA SER C 143 45.80 -69.61 -18.55
C SER C 143 45.53 -70.85 -17.72
N SER C 144 46.60 -71.40 -17.14
CA SER C 144 46.48 -72.59 -16.31
C SER C 144 46.62 -72.20 -14.85
N PRO C 145 45.55 -72.21 -14.07
CA PRO C 145 45.66 -71.92 -12.63
C PRO C 145 46.03 -73.15 -11.83
N PHE C 146 46.43 -72.91 -10.59
CA PHE C 146 46.81 -73.98 -9.65
C PHE C 146 47.94 -74.83 -10.21
N ASP C 147 48.83 -74.21 -10.99
CA ASP C 147 49.85 -74.96 -11.70
C ASP C 147 50.94 -75.46 -10.76
N PHE C 148 51.38 -74.62 -9.83
CA PHE C 148 52.48 -74.96 -8.93
C PHE C 148 52.02 -74.80 -7.49
N TRP C 149 52.21 -75.86 -6.70
CA TRP C 149 51.90 -75.85 -5.27
C TRP C 149 53.18 -75.69 -4.46
N GLY C 150 53.00 -75.48 -3.16
CA GLY C 150 54.12 -75.34 -2.26
C GLY C 150 54.69 -76.67 -1.81
N GLN C 151 55.26 -76.71 -0.61
CA GLN C 151 55.82 -77.94 -0.06
C GLN C 151 55.10 -78.38 1.21
N GLY C 152 54.68 -77.44 2.05
CA GLY C 152 53.86 -77.79 3.20
C GLY C 152 54.45 -77.39 4.54
N THR C 153 53.63 -76.79 5.39
CA THR C 153 54.03 -76.47 6.75
C THR C 153 53.00 -77.04 7.71
N THR C 154 53.45 -77.77 8.72
CA THR C 154 52.55 -78.51 9.60
C THR C 154 52.25 -77.72 10.86
N LEU C 155 50.97 -77.66 11.21
CA LEU C 155 50.50 -77.07 12.46
C LEU C 155 49.66 -78.10 13.18
N THR C 156 50.06 -78.45 14.40
CA THR C 156 49.36 -79.45 15.21
C THR C 156 48.94 -78.79 16.51
N VAL C 157 47.64 -78.50 16.63
CA VAL C 157 47.10 -77.90 17.85
C VAL C 157 46.81 -79.01 18.86
N SER C 158 47.19 -78.76 20.11
CA SER C 158 46.99 -79.74 21.17
C SER C 158 45.50 -79.96 21.48
N SER C 174 24.64 -74.38 -0.72
CA SER C 174 25.29 -73.42 -1.60
C SER C 174 26.70 -73.86 -1.96
N ASP C 175 27.09 -75.03 -1.46
CA ASP C 175 28.41 -75.60 -1.72
C ASP C 175 28.24 -76.82 -2.62
N ILE C 176 28.95 -76.83 -3.75
CA ILE C 176 28.93 -77.99 -4.63
C ILE C 176 29.62 -79.16 -3.95
N VAL C 177 29.00 -80.33 -4.00
CA VAL C 177 29.53 -81.53 -3.38
C VAL C 177 30.15 -82.40 -4.47
N MET C 178 31.45 -82.66 -4.35
CA MET C 178 32.14 -83.58 -5.24
C MET C 178 32.02 -85.00 -4.70
N THR C 179 32.00 -85.97 -5.61
CA THR C 179 31.75 -87.36 -5.26
C THR C 179 32.79 -88.24 -5.92
N GLN C 180 33.79 -88.68 -5.15
CA GLN C 180 34.76 -89.68 -5.58
C GLN C 180 34.56 -90.90 -4.68
N ALA C 181 33.65 -91.77 -5.08
CA ALA C 181 33.25 -92.89 -4.22
C ALA C 181 34.39 -93.90 -4.07
N THR C 182 35.02 -94.26 -5.18
CA THR C 182 36.11 -95.24 -5.13
C THR C 182 37.29 -94.66 -4.35
N SER C 183 37.94 -95.53 -3.56
CA SER C 183 39.02 -95.07 -2.70
C SER C 183 40.31 -95.84 -2.96
N SER C 184 40.20 -97.13 -3.26
CA SER C 184 41.36 -97.97 -3.49
C SER C 184 41.20 -98.71 -4.82
N VAL C 185 42.24 -98.65 -5.65
CA VAL C 185 42.23 -99.31 -6.95
C VAL C 185 43.53 -100.10 -7.11
N PRO C 186 43.49 -101.42 -7.04
CA PRO C 186 44.70 -102.21 -7.34
C PRO C 186 44.99 -102.18 -8.84
N VAL C 187 46.23 -101.84 -9.18
CA VAL C 187 46.61 -101.63 -10.57
C VAL C 187 47.88 -102.41 -10.89
N THR C 188 48.09 -102.63 -12.18
CA THR C 188 49.27 -103.33 -12.69
C THR C 188 49.85 -102.47 -13.81
N PRO C 189 51.17 -102.33 -13.89
CA PRO C 189 51.76 -101.49 -14.94
C PRO C 189 51.37 -101.98 -16.33
N GLY C 190 51.12 -101.02 -17.23
CA GLY C 190 50.69 -101.30 -18.57
C GLY C 190 49.19 -101.35 -18.76
N GLU C 191 48.42 -101.32 -17.68
CA GLU C 191 46.97 -101.37 -17.77
C GLU C 191 46.40 -99.97 -17.97
N SER C 192 45.08 -99.91 -18.07
CA SER C 192 44.35 -98.66 -18.21
C SER C 192 43.37 -98.50 -17.04
N VAL C 193 43.32 -97.29 -16.48
CA VAL C 193 42.44 -96.99 -15.36
C VAL C 193 41.57 -95.80 -15.74
N SER C 194 40.39 -95.73 -15.11
CA SER C 194 39.44 -94.65 -15.41
C SER C 194 38.81 -94.21 -14.10
N ILE C 195 39.35 -93.15 -13.51
CA ILE C 195 38.74 -92.58 -12.31
C ILE C 195 37.56 -91.70 -12.70
N SER C 196 36.50 -91.76 -11.90
CA SER C 196 35.29 -91.00 -12.18
C SER C 196 34.89 -90.16 -10.97
N CYS C 197 34.31 -89.00 -11.22
CA CYS C 197 33.74 -88.19 -10.15
C CYS C 197 32.57 -87.39 -10.68
N ARG C 198 31.80 -86.81 -9.75
CA ARG C 198 30.51 -86.24 -10.08
C ARG C 198 30.39 -84.84 -9.51
N SER C 199 29.23 -84.21 -9.63
CA SER C 199 29.02 -82.85 -9.15
C SER C 199 27.56 -82.70 -8.71
N SER C 200 27.32 -81.68 -7.90
CA SER C 200 25.96 -81.32 -7.51
C SER C 200 25.29 -80.46 -8.58
N LYS C 201 25.91 -79.34 -8.92
CA LYS C 201 25.46 -78.48 -10.00
C LYS C 201 26.38 -78.67 -11.20
N SER C 202 25.79 -78.56 -12.39
CA SER C 202 26.58 -78.70 -13.62
C SER C 202 27.69 -77.67 -13.66
N LEU C 203 28.89 -78.12 -14.00
CA LEU C 203 30.07 -77.26 -14.04
C LEU C 203 30.29 -76.63 -15.40
N LEU C 204 29.23 -76.51 -16.20
CA LEU C 204 29.31 -75.90 -17.51
C LEU C 204 28.67 -74.51 -17.48
N HIS C 205 29.34 -73.56 -18.11
CA HIS C 205 28.91 -72.16 -18.08
C HIS C 205 28.55 -71.72 -19.50
N SER C 206 27.95 -70.53 -19.60
CA SER C 206 27.51 -70.02 -20.89
C SER C 206 28.69 -69.77 -21.83
N ASN C 207 29.87 -69.48 -21.28
CA ASN C 207 31.03 -69.22 -22.12
C ASN C 207 31.51 -70.47 -22.83
N GLY C 208 31.08 -71.64 -22.38
CA GLY C 208 31.47 -72.90 -22.99
C GLY C 208 32.57 -73.66 -22.29
N ASN C 209 33.00 -73.22 -21.11
CA ASN C 209 34.06 -73.88 -20.36
C ASN C 209 33.46 -74.73 -19.25
N THR C 210 34.03 -75.91 -19.04
CA THR C 210 33.64 -76.80 -17.96
C THR C 210 34.75 -76.76 -16.91
N TYR C 211 34.47 -76.08 -15.80
CA TYR C 211 35.49 -75.77 -14.80
C TYR C 211 35.68 -76.95 -13.85
N LEU C 212 36.46 -77.91 -14.32
CA LEU C 212 36.87 -79.05 -13.50
C LEU C 212 38.39 -79.22 -13.60
N TYR C 213 39.03 -79.48 -12.47
CA TYR C 213 40.48 -79.59 -12.38
C TYR C 213 40.85 -80.92 -11.74
N TRP C 214 41.97 -81.48 -12.18
CA TRP C 214 42.45 -82.78 -11.72
C TRP C 214 43.83 -82.62 -11.07
N PHE C 215 44.01 -83.23 -9.91
CA PHE C 215 45.27 -83.19 -9.20
C PHE C 215 45.68 -84.60 -8.78
N LEU C 216 46.99 -84.82 -8.71
CA LEU C 216 47.56 -86.07 -8.24
C LEU C 216 48.56 -85.79 -7.13
N GLN C 217 48.42 -86.50 -6.02
CA GLN C 217 49.35 -86.41 -4.90
C GLN C 217 50.03 -87.77 -4.74
N ARG C 218 51.33 -87.80 -4.99
CA ARG C 218 52.14 -88.98 -4.79
C ARG C 218 52.56 -89.06 -3.32
N PRO C 219 52.89 -90.26 -2.83
CA PRO C 219 53.28 -90.41 -1.42
C PRO C 219 54.43 -89.48 -1.05
N GLY C 220 54.20 -88.68 -0.01
CA GLY C 220 55.21 -87.74 0.46
C GLY C 220 55.54 -86.64 -0.52
N GLN C 221 54.56 -86.18 -1.30
CA GLN C 221 54.75 -85.09 -2.23
C GLN C 221 53.51 -84.19 -2.22
N SER C 222 53.73 -82.91 -2.55
CA SER C 222 52.64 -81.98 -2.68
C SER C 222 51.84 -82.28 -3.95
N PRO C 223 50.57 -81.88 -3.99
CA PRO C 223 49.74 -82.17 -5.16
C PRO C 223 50.26 -81.48 -6.41
N GLN C 224 49.99 -82.10 -7.56
CA GLN C 224 50.46 -81.62 -8.85
C GLN C 224 49.30 -81.57 -9.82
N LEU C 225 49.18 -80.45 -10.54
CA LEU C 225 48.12 -80.30 -11.53
C LEU C 225 48.32 -81.24 -12.70
N LEU C 226 47.21 -81.83 -13.16
CA LEU C 226 47.24 -82.70 -14.34
C LEU C 226 46.42 -82.09 -15.47
N ILE C 227 45.16 -81.75 -15.19
CA ILE C 227 44.23 -81.28 -16.20
C ILE C 227 43.48 -80.09 -15.65
N TYR C 228 43.32 -79.05 -16.46
CA TYR C 228 42.51 -77.90 -16.11
C TYR C 228 41.38 -77.75 -17.11
N ARG C 229 40.18 -77.48 -16.62
CA ARG C 229 38.98 -77.36 -17.43
C ARG C 229 38.66 -78.65 -18.18
N MET C 230 38.97 -79.78 -17.54
CA MET C 230 38.40 -81.10 -17.84
C MET C 230 38.95 -81.73 -19.13
N SER C 231 39.66 -80.96 -19.94
CA SER C 231 40.14 -81.46 -21.21
C SER C 231 41.57 -81.06 -21.55
N ASN C 232 42.09 -79.99 -20.95
CA ASN C 232 43.37 -79.44 -21.33
C ASN C 232 44.46 -80.03 -20.45
N LEU C 233 45.47 -80.63 -21.08
CA LEU C 233 46.59 -81.21 -20.35
C LEU C 233 47.60 -80.14 -19.98
N ALA C 234 48.03 -80.12 -18.72
CA ALA C 234 48.99 -79.14 -18.26
C ALA C 234 50.37 -79.44 -18.84
N SER C 235 51.28 -78.49 -18.67
CA SER C 235 52.64 -78.66 -19.16
C SER C 235 53.41 -79.62 -18.28
N GLY C 236 54.26 -80.43 -18.92
CA GLY C 236 55.09 -81.36 -18.19
C GLY C 236 54.38 -82.59 -17.67
N VAL C 237 53.21 -82.91 -18.20
CA VAL C 237 52.46 -84.08 -17.78
C VAL C 237 52.59 -85.15 -18.85
N PRO C 238 52.68 -86.44 -18.48
CA PRO C 238 52.72 -87.50 -19.48
C PRO C 238 51.51 -87.47 -20.40
N ASP C 239 51.75 -87.74 -21.69
CA ASP C 239 50.69 -87.64 -22.68
C ASP C 239 49.65 -88.74 -22.53
N ARG C 240 49.93 -89.78 -21.74
CA ARG C 240 48.99 -90.88 -21.56
C ARG C 240 47.75 -90.48 -20.78
N PHE C 241 47.74 -89.32 -20.15
CA PHE C 241 46.60 -88.86 -19.37
C PHE C 241 45.57 -88.20 -20.27
N SER C 242 44.29 -88.48 -20.00
CA SER C 242 43.22 -87.85 -20.77
C SER C 242 42.06 -87.55 -19.83
N GLY C 243 41.26 -86.56 -20.20
CA GLY C 243 40.09 -86.17 -19.42
C GLY C 243 38.86 -86.02 -20.30
N SER C 244 37.71 -86.37 -19.73
CA SER C 244 36.45 -86.23 -20.44
C SER C 244 35.34 -85.94 -19.44
N GLY C 245 34.26 -85.36 -19.93
CA GLY C 245 33.15 -85.01 -19.06
C GLY C 245 31.86 -84.87 -19.82
N SER C 246 30.76 -84.86 -19.06
CA SER C 246 29.42 -84.71 -19.63
C SER C 246 28.64 -83.61 -18.94
N GLY C 247 29.31 -82.70 -18.24
CA GLY C 247 28.67 -81.62 -17.53
C GLY C 247 28.33 -81.91 -16.08
N THR C 248 28.11 -83.18 -15.74
CA THR C 248 27.78 -83.55 -14.36
C THR C 248 28.65 -84.71 -13.88
N ALA C 249 29.13 -85.53 -14.81
CA ALA C 249 30.00 -86.65 -14.51
C ALA C 249 31.25 -86.55 -15.37
N PHE C 250 32.41 -86.83 -14.76
CA PHE C 250 33.68 -86.67 -15.45
C PHE C 250 34.58 -87.85 -15.15
N THR C 251 35.49 -88.12 -16.09
CA THR C 251 36.40 -89.26 -15.99
C THR C 251 37.79 -88.87 -16.44
N LEU C 252 38.78 -89.27 -15.66
CA LEU C 252 40.18 -89.17 -16.02
C LEU C 252 40.70 -90.56 -16.36
N THR C 253 41.23 -90.72 -17.57
CA THR C 253 41.67 -92.01 -18.09
C THR C 253 43.19 -92.01 -18.18
N ILE C 254 43.80 -93.07 -17.66
CA ILE C 254 45.25 -93.25 -17.69
C ILE C 254 45.53 -94.54 -18.45
N SER C 255 46.22 -94.40 -19.58
CA SER C 255 46.73 -95.54 -20.32
C SER C 255 48.20 -95.76 -19.99
N ARG C 256 48.66 -96.99 -20.19
CA ARG C 256 50.04 -97.39 -19.87
C ARG C 256 50.42 -96.94 -18.46
N LEU C 257 49.71 -97.49 -17.47
CA LEU C 257 49.98 -97.13 -16.08
C LEU C 257 51.40 -97.52 -15.69
N GLU C 258 52.01 -96.70 -14.84
CA GLU C 258 53.40 -96.90 -14.44
C GLU C 258 53.48 -96.70 -12.94
N ALA C 259 54.65 -97.03 -12.38
CA ALA C 259 54.86 -96.83 -10.94
C ALA C 259 54.75 -95.37 -10.55
N GLU C 260 54.93 -94.45 -11.51
CA GLU C 260 54.74 -93.04 -11.23
C GLU C 260 53.31 -92.73 -10.83
N ASP C 261 52.34 -93.32 -11.54
CA ASP C 261 50.94 -93.04 -11.29
C ASP C 261 50.40 -93.87 -10.12
N VAL C 262 51.06 -93.80 -8.98
CA VAL C 262 50.61 -94.46 -7.76
C VAL C 262 50.41 -93.38 -6.71
N GLY C 263 49.16 -93.09 -6.38
CA GLY C 263 48.88 -92.01 -5.47
C GLY C 263 47.40 -91.69 -5.45
N VAL C 264 47.07 -90.55 -4.83
CA VAL C 264 45.69 -90.14 -4.62
C VAL C 264 45.32 -89.08 -5.66
N TYR C 265 44.20 -89.29 -6.34
CA TYR C 265 43.71 -88.38 -7.37
C TYR C 265 42.50 -87.63 -6.84
N TYR C 266 42.48 -86.31 -7.07
CA TYR C 266 41.43 -85.43 -6.61
C TYR C 266 40.85 -84.69 -7.80
N CYS C 267 39.54 -84.45 -7.78
CA CYS C 267 38.91 -83.54 -8.72
C CYS C 267 38.29 -82.38 -7.97
N MET C 268 38.40 -81.19 -8.57
CA MET C 268 37.98 -79.95 -7.93
C MET C 268 37.18 -79.13 -8.92
N GLN C 269 36.28 -78.30 -8.39
CA GLN C 269 35.49 -77.39 -9.21
C GLN C 269 35.94 -75.96 -8.97
N HIS C 270 35.92 -75.16 -10.03
CA HIS C 270 36.29 -73.75 -9.97
C HIS C 270 35.15 -72.84 -10.45
N LEU C 271 33.92 -73.36 -10.49
CA LEU C 271 32.80 -72.58 -11.00
C LEU C 271 32.49 -71.38 -10.10
N GLU C 272 32.47 -71.59 -8.79
CA GLU C 272 32.15 -70.52 -7.87
C GLU C 272 32.82 -70.81 -6.53
N TYR C 273 32.96 -69.75 -5.73
CA TYR C 273 33.54 -69.88 -4.40
C TYR C 273 32.47 -70.28 -3.38
N PRO C 274 32.83 -71.05 -2.35
CA PRO C 274 34.17 -71.59 -2.04
C PRO C 274 34.51 -72.79 -2.92
N LEU C 275 35.79 -72.98 -3.21
CA LEU C 275 36.23 -74.10 -4.03
C LEU C 275 36.21 -75.39 -3.19
N THR C 276 35.64 -76.44 -3.77
CA THR C 276 35.45 -77.70 -3.08
C THR C 276 36.21 -78.81 -3.78
N PHE C 277 36.69 -79.77 -2.99
CA PHE C 277 37.49 -80.89 -3.47
C PHE C 277 36.69 -82.19 -3.37
N GLY C 278 37.24 -83.24 -3.97
CA GLY C 278 36.71 -84.57 -3.82
C GLY C 278 37.41 -85.33 -2.70
N ALA C 279 36.85 -86.50 -2.36
CA ALA C 279 37.43 -87.29 -1.27
C ALA C 279 38.81 -87.81 -1.63
N GLY C 280 39.00 -88.27 -2.87
CA GLY C 280 40.27 -88.81 -3.29
C GLY C 280 40.21 -90.28 -3.63
N THR C 281 40.62 -90.64 -4.85
CA THR C 281 40.69 -92.04 -5.26
C THR C 281 42.15 -92.45 -5.39
N LYS C 282 42.55 -93.49 -4.67
CA LYS C 282 43.95 -93.89 -4.60
C LYS C 282 44.21 -95.07 -5.49
N LEU C 283 45.22 -94.94 -6.36
CA LEU C 283 45.70 -96.03 -7.20
C LEU C 283 47.02 -96.55 -6.64
N GLU C 284 47.08 -97.85 -6.39
CA GLU C 284 48.24 -98.49 -5.81
C GLU C 284 48.50 -99.80 -6.54
N LEU C 285 49.78 -100.13 -6.74
CA LEU C 285 50.17 -101.35 -7.44
C LEU C 285 49.68 -102.59 -6.70
N CYS D 3 26.16 -59.75 -12.03
CA CYS D 3 26.84 -60.14 -13.26
C CYS D 3 26.58 -61.60 -13.60
N THR D 4 26.71 -61.94 -14.88
CA THR D 4 26.56 -63.31 -15.35
C THR D 4 27.91 -64.00 -15.55
N LEU D 5 28.98 -63.40 -15.07
CA LEU D 5 30.32 -63.92 -15.26
C LEU D 5 30.63 -65.05 -14.28
N SER D 6 31.69 -65.79 -14.58
CA SER D 6 32.23 -66.78 -13.65
C SER D 6 33.36 -66.12 -12.85
N ALA D 7 33.99 -66.89 -11.96
CA ALA D 7 35.08 -66.33 -11.15
C ALA D 7 36.29 -65.97 -12.00
N GLU D 8 36.67 -66.87 -12.93
CA GLU D 8 37.82 -66.60 -13.77
C GLU D 8 37.60 -65.39 -14.67
N ASP D 9 36.36 -65.21 -15.13
CA ASP D 9 36.04 -64.02 -15.93
C ASP D 9 36.23 -62.74 -15.12
N LYS D 10 35.78 -62.75 -13.87
CA LYS D 10 35.96 -61.58 -13.01
C LYS D 10 37.45 -61.31 -12.76
N ALA D 11 38.23 -62.36 -12.56
CA ALA D 11 39.67 -62.19 -12.34
C ALA D 11 40.34 -61.62 -13.59
N ALA D 12 39.93 -62.09 -14.78
CA ALA D 12 40.47 -61.53 -16.01
C ALA D 12 40.10 -60.07 -16.17
N VAL D 13 38.86 -59.71 -15.81
CA VAL D 13 38.45 -58.31 -15.87
C VAL D 13 39.30 -57.47 -14.92
N GLU D 14 39.58 -57.99 -13.73
CA GLU D 14 40.42 -57.27 -12.78
C GLU D 14 41.83 -57.07 -13.32
N ARG D 15 42.39 -58.10 -13.96
CA ARG D 15 43.71 -57.97 -14.58
C ARG D 15 43.69 -56.90 -15.68
N SER D 16 42.64 -56.89 -16.49
CA SER D 16 42.52 -55.88 -17.54
C SER D 16 42.44 -54.49 -16.95
N LYS D 17 41.69 -54.33 -15.85
CA LYS D 17 41.59 -53.02 -15.20
C LYS D 17 42.95 -52.56 -14.67
N MET D 18 43.72 -53.48 -14.08
CA MET D 18 45.05 -53.12 -13.61
C MET D 18 45.94 -52.68 -14.77
N ILE D 19 45.86 -53.39 -15.90
CA ILE D 19 46.64 -53.00 -17.08
C ILE D 19 46.21 -51.62 -17.57
N ASP D 20 44.90 -51.35 -17.54
CA ASP D 20 44.42 -50.02 -17.96
C ASP D 20 44.99 -48.94 -17.07
N ARG D 21 45.00 -49.17 -15.75
CA ARG D 21 45.55 -48.19 -14.82
C ARG D 21 47.02 -47.93 -15.13
N ASN D 22 47.79 -49.00 -15.35
CA ASN D 22 49.21 -48.84 -15.67
C ASN D 22 49.39 -48.04 -16.96
N LEU D 23 48.56 -48.32 -17.96
CA LEU D 23 48.64 -47.56 -19.22
C LEU D 23 48.36 -46.08 -18.98
N ARG D 24 47.36 -45.78 -18.13
CA ARG D 24 47.05 -44.39 -17.83
C ARG D 24 48.24 -43.67 -17.18
N GLU D 25 48.85 -44.30 -16.18
CA GLU D 25 50.00 -43.66 -15.53
C GLU D 25 51.16 -43.48 -16.50
N ASP D 26 51.45 -44.50 -17.32
CA ASP D 26 52.55 -44.38 -18.27
C ASP D 26 52.29 -43.28 -19.29
N GLY D 27 51.05 -43.17 -19.77
CA GLY D 27 50.73 -42.11 -20.72
C GLY D 27 50.84 -40.73 -20.11
N GLU D 28 50.36 -40.57 -18.88
CA GLU D 28 50.47 -39.26 -18.23
C GLU D 28 51.92 -38.91 -17.96
N LYS D 29 52.77 -39.91 -17.67
CA LYS D 29 54.18 -39.63 -17.48
C LYS D 29 54.85 -39.23 -18.80
N ALA D 30 54.53 -39.93 -19.89
CA ALA D 30 55.13 -39.62 -21.18
C ALA D 30 54.65 -38.27 -21.69
N ALA D 31 53.46 -37.84 -21.24
CA ALA D 31 52.92 -36.56 -21.69
C ALA D 31 53.77 -35.38 -21.22
N ARG D 32 54.45 -35.54 -20.08
CA ARG D 32 55.25 -34.45 -19.52
C ARG D 32 56.63 -34.39 -20.16
N GLU D 33 56.69 -34.25 -21.49
CA GLU D 33 57.95 -34.18 -22.19
C GLU D 33 57.78 -33.35 -23.45
N VAL D 34 58.91 -32.84 -23.96
CA VAL D 34 58.94 -32.04 -25.17
C VAL D 34 59.86 -32.72 -26.18
N LYS D 35 59.36 -32.90 -27.40
CA LYS D 35 60.09 -33.60 -28.44
C LYS D 35 60.61 -32.60 -29.47
N LEU D 36 61.87 -32.78 -29.88
CA LEU D 36 62.50 -31.88 -30.84
C LEU D 36 63.15 -32.69 -31.95
N LEU D 37 63.11 -32.13 -33.16
CA LEU D 37 63.69 -32.78 -34.34
C LEU D 37 65.00 -32.08 -34.69
N LEU D 38 66.12 -32.69 -34.34
CA LEU D 38 67.43 -32.09 -34.52
C LEU D 38 67.93 -32.41 -35.92
N LEU D 39 68.15 -31.38 -36.73
CA LEU D 39 68.54 -31.52 -38.13
C LEU D 39 69.67 -30.56 -38.47
N GLY D 40 70.33 -30.85 -39.59
CA GLY D 40 71.44 -30.04 -40.04
C GLY D 40 72.53 -30.86 -40.70
N ALA D 41 73.61 -30.22 -41.12
CA ALA D 41 74.72 -30.93 -41.73
C ALA D 41 75.49 -31.71 -40.67
N ASP D 42 76.30 -32.66 -41.15
CA ASP D 42 77.10 -33.47 -40.24
C ASP D 42 78.14 -32.64 -39.50
N ASN D 43 78.62 -31.56 -40.12
CA ASN D 43 79.61 -30.69 -39.50
C ASN D 43 78.98 -29.51 -38.77
N SER D 44 77.65 -29.41 -38.77
CA SER D 44 76.94 -28.29 -38.15
C SER D 44 77.21 -28.21 -36.65
N GLY D 45 77.44 -29.35 -36.01
CA GLY D 45 77.62 -29.40 -34.58
C GLY D 45 76.39 -29.78 -33.79
N LYS D 46 75.40 -30.41 -34.44
CA LYS D 46 74.18 -30.78 -33.75
C LYS D 46 74.44 -31.73 -32.58
N SER D 47 75.48 -32.56 -32.69
CA SER D 47 75.79 -33.50 -31.62
C SER D 47 76.28 -32.77 -30.36
N THR D 48 76.77 -31.55 -30.51
CA THR D 48 77.28 -30.75 -29.39
C THR D 48 76.43 -29.52 -29.14
N ILE D 49 75.16 -29.54 -29.53
CA ILE D 49 74.33 -28.34 -29.48
C ILE D 49 74.07 -27.91 -28.03
N VAL D 50 73.87 -28.88 -27.14
CA VAL D 50 73.57 -28.60 -25.73
C VAL D 50 74.59 -29.36 -24.89
N LYS D 51 75.39 -28.61 -24.12
CA LYS D 51 76.43 -29.22 -23.30
C LYS D 51 75.86 -30.07 -22.17
N GLN D 52 74.57 -29.90 -21.85
CA GLN D 52 73.97 -30.70 -20.79
C GLN D 52 73.78 -32.15 -21.22
N MET D 53 73.84 -32.42 -22.52
CA MET D 53 73.63 -33.76 -23.08
C MET D 53 72.27 -34.29 -22.63
N THR D 67 71.95 -49.61 -36.45
CA THR D 67 71.89 -48.16 -36.25
C THR D 67 70.46 -47.65 -36.36
N GLY D 68 69.93 -47.15 -35.25
CA GLY D 68 68.60 -46.58 -35.24
C GLY D 68 68.60 -45.08 -35.16
N ILE D 69 67.47 -44.49 -34.78
CA ILE D 69 67.40 -43.03 -34.63
C ILE D 69 68.29 -42.60 -33.47
N VAL D 70 69.01 -41.50 -33.66
CA VAL D 70 69.84 -40.97 -32.58
C VAL D 70 68.96 -40.21 -31.59
N GLU D 71 69.10 -40.53 -30.31
CA GLU D 71 68.25 -39.94 -29.29
C GLU D 71 69.10 -39.29 -28.21
N THR D 72 68.71 -38.08 -27.81
CA THR D 72 69.36 -37.37 -26.72
C THR D 72 68.28 -36.82 -25.80
N HIS D 73 68.59 -36.72 -24.51
CA HIS D 73 67.62 -36.28 -23.53
C HIS D 73 68.27 -35.37 -22.50
N PHE D 74 67.63 -34.24 -22.21
CA PHE D 74 68.14 -33.34 -21.18
C PHE D 74 66.99 -32.57 -20.55
N THR D 75 67.20 -32.14 -19.31
CA THR D 75 66.20 -31.37 -18.57
C THR D 75 66.84 -30.07 -18.08
N PHE D 76 66.24 -28.95 -18.46
CA PHE D 76 66.68 -27.63 -18.01
C PHE D 76 65.47 -26.83 -17.56
N LYS D 77 65.54 -26.31 -16.33
CA LYS D 77 64.50 -25.45 -15.75
C LYS D 77 63.14 -26.15 -15.78
N ASP D 78 63.11 -27.37 -15.23
CA ASP D 78 61.88 -28.16 -15.08
C ASP D 78 61.17 -28.33 -16.42
N LEU D 79 61.91 -28.88 -17.37
CA LEU D 79 61.37 -29.22 -18.68
C LEU D 79 62.24 -30.25 -19.37
N HIS D 80 61.66 -31.39 -19.74
CA HIS D 80 62.38 -32.50 -20.33
C HIS D 80 62.32 -32.39 -21.86
N PHE D 81 63.45 -32.62 -22.52
CA PHE D 81 63.55 -32.50 -23.96
C PHE D 81 64.23 -33.74 -24.52
N LYS D 82 63.58 -34.35 -25.52
CA LYS D 82 64.11 -35.48 -26.27
C LYS D 82 64.37 -35.01 -27.70
N MET D 83 65.63 -34.94 -28.08
CA MET D 83 66.03 -34.54 -29.43
C MET D 83 66.32 -35.79 -30.25
N PHE D 84 65.67 -35.89 -31.40
CA PHE D 84 65.87 -37.00 -32.32
C PHE D 84 66.66 -36.53 -33.54
N ASP D 85 67.77 -37.18 -33.80
CA ASP D 85 68.53 -37.00 -35.04
C ASP D 85 68.23 -38.19 -35.95
N VAL D 86 67.70 -37.90 -37.14
CA VAL D 86 67.30 -38.93 -38.09
C VAL D 86 68.09 -38.82 -39.39
N GLY D 87 69.28 -38.22 -39.35
CA GLY D 87 70.14 -38.20 -40.52
C GLY D 87 70.71 -39.56 -40.85
N GLY D 88 70.74 -40.46 -39.87
CA GLY D 88 71.21 -41.82 -40.13
C GLY D 88 70.31 -42.58 -41.08
N GLN D 89 68.99 -42.34 -41.00
CA GLN D 89 68.05 -42.98 -41.90
C GLN D 89 68.24 -42.45 -43.32
N ARG D 90 68.88 -43.25 -44.17
CA ARG D 90 69.21 -42.85 -45.53
C ARG D 90 68.15 -43.27 -46.54
N SER D 91 67.06 -43.89 -46.09
CA SER D 91 65.97 -44.25 -46.98
C SER D 91 65.18 -43.00 -47.38
N GLU D 92 64.15 -43.20 -48.21
CA GLU D 92 63.33 -42.08 -48.65
C GLU D 92 62.58 -41.47 -47.48
N ARG D 93 62.76 -40.17 -47.26
CA ARG D 93 62.15 -39.50 -46.12
C ARG D 93 60.63 -39.48 -46.20
N LYS D 94 60.05 -39.63 -47.39
CA LYS D 94 58.61 -39.52 -47.53
C LYS D 94 57.87 -40.56 -46.71
N LYS D 95 58.47 -41.74 -46.50
CA LYS D 95 57.78 -42.86 -45.88
C LYS D 95 58.19 -43.06 -44.42
N TRP D 96 58.92 -42.11 -43.84
CA TRP D 96 59.12 -42.14 -42.39
C TRP D 96 59.09 -40.76 -41.75
N ILE D 97 58.84 -39.69 -42.51
CA ILE D 97 58.79 -38.36 -41.92
C ILE D 97 57.47 -38.08 -41.22
N HIS D 98 56.41 -38.83 -41.53
CA HIS D 98 55.13 -38.64 -40.84
C HIS D 98 55.13 -39.17 -39.42
N CYS D 99 56.16 -39.92 -39.02
CA CYS D 99 56.29 -40.36 -37.65
C CYS D 99 56.73 -39.25 -36.70
N PHE D 100 57.17 -38.11 -37.24
CA PHE D 100 57.62 -36.98 -36.44
C PHE D 100 56.71 -35.77 -36.59
N GLU D 101 55.49 -35.96 -37.09
CA GLU D 101 54.59 -34.83 -37.24
C GLU D 101 54.14 -34.28 -35.89
N ASP D 102 54.10 -35.12 -34.86
CA ASP D 102 53.68 -34.68 -33.53
C ASP D 102 54.90 -34.38 -32.65
N VAL D 103 55.64 -33.35 -33.05
CA VAL D 103 56.79 -32.86 -32.30
C VAL D 103 56.63 -31.37 -32.08
N ALA D 104 57.31 -30.86 -31.04
CA ALA D 104 57.16 -29.46 -30.68
C ALA D 104 57.82 -28.53 -31.70
N ALA D 105 59.05 -28.83 -32.08
CA ALA D 105 59.80 -27.93 -32.94
C ALA D 105 60.92 -28.66 -33.66
N ILE D 106 61.41 -28.04 -34.73
CA ILE D 106 62.54 -28.54 -35.49
C ILE D 106 63.74 -27.63 -35.21
N ILE D 107 64.82 -28.20 -34.71
CA ILE D 107 66.03 -27.47 -34.38
C ILE D 107 67.02 -27.69 -35.52
N PHE D 108 67.25 -26.65 -36.31
CA PHE D 108 68.12 -26.73 -37.49
C PHE D 108 69.42 -26.02 -37.17
N CYS D 109 70.53 -26.75 -37.28
CA CYS D 109 71.85 -26.18 -37.04
C CYS D 109 72.57 -25.97 -38.36
N VAL D 110 73.11 -24.76 -38.54
CA VAL D 110 73.83 -24.45 -39.77
C VAL D 110 75.28 -24.11 -39.43
N ASP D 111 76.18 -24.60 -40.28
CA ASP D 111 77.61 -24.36 -40.16
C ASP D 111 77.91 -23.08 -40.93
N LEU D 112 78.27 -22.02 -40.21
CA LEU D 112 78.46 -20.73 -40.83
C LEU D 112 79.74 -20.71 -41.66
N SER D 113 80.80 -21.38 -41.19
CA SER D 113 82.10 -21.28 -41.85
C SER D 113 82.11 -22.00 -43.19
N ASP D 114 81.84 -23.31 -43.18
CA ASP D 114 81.88 -24.10 -44.41
C ASP D 114 80.80 -23.62 -45.38
N TYR D 115 81.15 -23.51 -46.66
CA TYR D 115 80.25 -22.88 -47.62
C TYR D 115 79.38 -23.91 -48.34
N ASN D 116 79.97 -24.97 -48.89
CA ASN D 116 79.17 -26.03 -49.49
C ASN D 116 78.26 -26.67 -48.46
N ARG D 117 78.78 -26.85 -47.24
CA ARG D 117 77.97 -27.35 -46.14
C ARG D 117 76.73 -26.50 -45.92
N MET D 118 76.91 -25.17 -45.85
CA MET D 118 75.76 -24.31 -45.62
C MET D 118 74.84 -24.32 -46.84
N HIS D 119 75.39 -24.59 -48.02
CA HIS D 119 74.55 -24.67 -49.21
C HIS D 119 73.58 -25.84 -49.14
N GLU D 120 74.07 -27.05 -48.88
CA GLU D 120 73.08 -28.13 -48.80
C GLU D 120 72.30 -28.02 -47.49
N SER D 121 72.79 -27.22 -46.55
CA SER D 121 71.98 -26.87 -45.39
C SER D 121 70.75 -26.05 -45.79
N MET D 122 70.91 -25.09 -46.71
CA MET D 122 69.74 -24.39 -47.24
C MET D 122 68.83 -25.36 -47.98
N LYS D 123 69.42 -26.28 -48.74
CA LYS D 123 68.59 -27.27 -49.44
C LYS D 123 67.74 -28.07 -48.45
N LEU D 124 68.37 -28.59 -47.40
CA LEU D 124 67.65 -29.36 -46.38
C LEU D 124 66.63 -28.50 -45.64
N PHE D 125 66.99 -27.25 -45.36
CA PHE D 125 66.08 -26.34 -44.66
C PHE D 125 64.80 -26.14 -45.47
N ASP D 126 64.96 -25.86 -46.78
CA ASP D 126 63.79 -25.68 -47.64
C ASP D 126 62.97 -26.96 -47.72
N SER D 127 63.65 -28.11 -47.87
CA SER D 127 62.96 -29.39 -48.00
C SER D 127 62.13 -29.68 -46.77
N ILE D 128 62.71 -29.48 -45.58
CA ILE D 128 61.99 -29.77 -44.34
C ILE D 128 60.88 -28.76 -44.10
N CYS D 129 61.14 -27.47 -44.38
CA CYS D 129 60.15 -26.44 -44.12
C CYS D 129 58.94 -26.54 -45.06
N ASN D 130 59.13 -27.07 -46.27
CA ASN D 130 58.06 -27.12 -47.25
C ASN D 130 57.36 -28.47 -47.31
N ASN D 131 57.49 -29.29 -46.26
CA ASN D 131 56.81 -30.58 -46.25
C ASN D 131 55.30 -30.41 -46.12
N LYS D 132 54.56 -31.44 -46.54
CA LYS D 132 53.11 -31.46 -46.40
C LYS D 132 52.67 -31.85 -44.99
N TRP D 133 53.59 -32.26 -44.13
CA TRP D 133 53.29 -32.62 -42.76
C TRP D 133 53.63 -31.50 -41.77
N PHE D 134 54.80 -30.87 -41.93
CA PHE D 134 55.25 -29.83 -41.02
C PHE D 134 54.72 -28.46 -41.45
N THR D 135 53.40 -28.38 -41.59
CA THR D 135 52.74 -27.15 -41.98
C THR D 135 52.34 -26.29 -40.79
N ASP D 136 52.58 -26.77 -39.56
CA ASP D 136 52.24 -26.01 -38.36
C ASP D 136 53.31 -26.10 -37.30
N THR D 137 54.57 -26.26 -37.69
CA THR D 137 55.68 -26.39 -36.77
C THR D 137 56.75 -25.35 -37.10
N SER D 138 57.53 -24.98 -36.08
CA SER D 138 58.48 -23.89 -36.18
C SER D 138 59.91 -24.41 -36.04
N ILE D 139 60.85 -23.57 -36.49
CA ILE D 139 62.26 -23.93 -36.56
C ILE D 139 63.05 -23.01 -35.63
N ILE D 140 63.93 -23.62 -34.84
CA ILE D 140 64.95 -22.92 -34.08
C ILE D 140 66.25 -23.06 -34.86
N LEU D 141 66.71 -21.96 -35.45
CA LEU D 141 67.84 -21.99 -36.37
C LEU D 141 69.09 -21.48 -35.66
N PHE D 142 70.02 -22.39 -35.38
CA PHE D 142 71.26 -22.08 -34.70
C PHE D 142 72.37 -21.86 -35.72
N LEU D 143 72.84 -20.61 -35.82
CA LEU D 143 73.92 -20.25 -36.73
C LEU D 143 75.26 -20.53 -36.03
N ASN D 144 75.65 -21.81 -36.02
CA ASN D 144 76.86 -22.20 -35.31
C ASN D 144 78.09 -21.62 -35.99
N LYS D 145 79.23 -21.71 -35.29
CA LYS D 145 80.52 -21.20 -35.77
C LYS D 145 80.45 -19.71 -36.09
N LYS D 146 79.94 -18.90 -35.17
CA LYS D 146 79.74 -17.47 -35.39
C LYS D 146 81.05 -16.72 -35.60
N ASP D 147 81.92 -16.69 -34.58
CA ASP D 147 83.10 -15.85 -34.63
C ASP D 147 84.18 -16.43 -35.54
N LEU D 148 84.29 -17.75 -35.62
CA LEU D 148 85.24 -18.35 -36.54
C LEU D 148 84.91 -17.96 -37.98
N PHE D 149 83.65 -18.09 -38.37
CA PHE D 149 83.24 -17.63 -39.69
C PHE D 149 83.34 -16.11 -39.81
N GLU D 150 83.20 -15.38 -38.71
CA GLU D 150 83.40 -13.93 -38.76
C GLU D 150 84.81 -13.59 -39.18
N GLU D 151 85.80 -14.24 -38.57
CA GLU D 151 87.19 -14.04 -38.97
C GLU D 151 87.42 -14.51 -40.40
N LYS D 152 86.82 -15.66 -40.77
CA LYS D 152 86.98 -16.17 -42.13
C LYS D 152 86.41 -15.18 -43.15
N ILE D 153 85.28 -14.56 -42.85
CA ILE D 153 84.66 -13.61 -43.76
C ILE D 153 85.43 -12.29 -43.76
N LYS D 154 86.15 -11.99 -42.68
CA LYS D 154 87.14 -10.93 -42.75
C LYS D 154 88.23 -11.28 -43.75
N LYS D 155 88.66 -12.54 -43.76
CA LYS D 155 89.68 -12.96 -44.72
C LYS D 155 89.14 -13.01 -46.14
N SER D 156 87.97 -13.62 -46.35
CA SER D 156 87.42 -13.79 -47.69
C SER D 156 85.95 -13.41 -47.71
N PRO D 157 85.45 -12.89 -48.82
CA PRO D 157 84.05 -12.44 -48.86
C PRO D 157 83.07 -13.61 -48.90
N LEU D 158 81.79 -13.27 -48.80
CA LEU D 158 80.71 -14.25 -48.91
C LEU D 158 80.45 -14.67 -50.36
N THR D 159 81.21 -14.12 -51.30
CA THR D 159 81.03 -14.45 -52.71
C THR D 159 81.35 -15.91 -53.01
N ILE D 160 82.00 -16.59 -52.06
CA ILE D 160 82.40 -18.00 -52.27
C ILE D 160 81.19 -18.85 -52.63
N CYS D 161 80.09 -18.67 -51.91
CA CYS D 161 78.84 -19.37 -52.22
C CYS D 161 77.75 -18.40 -52.64
N TYR D 162 77.49 -17.36 -51.84
CA TYR D 162 76.54 -16.32 -52.20
C TYR D 162 77.23 -15.34 -53.13
N GLN D 163 77.51 -15.81 -54.35
CA GLN D 163 78.23 -15.00 -55.33
C GLN D 163 77.41 -13.80 -55.77
N GLU D 164 76.09 -13.99 -55.96
CA GLU D 164 75.25 -12.90 -56.41
C GLU D 164 75.13 -11.81 -55.34
N TYR D 165 75.34 -12.17 -54.09
CA TYR D 165 75.24 -11.22 -53.00
C TYR D 165 76.34 -10.17 -53.10
N ALA D 166 75.96 -8.90 -52.92
CA ALA D 166 76.89 -7.78 -52.93
C ALA D 166 76.91 -7.16 -51.54
N GLY D 167 78.10 -7.08 -50.96
CA GLY D 167 78.25 -6.50 -49.63
C GLY D 167 79.70 -6.32 -49.27
N SER D 168 79.93 -5.51 -48.25
CA SER D 168 81.29 -5.25 -47.79
C SER D 168 81.83 -6.45 -47.03
N ASN D 169 83.12 -6.39 -46.70
CA ASN D 169 83.80 -7.50 -46.04
C ASN D 169 83.44 -7.62 -44.57
N THR D 170 82.67 -6.69 -44.01
CA THR D 170 82.31 -6.76 -42.61
C THR D 170 81.44 -7.98 -42.34
N TYR D 171 81.54 -8.50 -41.11
CA TYR D 171 80.77 -9.69 -40.74
C TYR D 171 79.29 -9.38 -40.67
N GLU D 172 78.93 -8.14 -40.31
CA GLU D 172 77.54 -7.77 -40.10
C GLU D 172 76.70 -8.00 -41.35
N GLU D 173 77.15 -7.46 -42.48
CA GLU D 173 76.37 -7.56 -43.71
C GLU D 173 76.25 -9.01 -44.17
N ALA D 174 77.34 -9.77 -44.11
CA ALA D 174 77.31 -11.16 -44.57
C ALA D 174 76.40 -12.00 -43.68
N ALA D 175 76.51 -11.84 -42.36
CA ALA D 175 75.65 -12.59 -41.45
C ALA D 175 74.19 -12.21 -41.63
N ALA D 176 73.91 -10.92 -41.80
CA ALA D 176 72.53 -10.47 -42.02
C ALA D 176 71.98 -11.06 -43.31
N TYR D 177 72.79 -11.07 -44.37
CA TYR D 177 72.33 -11.65 -45.63
C TYR D 177 72.06 -13.14 -45.49
N ILE D 178 72.94 -13.85 -44.77
CA ILE D 178 72.76 -15.30 -44.62
C ILE D 178 71.49 -15.59 -43.83
N GLN D 179 71.26 -14.86 -42.74
CA GLN D 179 70.05 -15.05 -41.96
C GLN D 179 68.81 -14.69 -42.78
N CYS D 180 68.86 -13.59 -43.52
CA CYS D 180 67.72 -13.19 -44.34
C CYS D 180 67.42 -14.23 -45.41
N GLN D 181 68.46 -14.79 -46.02
CA GLN D 181 68.27 -15.89 -46.95
C GLN D 181 67.58 -17.06 -46.27
N PHE D 182 68.18 -17.59 -45.20
CA PHE D 182 67.66 -18.79 -44.56
C PHE D 182 66.23 -18.58 -44.08
N GLU D 183 65.84 -17.34 -43.81
CA GLU D 183 64.44 -17.07 -43.49
C GLU D 183 63.60 -16.82 -44.73
N ASP D 184 64.24 -16.59 -45.88
CA ASP D 184 63.48 -16.29 -47.10
C ASP D 184 63.18 -17.53 -47.93
N LEU D 185 63.91 -18.63 -47.74
CA LEU D 185 63.48 -19.89 -48.34
C LEU D 185 62.14 -20.35 -47.80
N ASN D 186 61.70 -19.83 -46.66
CA ASN D 186 60.42 -20.20 -46.10
C ASN D 186 59.28 -19.71 -46.98
N LYS D 187 58.26 -20.54 -47.12
CA LYS D 187 57.04 -20.21 -47.85
C LYS D 187 55.79 -20.24 -46.98
N ARG D 188 55.75 -21.10 -45.96
CA ARG D 188 54.60 -21.19 -45.07
C ARG D 188 54.75 -20.22 -43.90
N LYS D 189 54.89 -18.94 -44.24
CA LYS D 189 55.05 -17.92 -43.22
C LYS D 189 53.76 -17.66 -42.43
N ASP D 190 52.64 -18.20 -42.89
CA ASP D 190 51.36 -17.91 -42.24
C ASP D 190 51.21 -18.66 -40.92
N THR D 191 51.74 -19.89 -40.85
CA THR D 191 51.53 -20.70 -39.65
C THR D 191 52.84 -21.25 -39.09
N LYS D 192 53.89 -20.43 -39.08
CA LYS D 192 55.14 -20.80 -38.44
C LYS D 192 55.97 -19.54 -38.24
N GLU D 193 56.98 -19.65 -37.39
CA GLU D 193 57.85 -18.52 -37.06
C GLU D 193 59.22 -19.06 -36.71
N ILE D 194 60.25 -18.52 -37.38
CA ILE D 194 61.62 -18.99 -37.18
C ILE D 194 62.26 -18.21 -36.05
N TYR D 195 62.97 -18.90 -35.16
CA TYR D 195 63.71 -18.28 -34.08
C TYR D 195 65.20 -18.46 -34.38
N THR D 196 65.86 -17.38 -34.79
CA THR D 196 67.25 -17.45 -35.23
C THR D 196 68.17 -17.02 -34.09
N HIS D 197 69.22 -17.80 -33.85
CA HIS D 197 70.14 -17.56 -32.75
C HIS D 197 71.58 -17.66 -33.25
N PHE D 198 72.34 -16.59 -33.06
CA PHE D 198 73.77 -16.61 -33.34
C PHE D 198 74.49 -17.42 -32.27
N THR D 199 75.03 -18.56 -32.65
CA THR D 199 75.60 -19.51 -31.68
C THR D 199 77.06 -19.17 -31.43
N CYS D 200 77.37 -18.78 -30.20
CA CYS D 200 78.74 -18.54 -29.79
C CYS D 200 79.43 -19.86 -29.48
N ALA D 201 80.78 -19.83 -29.51
CA ALA D 201 81.54 -21.03 -29.18
C ALA D 201 81.31 -21.45 -27.74
N THR D 202 81.27 -20.49 -26.83
CA THR D 202 81.00 -20.74 -25.41
C THR D 202 79.63 -20.21 -25.01
N ASP D 203 78.65 -20.30 -25.90
CA ASP D 203 77.31 -19.82 -25.63
C ASP D 203 76.67 -20.58 -24.49
N THR D 204 76.17 -19.86 -23.49
CA THR D 204 75.52 -20.44 -22.33
C THR D 204 74.02 -20.23 -22.32
N LYS D 205 73.43 -19.75 -23.43
CA LYS D 205 72.01 -19.47 -23.50
C LYS D 205 71.27 -20.46 -24.39
N ASN D 206 71.93 -21.51 -24.87
CA ASN D 206 71.31 -22.43 -25.81
C ASN D 206 70.10 -23.13 -25.19
N ALA D 207 70.29 -23.75 -24.02
CA ALA D 207 69.18 -24.42 -23.34
C ALA D 207 68.09 -23.43 -22.97
N GLN D 208 68.49 -22.24 -22.49
CA GLN D 208 67.51 -21.20 -22.17
C GLN D 208 66.73 -20.77 -23.40
N PHE D 209 67.42 -20.64 -24.55
CA PHE D 209 66.73 -20.26 -25.77
C PHE D 209 65.73 -21.32 -26.20
N ILE D 210 66.12 -22.59 -26.11
CA ILE D 210 65.20 -23.68 -26.45
C ILE D 210 64.00 -23.66 -25.51
N PHE D 211 64.25 -23.44 -24.23
CA PHE D 211 63.16 -23.33 -23.25
C PHE D 211 62.18 -22.22 -23.62
N ASP D 212 62.72 -21.05 -23.94
CA ASP D 212 61.87 -19.91 -24.30
C ASP D 212 61.05 -20.21 -25.54
N ALA D 213 61.70 -20.78 -26.57
CA ALA D 213 61.00 -21.07 -27.82
C ALA D 213 59.89 -22.09 -27.59
N VAL D 214 60.17 -23.13 -26.80
CA VAL D 214 59.17 -24.17 -26.55
C VAL D 214 57.98 -23.60 -25.79
N THR D 215 58.26 -22.77 -24.78
CA THR D 215 57.16 -22.15 -24.04
C THR D 215 56.32 -21.26 -24.94
N ASP D 216 56.98 -20.47 -25.79
CA ASP D 216 56.25 -19.57 -26.69
C ASP D 216 55.37 -20.36 -27.66
N VAL D 217 55.92 -21.42 -28.25
CA VAL D 217 55.17 -22.17 -29.24
C VAL D 217 54.01 -22.93 -28.58
N ILE D 218 54.20 -23.38 -27.34
CA ILE D 218 53.10 -24.05 -26.65
C ILE D 218 51.99 -23.06 -26.31
N ILE D 219 52.37 -21.83 -25.96
CA ILE D 219 51.35 -20.80 -25.71
C ILE D 219 50.59 -20.50 -27.00
N LYS D 220 51.31 -20.40 -28.12
CA LYS D 220 50.64 -20.19 -29.40
C LYS D 220 49.71 -21.35 -29.73
N ASN D 221 50.11 -22.57 -29.39
CA ASN D 221 49.27 -23.73 -29.64
C ASN D 221 47.97 -23.65 -28.82
N ASN D 222 48.08 -23.29 -27.54
CA ASN D 222 46.87 -23.08 -26.75
C ASN D 222 45.98 -22.01 -27.39
N LEU D 223 46.60 -20.91 -27.83
CA LEU D 223 45.83 -19.83 -28.45
C LEU D 223 45.11 -20.31 -29.70
N LYS D 224 45.75 -21.17 -30.49
CA LYS D 224 45.15 -21.62 -31.74
C LYS D 224 44.01 -22.61 -31.50
N ASP D 225 44.20 -23.59 -30.61
CA ASP D 225 43.11 -24.51 -30.32
C ASP D 225 41.92 -23.80 -29.68
N CYS D 226 42.18 -22.87 -28.76
CA CYS D 226 41.05 -22.15 -28.16
C CYS D 226 40.44 -21.13 -29.10
N GLY D 227 41.05 -20.88 -30.25
CA GLY D 227 40.52 -19.93 -31.21
C GLY D 227 40.74 -18.49 -30.88
N LEU D 228 41.61 -18.18 -29.92
CA LEU D 228 41.85 -16.82 -29.48
C LEU D 228 42.96 -16.12 -30.27
N PHE D 229 43.65 -16.83 -31.15
CA PHE D 229 44.79 -16.27 -31.87
C PHE D 229 44.32 -15.47 -33.08
N SER E 10 82.84 -50.04 -74.88
CA SER E 10 82.26 -50.91 -73.86
C SER E 10 81.14 -51.77 -74.44
N GLU E 11 81.04 -53.00 -73.95
CA GLU E 11 80.02 -53.94 -74.40
C GLU E 11 78.75 -53.88 -73.55
N LEU E 12 78.67 -52.94 -72.61
CA LEU E 12 77.47 -52.80 -71.80
C LEU E 12 76.24 -52.47 -72.65
N ASP E 13 76.46 -51.75 -73.76
CA ASP E 13 75.34 -51.44 -74.65
C ASP E 13 74.75 -52.70 -75.25
N GLN E 14 75.59 -53.70 -75.56
CA GLN E 14 75.08 -54.97 -76.06
C GLN E 14 74.20 -55.65 -75.01
N LEU E 15 74.61 -55.63 -73.75
CA LEU E 15 73.81 -56.22 -72.69
C LEU E 15 72.49 -55.46 -72.51
N ARG E 16 72.54 -54.13 -72.62
CA ARG E 16 71.31 -53.35 -72.52
C ARG E 16 70.35 -53.68 -73.66
N GLN E 17 70.88 -53.82 -74.88
CA GLN E 17 70.04 -54.19 -76.01
C GLN E 17 69.45 -55.58 -75.83
N GLU E 18 70.24 -56.53 -75.31
CA GLU E 18 69.73 -57.86 -75.05
C GLU E 18 68.63 -57.83 -74.01
N ALA E 19 68.80 -57.03 -72.95
CA ALA E 19 67.76 -56.89 -71.94
C ALA E 19 66.49 -56.29 -72.53
N GLU E 20 66.64 -55.29 -73.40
CA GLU E 20 65.47 -54.70 -74.06
C GLU E 20 64.76 -55.73 -74.93
N GLN E 21 65.52 -56.54 -75.65
CA GLN E 21 64.92 -57.60 -76.46
C GLN E 21 64.17 -58.61 -75.60
N LEU E 22 64.74 -58.98 -74.46
CA LEU E 22 64.05 -59.89 -73.55
C LEU E 22 62.77 -59.27 -73.00
N LYS E 23 62.81 -57.98 -72.66
CA LYS E 23 61.61 -57.29 -72.21
C LYS E 23 60.54 -57.30 -73.29
N ASN E 24 60.93 -57.04 -74.55
CA ASN E 24 59.97 -57.07 -75.64
C ASN E 24 59.38 -58.47 -75.81
N GLN E 25 60.22 -59.50 -75.69
CA GLN E 25 59.72 -60.87 -75.79
C GLN E 25 58.71 -61.18 -74.69
N ILE E 26 59.01 -60.75 -73.47
CA ILE E 26 58.09 -60.97 -72.35
C ILE E 26 56.77 -60.24 -72.60
N ARG E 27 56.86 -59.00 -73.07
CA ARG E 27 55.65 -58.21 -73.34
C ARG E 27 54.80 -58.88 -74.42
N ASP E 28 55.43 -59.36 -75.50
CA ASP E 28 54.69 -60.03 -76.55
C ASP E 28 54.05 -61.32 -76.04
N ALA E 29 54.77 -62.09 -75.23
CA ALA E 29 54.22 -63.32 -74.69
C ALA E 29 53.01 -63.03 -73.79
N ARG E 30 53.10 -61.99 -72.97
CA ARG E 30 51.97 -61.62 -72.13
C ARG E 30 50.79 -61.15 -72.96
N LYS E 31 51.05 -60.35 -74.00
CA LYS E 31 49.96 -59.81 -74.81
C LYS E 31 49.25 -60.93 -75.58
N ALA E 32 50.01 -61.94 -76.03
CA ALA E 32 49.41 -63.06 -76.76
C ALA E 32 48.39 -63.80 -75.91
N CYS E 33 48.64 -63.90 -74.60
CA CYS E 33 47.74 -64.63 -73.72
C CYS E 33 46.50 -63.83 -73.35
N ALA E 34 46.44 -62.54 -73.68
CA ALA E 34 45.31 -61.69 -73.31
C ALA E 34 44.21 -61.83 -74.36
N ASP E 35 43.56 -63.00 -74.34
CA ASP E 35 42.46 -63.24 -75.27
C ASP E 35 41.26 -62.37 -74.96
N ALA E 36 40.93 -62.21 -73.68
CA ALA E 36 39.76 -61.45 -73.27
C ALA E 36 39.99 -60.76 -71.94
N THR E 37 38.92 -60.28 -71.31
CA THR E 37 39.00 -59.55 -70.06
C THR E 37 38.16 -60.26 -68.99
N LEU E 38 38.52 -60.02 -67.72
CA LEU E 38 37.76 -60.58 -66.62
C LEU E 38 36.34 -60.04 -66.60
N SER E 39 36.16 -58.78 -66.99
CA SER E 39 34.82 -58.19 -67.01
C SER E 39 33.91 -58.90 -67.99
N GLN E 40 34.45 -59.29 -69.15
CA GLN E 40 33.64 -60.00 -70.14
C GLN E 40 33.15 -61.34 -69.58
N ILE E 41 34.00 -62.03 -68.84
CA ILE E 41 33.62 -63.32 -68.26
C ILE E 41 32.60 -63.12 -67.14
N THR E 42 32.80 -62.09 -66.31
CA THR E 42 31.97 -61.88 -65.14
C THR E 42 30.74 -61.01 -65.41
N ASN E 43 30.51 -60.62 -66.66
CA ASN E 43 29.33 -59.83 -67.00
C ASN E 43 28.04 -60.49 -66.52
N ASN E 44 27.94 -61.81 -66.68
CA ASN E 44 26.71 -62.51 -66.32
C ASN E 44 26.58 -62.76 -64.82
N ILE E 45 27.58 -62.40 -64.02
CA ILE E 45 27.52 -62.66 -62.59
C ILE E 45 26.62 -61.65 -61.90
N ASP E 46 25.69 -62.15 -61.10
CA ASP E 46 24.77 -61.31 -60.35
C ASP E 46 25.49 -60.59 -59.22
N PRO E 47 25.13 -59.34 -58.95
CA PRO E 47 25.88 -58.53 -57.98
C PRO E 47 25.84 -59.13 -56.58
N VAL E 48 26.90 -58.84 -55.81
CA VAL E 48 27.00 -59.35 -54.45
C VAL E 48 25.85 -58.84 -53.59
N GLY E 49 25.43 -57.60 -53.79
CA GLY E 49 24.41 -57.00 -52.96
C GLY E 49 25.00 -56.03 -51.96
N ARG E 50 24.23 -55.01 -51.57
CA ARG E 50 24.73 -54.01 -50.64
C ARG E 50 25.02 -54.63 -49.29
N ILE E 51 26.18 -54.27 -48.72
CA ILE E 51 26.64 -54.82 -47.45
C ILE E 51 26.47 -53.77 -46.37
N GLN E 52 25.88 -54.17 -45.25
CA GLN E 52 25.68 -53.29 -44.11
C GLN E 52 26.49 -53.82 -42.93
N MET E 53 27.55 -53.10 -42.56
CA MET E 53 28.42 -53.49 -41.46
C MET E 53 28.38 -52.41 -40.40
N ARG E 54 28.31 -52.82 -39.14
CA ARG E 54 28.24 -51.90 -38.01
C ARG E 54 29.31 -52.24 -36.99
N THR E 55 29.85 -51.22 -36.34
CA THR E 55 30.89 -51.43 -35.35
C THR E 55 30.36 -52.21 -34.15
N ARG E 56 30.90 -53.41 -33.94
CA ARG E 56 30.49 -54.24 -32.82
C ARG E 56 31.32 -53.97 -31.57
N ARG E 57 32.64 -53.95 -31.68
CA ARG E 57 33.51 -53.71 -30.54
C ARG E 57 34.49 -52.60 -30.90
N THR E 58 34.71 -51.69 -29.94
CA THR E 58 35.73 -50.65 -30.05
C THR E 58 36.75 -50.88 -28.95
N LEU E 59 38.01 -51.02 -29.34
CA LEU E 59 39.10 -51.34 -28.42
C LEU E 59 39.86 -50.05 -28.08
N ARG E 60 39.85 -49.70 -26.79
CA ARG E 60 40.50 -48.49 -26.30
C ARG E 60 41.65 -48.85 -25.37
N GLY E 61 42.59 -47.91 -25.26
CA GLY E 61 43.75 -48.12 -24.42
C GLY E 61 45.04 -47.59 -24.99
N HIS E 62 45.15 -47.57 -26.32
CA HIS E 62 46.32 -46.98 -26.96
C HIS E 62 46.22 -45.46 -26.90
N LEU E 63 47.38 -44.82 -26.71
CA LEU E 63 47.45 -43.38 -26.50
C LEU E 63 48.27 -42.69 -27.59
N ALA E 64 48.36 -43.30 -28.77
CA ALA E 64 49.09 -42.73 -29.90
C ALA E 64 48.57 -43.39 -31.17
N LYS E 65 49.18 -43.04 -32.30
CA LYS E 65 48.75 -43.59 -33.58
C LYS E 65 49.06 -45.08 -33.66
N ILE E 66 48.10 -45.85 -34.16
CA ILE E 66 48.23 -47.29 -34.33
C ILE E 66 48.76 -47.56 -35.73
N TYR E 67 49.84 -48.34 -35.82
CA TYR E 67 50.50 -48.55 -37.10
C TYR E 67 50.28 -49.92 -37.72
N ALA E 68 50.07 -50.96 -36.91
CA ALA E 68 49.88 -52.29 -37.46
C ALA E 68 49.09 -53.15 -36.49
N MET E 69 48.47 -54.18 -37.03
CA MET E 69 47.76 -55.18 -36.24
C MET E 69 47.88 -56.52 -36.95
N HIS E 70 47.61 -57.59 -36.20
CA HIS E 70 47.60 -58.92 -36.79
C HIS E 70 46.65 -59.80 -36.00
N TRP E 71 45.86 -60.59 -36.72
CA TRP E 71 44.90 -61.51 -36.13
C TRP E 71 45.60 -62.77 -35.63
N GLY E 72 44.94 -63.45 -34.70
CA GLY E 72 45.39 -64.74 -34.23
C GLY E 72 44.76 -65.88 -35.02
N THR E 73 45.38 -67.05 -34.93
CA THR E 73 44.83 -68.23 -35.59
C THR E 73 43.53 -68.66 -34.93
N ASP E 74 43.43 -68.52 -33.60
CA ASP E 74 42.23 -68.91 -32.89
C ASP E 74 41.04 -68.00 -33.19
N SER E 75 41.27 -66.89 -33.90
CA SER E 75 40.23 -65.98 -34.37
C SER E 75 39.60 -65.19 -33.22
N ARG E 76 40.26 -65.15 -32.07
CA ARG E 76 39.70 -64.45 -30.91
C ARG E 76 40.73 -63.48 -30.33
N LEU E 77 42.01 -63.81 -30.43
CA LEU E 77 43.08 -62.97 -29.92
C LEU E 77 43.57 -62.03 -31.00
N LEU E 78 44.10 -60.88 -30.57
CA LEU E 78 44.57 -59.87 -31.50
C LEU E 78 45.78 -59.19 -30.90
N VAL E 79 46.64 -58.65 -31.76
CA VAL E 79 47.83 -57.91 -31.33
C VAL E 79 47.89 -56.60 -32.09
N SER E 80 48.24 -55.52 -31.39
CA SER E 80 48.29 -54.19 -31.97
C SER E 80 49.55 -53.47 -31.51
N ALA E 81 50.03 -52.58 -32.39
CA ALA E 81 51.27 -51.82 -32.19
C ALA E 81 51.00 -50.34 -32.44
N SER E 82 51.49 -49.51 -31.51
CA SER E 82 51.35 -48.06 -31.61
C SER E 82 52.67 -47.39 -31.22
N GLN E 83 52.81 -46.14 -31.62
CA GLN E 83 54.06 -45.41 -31.39
C GLN E 83 54.26 -44.98 -29.96
N ASP E 84 53.28 -45.21 -29.07
CA ASP E 84 53.49 -44.91 -27.66
C ASP E 84 54.61 -45.75 -27.07
N GLY E 85 54.87 -46.91 -27.65
CA GLY E 85 55.91 -47.80 -27.16
C GLY E 85 55.35 -49.02 -26.47
N LYS E 86 54.19 -49.49 -26.92
CA LYS E 86 53.50 -50.60 -26.28
C LYS E 86 52.94 -51.55 -27.34
N LEU E 87 53.04 -52.84 -27.05
CA LEU E 87 52.41 -53.90 -27.82
C LEU E 87 51.28 -54.48 -26.99
N ILE E 88 50.07 -54.48 -27.52
CA ILE E 88 48.90 -54.86 -26.72
C ILE E 88 48.21 -56.05 -27.36
N ILE E 89 47.96 -57.09 -26.56
CA ILE E 89 47.17 -58.25 -26.98
C ILE E 89 45.76 -58.11 -26.40
N TRP E 90 44.77 -58.16 -27.28
CA TRP E 90 43.37 -58.01 -26.94
C TRP E 90 42.63 -59.34 -27.11
N ASP E 91 41.58 -59.49 -26.31
CA ASP E 91 40.55 -60.50 -26.49
C ASP E 91 39.35 -59.79 -27.09
N SER E 92 39.03 -60.10 -28.35
CA SER E 92 38.01 -59.35 -29.07
C SER E 92 36.63 -59.55 -28.46
N TYR E 93 36.34 -60.76 -27.99
CA TYR E 93 35.00 -61.08 -27.49
C TYR E 93 34.65 -60.24 -26.27
N THR E 94 35.52 -60.23 -25.26
CA THR E 94 35.25 -59.54 -24.01
C THR E 94 35.88 -58.15 -23.95
N THR E 95 36.62 -57.74 -24.97
CA THR E 95 37.32 -56.45 -24.98
C THR E 95 38.23 -56.31 -23.75
N ASN E 96 39.00 -57.37 -23.49
CA ASN E 96 39.90 -57.42 -22.35
C ASN E 96 41.34 -57.45 -22.83
N LYS E 97 42.22 -56.77 -22.10
CA LYS E 97 43.63 -56.74 -22.41
C LYS E 97 44.32 -57.92 -21.72
N VAL E 98 44.97 -58.77 -22.51
CA VAL E 98 45.66 -59.93 -21.95
C VAL E 98 47.11 -59.61 -21.62
N HIS E 99 47.80 -58.91 -22.52
CA HIS E 99 49.20 -58.60 -22.30
C HIS E 99 49.51 -57.20 -22.82
N ALA E 100 50.35 -56.49 -22.05
CA ALA E 100 50.94 -55.23 -22.48
C ALA E 100 52.44 -55.37 -22.40
N ILE E 101 53.13 -55.03 -23.49
CA ILE E 101 54.55 -55.29 -23.64
C ILE E 101 55.25 -53.96 -23.91
N PRO E 102 56.23 -53.57 -23.08
CA PRO E 102 57.00 -52.35 -23.37
C PRO E 102 58.06 -52.62 -24.42
N LEU E 103 58.22 -51.68 -25.35
CA LEU E 103 59.19 -51.79 -26.42
C LEU E 103 60.35 -50.83 -26.17
N ARG E 104 61.56 -51.28 -26.49
CA ARG E 104 62.74 -50.42 -26.31
C ARG E 104 62.71 -49.22 -27.24
N SER E 105 62.26 -49.41 -28.48
CA SER E 105 62.15 -48.35 -29.45
C SER E 105 60.69 -48.01 -29.67
N SER E 106 60.34 -46.74 -29.49
CA SER E 106 58.95 -46.32 -29.66
C SER E 106 58.53 -46.35 -31.11
N TRP E 107 59.48 -46.24 -32.04
CA TRP E 107 59.18 -46.20 -33.46
C TRP E 107 59.03 -47.61 -33.98
N VAL E 108 57.80 -48.11 -33.94
CA VAL E 108 57.45 -49.44 -34.43
C VAL E 108 56.44 -49.28 -35.55
N MET E 109 56.60 -50.09 -36.61
CA MET E 109 55.74 -49.98 -37.78
C MET E 109 55.20 -51.31 -38.27
N THR E 110 55.41 -52.41 -37.56
CA THR E 110 54.86 -53.69 -37.97
C THR E 110 54.79 -54.60 -36.76
N CYS E 111 53.95 -55.63 -36.87
CA CYS E 111 53.82 -56.64 -35.85
C CYS E 111 53.29 -57.92 -36.49
N ALA E 112 53.57 -59.05 -35.83
CA ALA E 112 53.15 -60.34 -36.34
C ALA E 112 52.74 -61.25 -35.19
N TYR E 113 51.84 -62.18 -35.47
CA TYR E 113 51.38 -63.17 -34.52
C TYR E 113 51.75 -64.55 -35.04
N ALA E 114 52.39 -65.35 -34.19
CA ALA E 114 52.78 -66.69 -34.58
C ALA E 114 51.54 -67.56 -34.81
N PRO E 115 51.59 -68.46 -35.79
CA PRO E 115 50.42 -69.32 -36.04
C PRO E 115 50.05 -70.19 -34.86
N SER E 116 51.03 -70.64 -34.08
CA SER E 116 50.74 -71.41 -32.87
C SER E 116 50.29 -70.53 -31.71
N GLY E 117 50.57 -69.23 -31.76
CA GLY E 117 50.16 -68.32 -30.71
C GLY E 117 51.13 -68.19 -29.56
N ASN E 118 52.39 -68.59 -29.75
CA ASN E 118 53.37 -68.56 -28.68
C ASN E 118 54.35 -67.40 -28.77
N TYR E 119 54.45 -66.74 -29.92
CA TYR E 119 55.43 -65.69 -30.12
C TYR E 119 54.79 -64.49 -30.81
N VAL E 120 55.40 -63.32 -30.59
CA VAL E 120 55.04 -62.11 -31.31
C VAL E 120 56.31 -61.46 -31.84
N ALA E 121 56.15 -60.61 -32.85
CA ALA E 121 57.29 -59.94 -33.46
C ALA E 121 56.98 -58.47 -33.66
N CYS E 122 58.03 -57.65 -33.65
CA CYS E 122 57.88 -56.22 -33.85
C CYS E 122 59.15 -55.67 -34.48
N GLY E 123 59.05 -54.45 -34.99
CA GLY E 123 60.19 -53.81 -35.61
C GLY E 123 59.80 -52.48 -36.23
N GLY E 124 60.82 -51.72 -36.59
CA GLY E 124 60.60 -50.39 -37.14
C GLY E 124 61.86 -49.67 -37.55
N LEU E 125 61.96 -48.39 -37.17
CA LEU E 125 63.08 -47.55 -37.56
C LEU E 125 64.38 -47.92 -36.85
N ASP E 126 64.36 -48.85 -35.90
CA ASP E 126 65.56 -49.31 -35.23
C ASP E 126 66.35 -50.33 -36.04
N ASN E 127 65.75 -50.90 -37.10
CA ASN E 127 66.41 -51.88 -37.97
C ASN E 127 66.70 -53.19 -37.23
N ILE E 128 65.85 -53.53 -36.28
CA ILE E 128 65.92 -54.82 -35.58
C ILE E 128 64.52 -55.42 -35.54
N CYS E 129 64.44 -56.73 -35.72
CA CYS E 129 63.19 -57.47 -35.57
C CYS E 129 63.22 -58.21 -34.24
N SER E 130 62.37 -57.80 -33.31
CA SER E 130 62.35 -58.34 -31.96
C SER E 130 61.27 -59.40 -31.85
N ILE E 131 61.64 -60.57 -31.33
CA ILE E 131 60.74 -61.70 -31.13
C ILE E 131 60.55 -61.91 -29.64
N TYR E 132 59.30 -61.89 -29.20
CA TYR E 132 58.93 -62.03 -27.79
C TYR E 132 58.17 -63.34 -27.59
N ASN E 133 58.41 -63.97 -26.45
CA ASN E 133 57.77 -65.23 -26.09
C ASN E 133 56.63 -64.97 -25.12
N LEU E 134 55.46 -65.53 -25.41
CA LEU E 134 54.27 -65.31 -24.60
C LEU E 134 54.06 -66.34 -23.52
N LYS E 135 54.49 -67.59 -23.74
CA LYS E 135 54.31 -68.67 -22.78
C LYS E 135 55.62 -68.85 -22.01
N THR E 136 55.57 -68.59 -20.70
CA THR E 136 56.76 -68.64 -19.87
C THR E 136 56.36 -69.06 -18.45
N ARG E 137 57.32 -69.59 -17.71
CA ARG E 137 57.09 -70.10 -16.37
C ARG E 137 57.12 -69.04 -15.27
N GLU E 138 57.64 -67.85 -15.55
CA GLU E 138 57.57 -66.75 -14.59
C GLU E 138 56.38 -65.84 -14.84
N GLY E 139 55.49 -66.21 -15.76
CA GLY E 139 54.26 -65.47 -15.97
C GLY E 139 54.46 -64.06 -16.47
N ASN E 140 55.45 -63.86 -17.34
CA ASN E 140 55.70 -62.55 -17.92
C ASN E 140 56.23 -62.74 -19.33
N VAL E 141 56.08 -61.70 -20.14
CA VAL E 141 56.58 -61.71 -21.51
C VAL E 141 57.98 -61.11 -21.50
N ARG E 142 58.94 -61.84 -22.06
CA ARG E 142 60.32 -61.40 -22.10
C ARG E 142 60.87 -61.62 -23.51
N VAL E 143 61.89 -60.85 -23.86
CA VAL E 143 62.44 -60.89 -25.21
C VAL E 143 63.12 -62.23 -25.45
N SER E 144 62.74 -62.90 -26.54
CA SER E 144 63.40 -64.13 -26.96
C SER E 144 64.54 -63.88 -27.94
N ARG E 145 64.40 -62.91 -28.83
CA ARG E 145 65.48 -62.64 -29.77
C ARG E 145 65.40 -61.21 -30.30
N GLU E 146 66.54 -60.72 -30.80
CA GLU E 146 66.62 -59.45 -31.50
C GLU E 146 67.41 -59.67 -32.79
N LEU E 147 66.72 -60.04 -33.87
CA LEU E 147 67.36 -60.26 -35.15
C LEU E 147 67.83 -58.94 -35.75
N ALA E 148 69.13 -58.86 -36.03
CA ALA E 148 69.75 -57.69 -36.63
C ALA E 148 70.47 -58.11 -37.90
N GLY E 149 70.72 -57.14 -38.78
CA GLY E 149 71.33 -57.44 -40.05
C GLY E 149 70.74 -56.69 -41.23
N HIS E 150 69.80 -55.79 -40.96
CA HIS E 150 69.22 -54.93 -41.98
C HIS E 150 69.86 -53.55 -41.92
N THR E 151 69.94 -52.90 -43.08
CA THR E 151 70.52 -51.58 -43.21
C THR E 151 69.48 -50.46 -43.17
N GLY E 152 68.21 -50.79 -43.42
CA GLY E 152 67.16 -49.80 -43.40
C GLY E 152 66.04 -50.21 -42.46
N TYR E 153 65.01 -49.37 -42.42
CA TYR E 153 63.88 -49.60 -41.53
C TYR E 153 63.12 -50.86 -41.94
N LEU E 154 62.56 -51.54 -40.94
CA LEU E 154 61.77 -52.75 -41.16
C LEU E 154 60.34 -52.36 -41.53
N SER E 155 59.82 -52.95 -42.60
CA SER E 155 58.48 -52.63 -43.09
C SER E 155 57.44 -53.69 -42.74
N CYS E 156 57.78 -54.97 -42.88
CA CYS E 156 56.82 -56.03 -42.63
C CYS E 156 57.55 -57.29 -42.19
N CYS E 157 56.82 -58.18 -41.52
CA CYS E 157 57.36 -59.44 -41.06
C CYS E 157 56.23 -60.45 -40.91
N ARG E 158 56.50 -61.70 -41.26
CA ARG E 158 55.49 -62.76 -41.19
C ARG E 158 56.15 -64.06 -40.77
N PHE E 159 55.54 -64.76 -39.83
CA PHE E 159 56.01 -66.07 -39.41
C PHE E 159 55.65 -67.14 -40.43
N LEU E 160 56.51 -68.14 -40.53
CA LEU E 160 56.18 -69.41 -41.16
C LEU E 160 55.88 -70.50 -40.15
N ASP E 161 56.79 -70.72 -39.21
CA ASP E 161 56.56 -71.58 -38.07
C ASP E 161 57.27 -70.97 -36.87
N ASP E 162 57.48 -71.76 -35.83
CA ASP E 162 58.18 -71.29 -34.64
C ASP E 162 59.68 -71.11 -34.86
N ASN E 163 60.21 -71.49 -36.02
CA ASN E 163 61.66 -71.45 -36.26
C ASN E 163 62.08 -70.42 -37.29
N GLN E 164 61.21 -70.01 -38.21
CA GLN E 164 61.62 -69.20 -39.35
C GLN E 164 60.74 -67.97 -39.47
N ILE E 165 61.30 -66.88 -39.98
CA ILE E 165 60.55 -65.65 -40.18
C ILE E 165 61.09 -64.89 -41.39
N VAL E 166 60.18 -64.25 -42.13
CA VAL E 166 60.55 -63.42 -43.28
C VAL E 166 60.29 -61.97 -42.94
N THR E 167 61.28 -61.13 -43.26
CA THR E 167 61.17 -59.69 -43.06
C THR E 167 61.49 -58.98 -44.37
N SER E 168 60.98 -57.76 -44.50
CA SER E 168 61.33 -56.89 -45.61
C SER E 168 61.75 -55.55 -45.03
N SER E 169 62.76 -54.92 -45.62
CA SER E 169 63.26 -53.68 -45.05
C SER E 169 63.60 -52.67 -46.13
N GLY E 170 63.89 -51.45 -45.69
CA GLY E 170 64.15 -50.33 -46.58
C GLY E 170 65.51 -50.33 -47.24
N ASP E 171 66.32 -51.36 -47.02
CA ASP E 171 67.55 -51.51 -47.77
C ASP E 171 67.32 -52.17 -49.12
N THR E 172 66.08 -52.11 -49.62
CA THR E 172 65.69 -52.75 -50.87
C THR E 172 65.96 -54.25 -50.82
N THR E 173 65.57 -54.88 -49.71
CA THR E 173 65.92 -56.27 -49.48
C THR E 173 64.84 -56.96 -48.67
N CYS E 174 64.75 -58.28 -48.85
CA CYS E 174 63.96 -59.16 -48.02
C CYS E 174 64.88 -60.24 -47.45
N ALA E 175 64.46 -60.83 -46.33
CA ALA E 175 65.33 -61.76 -45.62
C ALA E 175 64.51 -62.87 -44.98
N LEU E 176 65.10 -64.06 -44.92
CA LEU E 176 64.57 -65.20 -44.20
C LEU E 176 65.55 -65.60 -43.09
N TRP E 177 65.04 -65.62 -41.86
CA TRP E 177 65.82 -65.80 -40.65
C TRP E 177 65.42 -67.07 -39.93
N ASP E 178 66.43 -67.77 -39.41
CA ASP E 178 66.28 -68.81 -38.41
C ASP E 178 66.37 -68.16 -37.03
N ILE E 179 65.81 -68.79 -36.01
CA ILE E 179 65.68 -68.11 -34.72
C ILE E 179 66.55 -68.72 -33.63
N GLU E 180 66.65 -70.04 -33.51
CA GLU E 180 67.53 -70.59 -32.48
C GLU E 180 68.99 -70.29 -32.76
N THR E 181 69.32 -69.88 -33.98
CA THR E 181 70.64 -69.34 -34.31
C THR E 181 70.62 -67.84 -34.56
N GLY E 182 69.47 -67.27 -34.91
CA GLY E 182 69.36 -65.84 -35.11
C GLY E 182 70.25 -65.31 -36.23
N GLN E 183 70.30 -66.04 -37.34
CA GLN E 183 71.18 -65.69 -38.45
C GLN E 183 70.37 -65.59 -39.73
N GLN E 184 70.88 -64.76 -40.65
CA GLN E 184 70.22 -64.52 -41.94
C GLN E 184 70.38 -65.76 -42.80
N THR E 185 69.35 -66.59 -42.85
CA THR E 185 69.43 -67.81 -43.65
C THR E 185 69.44 -67.50 -45.14
N THR E 186 68.52 -66.65 -45.59
CA THR E 186 68.42 -66.37 -47.03
C THR E 186 68.18 -64.88 -47.23
N THR E 187 68.64 -64.38 -48.38
CA THR E 187 68.52 -62.97 -48.72
C THR E 187 67.94 -62.84 -50.12
N PHE E 188 66.92 -62.01 -50.26
CA PHE E 188 66.26 -61.75 -51.54
C PHE E 188 66.52 -60.31 -51.94
N THR E 189 67.21 -60.14 -53.08
CA THR E 189 67.50 -58.84 -53.66
C THR E 189 66.94 -58.80 -55.08
N GLY E 190 66.85 -57.59 -55.63
CA GLY E 190 66.37 -57.42 -56.98
C GLY E 190 65.52 -56.18 -57.16
N HIS E 191 65.08 -55.60 -56.05
CA HIS E 191 64.30 -54.37 -56.09
C HIS E 191 65.22 -53.16 -56.17
N THR E 192 64.66 -52.04 -56.62
CA THR E 192 65.39 -50.78 -56.72
C THR E 192 64.88 -49.74 -55.72
N GLY E 193 63.75 -50.00 -55.08
CA GLY E 193 63.19 -49.08 -54.12
C GLY E 193 62.84 -49.81 -52.83
N ASP E 194 62.45 -49.03 -51.83
CA ASP E 194 62.13 -49.58 -50.52
C ASP E 194 60.98 -50.57 -50.63
N VAL E 195 61.16 -51.74 -50.03
CA VAL E 195 60.12 -52.76 -49.99
C VAL E 195 59.17 -52.43 -48.85
N MET E 196 57.87 -52.37 -49.14
CA MET E 196 56.91 -51.90 -48.14
C MET E 196 56.02 -52.99 -47.57
N SER E 197 55.78 -54.07 -48.28
CA SER E 197 54.86 -55.10 -47.81
C SER E 197 55.27 -56.46 -48.36
N LEU E 198 54.71 -57.50 -47.75
CA LEU E 198 54.87 -58.88 -48.22
C LEU E 198 53.70 -59.69 -47.69
N SER E 199 53.39 -60.78 -48.38
CA SER E 199 52.28 -61.64 -48.01
C SER E 199 52.64 -63.09 -48.32
N LEU E 200 52.48 -63.96 -47.34
CA LEU E 200 52.80 -65.37 -47.48
C LEU E 200 51.65 -66.10 -48.18
N ALA E 201 52.00 -66.97 -49.12
CA ALA E 201 51.00 -67.84 -49.73
C ALA E 201 50.49 -68.85 -48.71
N PRO E 202 49.27 -69.34 -48.89
CA PRO E 202 48.73 -70.31 -47.91
C PRO E 202 49.56 -71.57 -47.78
N ASP E 203 50.24 -72.00 -48.82
CA ASP E 203 51.12 -73.17 -48.75
C ASP E 203 52.49 -72.85 -48.19
N THR E 204 52.71 -71.62 -47.72
CA THR E 204 53.95 -71.10 -47.15
C THR E 204 55.19 -71.59 -47.88
N ARG E 205 55.13 -71.65 -49.21
CA ARG E 205 56.30 -71.97 -50.03
C ARG E 205 56.67 -70.84 -50.98
N LEU E 206 55.79 -69.88 -51.21
CA LEU E 206 56.08 -68.72 -52.04
C LEU E 206 55.51 -67.49 -51.36
N PHE E 207 56.04 -66.33 -51.71
CA PHE E 207 55.47 -65.07 -51.23
C PHE E 207 55.67 -63.98 -52.28
N VAL E 208 55.03 -62.84 -52.05
CA VAL E 208 55.13 -61.70 -52.96
C VAL E 208 55.52 -60.48 -52.16
N SER E 209 56.13 -59.52 -52.85
CA SER E 209 56.55 -58.28 -52.23
C SER E 209 56.30 -57.13 -53.19
N GLY E 210 56.07 -55.95 -52.63
CA GLY E 210 55.90 -54.74 -53.42
C GLY E 210 56.82 -53.66 -52.93
N ALA E 211 57.34 -52.86 -53.87
CA ALA E 211 58.33 -51.86 -53.52
C ALA E 211 57.96 -50.51 -54.12
N CYS E 212 58.72 -49.48 -53.73
CA CYS E 212 58.51 -48.12 -54.19
C CYS E 212 58.91 -47.93 -55.65
N ASP E 213 59.56 -48.91 -56.27
CA ASP E 213 59.86 -48.85 -57.69
C ASP E 213 58.65 -49.17 -58.55
N ALA E 214 57.44 -49.15 -57.98
CA ALA E 214 56.20 -49.44 -58.68
C ALA E 214 56.18 -50.84 -59.26
N SER E 215 56.67 -51.81 -58.50
CA SER E 215 56.73 -53.20 -58.95
C SER E 215 56.45 -54.14 -57.80
N ALA E 216 56.08 -55.37 -58.17
CA ALA E 216 55.91 -56.47 -57.24
C ALA E 216 56.66 -57.68 -57.78
N LYS E 217 57.17 -58.51 -56.88
CA LYS E 217 57.96 -59.66 -57.25
C LYS E 217 57.49 -60.90 -56.49
N LEU E 218 57.60 -62.05 -57.14
CA LEU E 218 57.25 -63.33 -56.56
C LEU E 218 58.53 -64.10 -56.22
N TRP E 219 58.64 -64.54 -54.97
CA TRP E 219 59.82 -65.22 -54.48
C TRP E 219 59.45 -66.62 -53.98
N ASP E 220 60.38 -67.55 -54.20
CA ASP E 220 60.29 -68.90 -53.68
C ASP E 220 61.19 -68.96 -52.46
N VAL E 221 60.66 -69.48 -51.35
CA VAL E 221 61.41 -69.48 -50.09
C VAL E 221 62.58 -70.44 -50.15
N ARG E 222 62.38 -71.61 -50.77
CA ARG E 222 63.46 -72.59 -50.84
C ARG E 222 64.64 -72.06 -51.65
N GLU E 223 64.42 -71.80 -52.94
CA GLU E 223 65.50 -71.41 -53.84
C GLU E 223 66.14 -70.08 -53.42
N GLY E 224 65.36 -69.00 -53.46
CA GLY E 224 65.89 -67.71 -53.02
C GLY E 224 66.13 -66.73 -54.15
N MET E 225 65.38 -66.89 -55.25
CA MET E 225 65.53 -66.02 -56.41
C MET E 225 64.13 -65.71 -56.94
N CYS E 226 63.99 -64.55 -57.57
CA CYS E 226 62.70 -64.15 -58.12
C CYS E 226 62.32 -65.03 -59.29
N ARG E 227 61.02 -65.31 -59.41
CA ARG E 227 60.47 -66.05 -60.54
C ARG E 227 59.65 -65.20 -61.48
N GLN E 228 58.74 -64.38 -60.97
CA GLN E 228 57.91 -63.52 -61.80
C GLN E 228 57.91 -62.11 -61.24
N THR E 229 57.80 -61.14 -62.14
CA THR E 229 57.75 -59.73 -61.79
C THR E 229 56.50 -59.12 -62.40
N PHE E 230 55.66 -58.52 -61.56
CA PHE E 230 54.41 -57.89 -62.00
C PHE E 230 54.55 -56.37 -61.90
N THR E 231 54.24 -55.69 -62.99
CA THR E 231 54.36 -54.25 -63.09
C THR E 231 53.08 -53.68 -63.69
N GLY E 232 52.93 -52.36 -63.57
CA GLY E 232 51.76 -51.69 -64.09
C GLY E 232 51.32 -50.54 -63.23
N HIS E 233 51.81 -50.48 -61.99
CA HIS E 233 51.54 -49.35 -61.12
C HIS E 233 52.45 -48.19 -61.48
N GLU E 234 51.99 -46.98 -61.20
CA GLU E 234 52.77 -45.77 -61.46
C GLU E 234 53.31 -45.12 -60.20
N SER E 235 53.18 -45.77 -59.04
CA SER E 235 53.75 -45.24 -57.80
C SER E 235 54.08 -46.37 -56.84
N ASP E 236 54.43 -46.02 -55.60
CA ASP E 236 54.86 -46.98 -54.60
C ASP E 236 53.70 -47.88 -54.21
N ILE E 237 54.02 -49.13 -53.89
CA ILE E 237 53.02 -50.09 -53.43
C ILE E 237 53.15 -50.18 -51.91
N ASN E 238 52.08 -49.82 -51.21
CA ASN E 238 52.10 -49.77 -49.75
C ASN E 238 51.56 -51.04 -49.09
N ALA E 239 50.76 -51.82 -49.79
CA ALA E 239 50.18 -53.02 -49.21
C ALA E 239 50.04 -54.09 -50.28
N ILE E 240 50.06 -55.35 -49.84
CA ILE E 240 49.88 -56.49 -50.74
C ILE E 240 49.16 -57.58 -49.96
N CYS E 241 48.28 -58.30 -50.66
CA CYS E 241 47.54 -59.40 -50.08
C CYS E 241 47.67 -60.59 -51.02
N PHE E 242 46.99 -61.68 -50.68
CA PHE E 242 47.03 -62.90 -51.48
C PHE E 242 45.64 -63.49 -51.58
N PHE E 243 45.27 -63.92 -52.78
CA PHE E 243 43.97 -64.55 -52.99
C PHE E 243 43.90 -65.85 -52.20
N PRO E 244 42.73 -66.18 -51.64
CA PRO E 244 42.62 -67.40 -50.82
C PRO E 244 43.00 -68.68 -51.55
N ASN E 245 42.75 -68.76 -52.86
CA ASN E 245 43.13 -69.94 -53.61
C ASN E 245 44.65 -70.10 -53.61
N GLY E 246 45.37 -69.04 -53.95
CA GLY E 246 46.82 -69.10 -53.97
C GLY E 246 47.42 -68.91 -55.34
N ASN E 247 46.61 -68.42 -56.30
CA ASN E 247 47.04 -68.25 -57.67
C ASN E 247 46.95 -66.81 -58.15
N ALA E 248 46.63 -65.86 -57.27
CA ALA E 248 46.53 -64.46 -57.64
C ALA E 248 46.74 -63.61 -56.39
N PHE E 249 46.89 -62.31 -56.61
CA PHE E 249 47.09 -61.39 -55.50
C PHE E 249 46.60 -60.01 -55.88
N ALA E 250 46.48 -59.15 -54.87
CA ALA E 250 46.00 -57.78 -55.05
C ALA E 250 46.99 -56.80 -54.43
N THR E 251 47.00 -55.58 -54.97
CA THR E 251 47.97 -54.58 -54.56
C THR E 251 47.27 -53.26 -54.25
N GLY E 252 48.02 -52.35 -53.65
CA GLY E 252 47.52 -51.01 -53.38
C GLY E 252 48.65 -50.01 -53.46
N SER E 253 48.38 -48.88 -54.11
CA SER E 253 49.42 -47.91 -54.43
C SER E 253 48.99 -46.52 -53.98
N ASP E 254 49.87 -45.54 -54.21
CA ASP E 254 49.65 -44.17 -53.77
C ASP E 254 48.83 -43.34 -54.74
N ASP E 255 48.61 -43.82 -55.96
CA ASP E 255 47.82 -43.09 -56.95
C ASP E 255 46.35 -43.49 -56.92
N ALA E 256 45.84 -43.96 -55.78
CA ALA E 256 44.42 -44.18 -55.55
C ALA E 256 43.85 -45.29 -56.44
N THR E 257 44.60 -46.36 -56.66
CA THR E 257 44.10 -47.51 -57.41
C THR E 257 44.62 -48.80 -56.80
N CYS E 258 43.86 -49.87 -57.01
CA CYS E 258 44.25 -51.22 -56.63
C CYS E 258 44.17 -52.11 -57.86
N ARG E 259 45.04 -53.12 -57.92
CA ARG E 259 45.07 -54.00 -59.08
C ARG E 259 45.16 -55.45 -58.65
N LEU E 260 44.62 -56.33 -59.49
CA LEU E 260 44.64 -57.77 -59.26
C LEU E 260 45.52 -58.42 -60.32
N PHE E 261 46.52 -59.17 -59.86
CA PHE E 261 47.48 -59.83 -60.74
C PHE E 261 47.37 -61.34 -60.59
N ASP E 262 47.32 -62.05 -61.71
CA ASP E 262 47.28 -63.50 -61.71
C ASP E 262 48.69 -64.06 -61.92
N LEU E 263 48.93 -65.23 -61.34
CA LEU E 263 50.24 -65.85 -61.43
C LEU E 263 50.44 -66.56 -62.77
N ARG E 264 49.46 -67.33 -63.20
CA ARG E 264 49.63 -68.14 -64.41
C ARG E 264 49.66 -67.28 -65.66
N ALA E 265 48.73 -66.36 -65.79
CA ALA E 265 48.70 -65.47 -66.96
C ALA E 265 49.81 -64.43 -66.94
N ASP E 266 50.42 -64.18 -65.77
CA ASP E 266 51.53 -63.24 -65.62
C ASP E 266 51.17 -61.85 -66.15
N GLN E 267 49.96 -61.40 -65.79
CA GLN E 267 49.50 -60.07 -66.15
C GLN E 267 48.32 -59.73 -65.25
N GLU E 268 48.00 -58.44 -65.19
CA GLU E 268 46.88 -57.98 -64.39
C GLU E 268 45.57 -58.38 -65.03
N LEU E 269 44.55 -58.58 -64.20
CA LEU E 269 43.21 -58.88 -64.67
C LEU E 269 42.20 -57.77 -64.42
N MET E 270 42.41 -56.93 -63.41
CA MET E 270 41.35 -56.02 -63.00
C MET E 270 41.93 -54.86 -62.21
N THR E 271 41.30 -53.69 -62.35
CA THR E 271 41.70 -52.46 -61.67
C THR E 271 40.49 -51.83 -60.97
N TYR E 272 40.70 -51.39 -59.73
CA TYR E 272 39.64 -50.86 -58.87
C TYR E 272 39.92 -49.38 -58.63
N SER E 273 39.28 -48.52 -59.42
CA SER E 273 39.46 -47.08 -59.27
C SER E 273 38.13 -46.37 -59.47
N HIS E 274 38.03 -45.18 -58.88
CA HIS E 274 36.86 -44.33 -59.04
C HIS E 274 37.31 -42.87 -58.98
N ASP E 275 36.54 -41.99 -59.63
CA ASP E 275 36.95 -40.60 -59.77
C ASP E 275 37.04 -39.90 -58.41
N ASN E 276 36.07 -40.16 -57.53
CA ASN E 276 36.05 -39.47 -56.24
C ASN E 276 37.25 -39.83 -55.38
N ILE E 277 37.81 -41.03 -55.55
CA ILE E 277 38.94 -41.47 -54.75
C ILE E 277 40.22 -40.93 -55.37
N ILE E 278 40.92 -40.06 -54.63
CA ILE E 278 42.14 -39.45 -55.12
C ILE E 278 43.26 -39.60 -54.09
N CYS E 279 43.06 -40.51 -53.13
CA CYS E 279 44.01 -40.72 -52.05
C CYS E 279 44.52 -42.16 -52.06
N GLY E 280 45.73 -42.33 -51.54
CA GLY E 280 46.40 -43.62 -51.60
C GLY E 280 45.79 -44.66 -50.69
N ILE E 281 46.18 -45.91 -50.94
CA ILE E 281 45.70 -47.07 -50.20
C ILE E 281 46.78 -47.51 -49.22
N THR E 282 46.39 -47.75 -47.97
CA THR E 282 47.33 -48.16 -46.94
C THR E 282 47.28 -49.67 -46.68
N SER E 283 46.11 -50.29 -46.81
CA SER E 283 45.96 -51.70 -46.50
C SER E 283 44.97 -52.33 -47.47
N VAL E 284 45.04 -53.66 -47.58
CA VAL E 284 44.21 -54.41 -48.51
C VAL E 284 44.05 -55.84 -47.98
N SER E 285 42.87 -56.41 -48.20
CA SER E 285 42.59 -57.78 -47.74
C SER E 285 41.43 -58.36 -48.54
N PHE E 286 41.32 -59.68 -48.46
CA PHE E 286 40.25 -60.44 -49.09
C PHE E 286 39.40 -61.11 -48.02
N SER E 287 38.20 -61.51 -48.42
CA SER E 287 37.29 -62.24 -47.54
C SER E 287 37.60 -63.73 -47.62
N LYS E 288 36.78 -64.56 -46.96
CA LYS E 288 37.01 -65.99 -46.97
C LYS E 288 36.73 -66.59 -48.34
N SER E 289 35.59 -66.23 -48.94
CA SER E 289 35.30 -66.73 -50.29
C SER E 289 36.23 -66.10 -51.31
N GLY E 290 36.58 -64.83 -51.14
CA GLY E 290 37.48 -64.14 -52.04
C GLY E 290 36.82 -63.18 -53.00
N ARG E 291 35.52 -62.96 -52.89
CA ARG E 291 34.82 -62.04 -53.78
C ARG E 291 34.66 -60.64 -53.19
N LEU E 292 35.18 -60.41 -51.98
CA LEU E 292 35.13 -59.11 -51.34
C LEU E 292 36.55 -58.62 -51.12
N LEU E 293 36.87 -57.42 -51.61
CA LEU E 293 38.19 -56.83 -51.47
C LEU E 293 38.06 -55.56 -50.63
N LEU E 294 38.61 -55.58 -49.42
CA LEU E 294 38.52 -54.45 -48.52
C LEU E 294 39.84 -53.69 -48.52
N ALA E 295 39.77 -52.37 -48.72
CA ALA E 295 40.97 -51.56 -48.82
C ALA E 295 40.78 -50.26 -48.03
N GLY E 296 41.72 -49.99 -47.14
CA GLY E 296 41.73 -48.71 -46.45
C GLY E 296 42.28 -47.61 -47.32
N TYR E 297 42.05 -46.36 -46.89
CA TYR E 297 42.46 -45.21 -47.66
C TYR E 297 42.96 -44.13 -46.72
N ASP E 298 43.44 -43.02 -47.31
CA ASP E 298 43.93 -41.87 -46.56
C ASP E 298 42.85 -40.83 -46.32
N ASP E 299 41.65 -41.04 -46.85
CA ASP E 299 40.51 -40.16 -46.62
C ASP E 299 39.68 -40.58 -45.42
N PHE E 300 40.26 -41.37 -44.50
CA PHE E 300 39.62 -41.80 -43.27
C PHE E 300 38.46 -42.73 -43.58
N ASN E 301 38.66 -43.65 -44.53
CA ASN E 301 37.59 -44.52 -44.97
C ASN E 301 38.17 -45.87 -45.40
N CYS E 302 37.30 -46.88 -45.42
CA CYS E 302 37.62 -48.20 -45.96
C CYS E 302 36.54 -48.57 -46.96
N ASN E 303 36.96 -48.98 -48.15
CA ASN E 303 36.04 -49.29 -49.24
C ASN E 303 36.05 -50.79 -49.52
N VAL E 304 34.87 -51.34 -49.77
CA VAL E 304 34.69 -52.76 -50.06
C VAL E 304 34.28 -52.89 -51.52
N TRP E 305 35.17 -53.44 -52.33
CA TRP E 305 34.92 -53.69 -53.75
C TRP E 305 34.49 -55.13 -53.97
N ASP E 306 33.74 -55.34 -55.04
CA ASP E 306 33.44 -56.68 -55.55
C ASP E 306 34.66 -57.12 -56.34
N ALA E 307 35.28 -58.22 -55.91
CA ALA E 307 36.57 -58.61 -56.48
C ALA E 307 36.48 -59.03 -57.94
N LEU E 308 35.26 -59.21 -58.45
CA LEU E 308 35.07 -59.69 -59.82
C LEU E 308 34.44 -58.67 -60.76
N LYS E 309 33.78 -57.63 -60.24
CA LYS E 309 32.98 -56.76 -61.08
C LYS E 309 33.24 -55.27 -60.94
N ALA E 310 34.08 -54.84 -59.99
CA ALA E 310 34.41 -53.43 -59.78
C ALA E 310 33.15 -52.60 -59.48
N ASP E 311 32.52 -52.93 -58.36
CA ASP E 311 31.36 -52.17 -57.88
C ASP E 311 31.51 -52.03 -56.38
N ARG E 312 31.67 -50.79 -55.91
CA ARG E 312 31.76 -50.55 -54.47
C ARG E 312 30.48 -51.01 -53.78
N ALA E 313 30.60 -52.07 -52.99
CA ALA E 313 29.47 -52.67 -52.31
C ALA E 313 29.20 -52.06 -50.94
N GLY E 314 29.98 -51.07 -50.54
CA GLY E 314 29.77 -50.42 -49.27
C GLY E 314 31.01 -49.69 -48.81
N VAL E 315 30.87 -49.02 -47.68
CA VAL E 315 31.97 -48.30 -47.04
C VAL E 315 31.96 -48.62 -45.56
N LEU E 316 33.09 -48.36 -44.91
CA LEU E 316 33.24 -48.51 -43.47
C LEU E 316 33.72 -47.18 -42.91
N ALA E 317 32.76 -46.28 -42.63
CA ALA E 317 33.07 -44.98 -42.07
C ALA E 317 32.88 -45.02 -40.55
N GLY E 318 33.62 -44.15 -39.87
CA GLY E 318 33.62 -44.16 -38.42
C GLY E 318 34.98 -44.04 -37.80
N HIS E 319 35.98 -43.72 -38.61
CA HIS E 319 37.31 -43.39 -38.13
C HIS E 319 37.59 -41.92 -38.40
N ASP E 320 38.19 -41.26 -37.41
CA ASP E 320 38.44 -39.82 -37.47
C ASP E 320 39.82 -39.48 -38.03
N ASN E 321 40.57 -40.48 -38.48
CA ASN E 321 41.90 -40.23 -39.04
C ASN E 321 42.22 -41.36 -40.02
N ARG E 322 43.47 -41.38 -40.47
CA ARG E 322 43.90 -42.35 -41.48
C ARG E 322 43.71 -43.78 -41.00
N VAL E 323 43.23 -44.63 -41.91
CA VAL E 323 43.14 -46.05 -41.64
C VAL E 323 44.47 -46.69 -42.02
N SER E 324 45.18 -47.22 -41.02
CA SER E 324 46.53 -47.72 -41.24
C SER E 324 46.58 -49.23 -41.45
N CYS E 325 45.86 -49.99 -40.63
CA CYS E 325 45.95 -51.44 -40.67
C CYS E 325 44.56 -52.05 -40.77
N LEU E 326 44.48 -53.15 -41.50
CA LEU E 326 43.21 -53.79 -41.84
C LEU E 326 43.43 -55.30 -41.86
N GLY E 327 42.48 -56.05 -41.30
CA GLY E 327 42.63 -57.48 -41.24
C GLY E 327 41.34 -58.27 -41.18
N VAL E 328 41.27 -59.35 -41.95
CA VAL E 328 40.10 -60.22 -42.02
C VAL E 328 40.42 -61.53 -41.30
N THR E 329 39.47 -62.01 -40.50
CA THR E 329 39.69 -63.18 -39.67
C THR E 329 39.70 -64.45 -40.52
N ASP E 330 40.34 -65.49 -39.98
CA ASP E 330 40.50 -66.74 -40.72
C ASP E 330 39.15 -67.41 -41.00
N ASP E 331 38.27 -67.45 -40.00
CA ASP E 331 36.95 -68.02 -40.22
C ASP E 331 36.04 -67.08 -40.98
N GLY E 332 36.48 -65.85 -41.22
CA GLY E 332 35.70 -64.88 -41.95
C GLY E 332 34.60 -64.22 -41.15
N MET E 333 34.65 -64.28 -39.82
CA MET E 333 33.56 -63.75 -39.01
C MET E 333 33.57 -62.23 -38.96
N ALA E 334 34.76 -61.62 -38.85
CA ALA E 334 34.83 -60.20 -38.60
C ALA E 334 36.03 -59.58 -39.30
N VAL E 335 35.95 -58.26 -39.48
CA VAL E 335 37.03 -57.46 -40.01
C VAL E 335 37.44 -56.45 -38.95
N ALA E 336 38.75 -56.22 -38.83
CA ALA E 336 39.29 -55.30 -37.84
C ALA E 336 40.09 -54.21 -38.52
N THR E 337 39.89 -52.98 -38.08
CA THR E 337 40.59 -51.82 -38.61
C THR E 337 41.25 -51.05 -37.48
N GLY E 338 42.37 -50.42 -37.79
CA GLY E 338 43.05 -49.57 -36.83
C GLY E 338 43.40 -48.25 -37.46
N SER E 339 43.31 -47.18 -36.66
CA SER E 339 43.47 -45.86 -37.24
C SER E 339 44.45 -45.04 -36.41
N TRP E 340 44.88 -43.91 -36.99
CA TRP E 340 45.81 -42.99 -36.35
C TRP E 340 45.15 -42.27 -35.17
N ASP E 341 43.82 -42.36 -35.06
CA ASP E 341 43.10 -41.75 -33.95
C ASP E 341 43.17 -42.59 -32.68
N SER E 342 44.10 -43.55 -32.60
CA SER E 342 44.28 -44.41 -31.44
C SER E 342 43.04 -45.25 -31.17
N PHE E 343 42.52 -45.90 -32.21
CA PHE E 343 41.35 -46.75 -32.05
C PHE E 343 41.39 -47.92 -33.01
N LEU E 344 40.97 -49.08 -32.49
CA LEU E 344 40.72 -50.29 -33.27
C LEU E 344 39.23 -50.58 -33.21
N LYS E 345 38.68 -51.01 -34.34
CA LYS E 345 37.25 -51.29 -34.44
C LYS E 345 37.01 -52.61 -35.17
N ILE E 346 35.92 -53.27 -34.80
CA ILE E 346 35.48 -54.53 -35.41
C ILE E 346 34.19 -54.26 -36.16
N TRP E 347 34.14 -54.66 -37.43
CA TRP E 347 33.00 -54.44 -38.32
C TRP E 347 32.53 -55.81 -38.82
N ASN E 348 31.47 -56.32 -38.22
CA ASN E 348 30.92 -57.60 -38.64
C ASN E 348 29.57 -57.30 -39.29
N ALA F 7 82.60 -53.11 -63.22
CA ALA F 7 81.72 -52.31 -62.38
C ALA F 7 80.29 -52.81 -62.43
N SER F 8 79.40 -52.04 -63.07
CA SER F 8 78.01 -52.41 -63.19
C SER F 8 77.76 -53.41 -64.31
N ILE F 9 78.82 -53.92 -64.95
CA ILE F 9 78.65 -54.93 -65.99
C ILE F 9 78.03 -56.19 -65.42
N ALA F 10 78.47 -56.59 -64.22
CA ALA F 10 77.89 -57.76 -63.56
C ALA F 10 76.40 -57.54 -63.29
N GLN F 11 76.00 -56.32 -62.95
CA GLN F 11 74.59 -56.02 -62.77
C GLN F 11 73.83 -56.21 -64.07
N ALA F 12 74.41 -55.79 -65.20
CA ALA F 12 73.77 -55.99 -66.49
C ALA F 12 73.65 -57.48 -66.81
N ARG F 13 74.69 -58.26 -66.52
CA ARG F 13 74.61 -59.70 -66.74
C ARG F 13 73.52 -60.33 -65.87
N LYS F 14 73.41 -59.90 -64.62
CA LYS F 14 72.37 -60.40 -63.74
C LYS F 14 70.98 -60.06 -64.28
N LEU F 15 70.80 -58.83 -64.76
CA LEU F 15 69.53 -58.43 -65.33
C LEU F 15 69.18 -59.26 -66.55
N VAL F 16 70.15 -59.48 -67.43
CA VAL F 16 69.91 -60.29 -68.63
C VAL F 16 69.54 -61.71 -68.26
N GLU F 17 70.27 -62.30 -67.30
CA GLU F 17 69.98 -63.66 -66.89
C GLU F 17 68.59 -63.78 -66.27
N GLN F 18 68.22 -62.81 -65.42
CA GLN F 18 66.89 -62.85 -64.81
C GLN F 18 65.79 -62.70 -65.85
N LEU F 19 65.99 -61.80 -66.82
CA LEU F 19 65.00 -61.63 -67.88
C LEU F 19 64.86 -62.90 -68.72
N LYS F 20 66.00 -63.55 -69.02
CA LYS F 20 65.95 -64.81 -69.75
C LYS F 20 65.18 -65.87 -68.97
N MET F 21 65.43 -65.95 -67.66
CA MET F 21 64.74 -66.94 -66.84
C MET F 21 63.24 -66.66 -66.79
N GLU F 22 62.87 -65.39 -66.64
CA GLU F 22 61.45 -65.04 -66.55
C GLU F 22 60.74 -65.26 -67.88
N ALA F 23 61.44 -65.07 -69.00
CA ALA F 23 60.80 -65.22 -70.31
C ALA F 23 60.46 -66.68 -70.60
N ASN F 24 61.26 -67.60 -70.10
CA ASN F 24 61.09 -69.02 -70.41
C ASN F 24 59.87 -69.64 -69.74
N ILE F 25 59.22 -68.93 -68.81
CA ILE F 25 58.09 -69.51 -68.10
C ILE F 25 56.89 -69.66 -69.02
N ASP F 26 56.20 -70.78 -68.90
CA ASP F 26 54.96 -70.99 -69.64
C ASP F 26 53.84 -70.15 -69.03
N ARG F 27 52.87 -69.79 -69.88
CA ARG F 27 51.78 -68.91 -69.48
C ARG F 27 50.46 -69.51 -69.96
N ILE F 28 49.36 -69.00 -69.40
CA ILE F 28 48.01 -69.43 -69.76
C ILE F 28 47.21 -68.19 -70.14
N LYS F 29 46.16 -68.42 -70.93
CA LYS F 29 45.32 -67.33 -71.39
C LYS F 29 44.43 -66.80 -70.26
N VAL F 30 43.86 -65.63 -70.51
CA VAL F 30 43.06 -64.95 -69.49
C VAL F 30 41.82 -65.76 -69.13
N SER F 31 41.19 -66.37 -70.14
CA SER F 31 39.89 -67.02 -69.97
C SER F 31 39.92 -68.13 -68.92
N LYS F 32 40.91 -69.01 -68.99
CA LYS F 32 40.97 -70.14 -68.06
C LYS F 32 41.20 -69.66 -66.64
N ALA F 33 42.10 -68.69 -66.46
CA ALA F 33 42.37 -68.16 -65.13
C ALA F 33 41.15 -67.47 -64.55
N ALA F 34 40.45 -66.69 -65.38
CA ALA F 34 39.22 -66.04 -64.94
C ALA F 34 38.16 -67.07 -64.56
N ALA F 35 38.06 -68.14 -65.35
CA ALA F 35 37.09 -69.19 -65.04
C ALA F 35 37.43 -69.85 -63.71
N ASP F 36 38.71 -70.11 -63.46
CA ASP F 36 39.11 -70.71 -62.19
C ASP F 36 38.79 -69.80 -61.02
N LEU F 37 39.10 -68.50 -61.15
CA LEU F 37 38.78 -67.55 -60.09
C LEU F 37 37.29 -67.51 -59.82
N MET F 38 36.49 -67.45 -60.88
CA MET F 38 35.04 -67.40 -60.73
C MET F 38 34.50 -68.67 -60.09
N ALA F 39 35.03 -69.83 -60.51
CA ALA F 39 34.59 -71.10 -59.94
C ALA F 39 34.91 -71.18 -58.45
N TYR F 40 36.11 -70.72 -58.06
CA TYR F 40 36.45 -70.70 -56.64
C TYR F 40 35.53 -69.76 -55.88
N CYS F 41 35.22 -68.60 -56.46
CA CYS F 41 34.35 -67.65 -55.78
C CYS F 41 32.95 -68.22 -55.59
N GLU F 42 32.41 -68.89 -56.60
CA GLU F 42 31.07 -69.46 -56.48
C GLU F 42 31.07 -70.68 -55.56
N ALA F 43 32.18 -71.41 -55.50
CA ALA F 43 32.20 -72.65 -54.72
C ALA F 43 32.09 -72.37 -53.23
N HIS F 44 32.73 -71.29 -52.76
CA HIS F 44 32.75 -70.96 -51.34
C HIS F 44 31.81 -69.83 -50.98
N ALA F 45 30.71 -69.66 -51.72
CA ALA F 45 29.77 -68.57 -51.45
C ALA F 45 29.12 -68.74 -50.08
N LYS F 46 28.74 -69.97 -49.73
CA LYS F 46 28.06 -70.20 -48.46
C LYS F 46 29.04 -70.10 -47.29
N GLU F 47 30.29 -70.52 -47.50
CA GLU F 47 31.25 -70.56 -46.40
C GLU F 47 31.67 -69.16 -45.95
N ASP F 48 31.38 -68.14 -46.75
CA ASP F 48 31.77 -66.78 -46.38
C ASP F 48 30.70 -66.15 -45.49
N PRO F 49 31.04 -65.81 -44.24
CA PRO F 49 30.05 -65.16 -43.38
C PRO F 49 29.81 -63.70 -43.69
N LEU F 50 30.81 -63.00 -44.24
CA LEU F 50 30.68 -61.56 -44.48
C LEU F 50 29.96 -61.22 -45.77
N LEU F 51 29.78 -62.19 -46.66
CA LEU F 51 29.04 -61.94 -47.89
C LEU F 51 27.54 -62.07 -47.67
N THR F 52 27.12 -63.13 -46.98
CA THR F 52 25.73 -63.35 -46.60
C THR F 52 25.48 -62.71 -45.24
N PRO F 53 24.24 -62.65 -44.76
CA PRO F 53 24.01 -62.24 -43.37
C PRO F 53 24.43 -63.33 -42.40
N VAL F 54 24.57 -62.93 -41.13
CA VAL F 54 25.02 -63.84 -40.10
C VAL F 54 23.92 -63.96 -39.03
N PRO F 55 23.48 -65.18 -38.70
CA PRO F 55 22.49 -65.33 -37.64
C PRO F 55 23.07 -64.99 -36.27
N ALA F 56 22.16 -64.67 -35.34
CA ALA F 56 22.57 -64.26 -34.01
C ALA F 56 23.32 -65.37 -33.28
N SER F 57 22.86 -66.61 -33.43
CA SER F 57 23.51 -67.73 -32.75
C SER F 57 24.94 -67.92 -33.24
N GLU F 58 25.15 -67.84 -34.56
CA GLU F 58 26.49 -68.01 -35.11
C GLU F 58 27.40 -66.83 -34.74
N ASN F 59 26.84 -65.62 -34.74
CA ASN F 59 27.65 -64.42 -34.54
C ASN F 59 28.14 -64.33 -33.10
N PRO F 60 29.45 -64.29 -32.86
CA PRO F 60 29.95 -64.15 -31.49
C PRO F 60 30.01 -62.70 -31.04
N PHE F 61 30.11 -61.77 -32.00
CA PHE F 61 30.22 -60.37 -31.65
C PHE F 61 28.85 -59.72 -31.53
N ARG F 62 27.80 -60.42 -31.92
CA ARG F 62 26.43 -59.94 -31.77
C ARG F 62 26.05 -59.91 -30.29
N GLU F 63 26.62 -60.83 -29.51
CA GLU F 63 26.27 -60.95 -28.10
C GLU F 63 26.67 -59.70 -27.32
N LYS F 64 25.66 -58.96 -26.87
CA LYS F 64 25.85 -57.75 -26.06
C LYS F 64 26.79 -56.74 -26.72
#